data_5T88
#
_entry.id   5T88
#
_cell.length_a   55.535
_cell.length_b   176.757
_cell.length_c   57.901
_cell.angle_alpha   90.00
_cell.angle_beta   106.03
_cell.angle_gamma   90.00
#
_symmetry.space_group_name_H-M   'P 1 21 1'
#
loop_
_entity.id
_entity.type
_entity.pdbx_description
1 polymer 'Prolyl endopeptidase'
2 non-polymer 'CHLORIDE ION'
3 non-polymer 2-AMINO-2-HYDROXYMETHYL-PROPANE-1,3-DIOL
4 non-polymer PROLINE
5 water water
#
_entity_poly.entity_id   1
_entity_poly.type   'polypeptide(L)'
_entity_poly.pdbx_seq_one_letter_code
;MEDPYIWMENLEDERVLKIIEEENKRFREFIGELSDKLFPEVWEQFSQPTIGMARITKKGIIASYSEKDRVVIKWFNGDV
IVDSKELEREVGDEVLLQGFTTDEEGEKLAYSFSIGGADEGITRIIDLKTGEVIEEIKPSIWNITFLKDGYYFTRFYRKE
KTPDGVNPPAARMFWKDREGERMVFGEGLTSGYFMSIRKSSDGKFAIVTLTYGWNQGEVYIGPIDNPQEWKKVYSASVPV
EAIDVVNGKLYILTKEGKGLGKIIAIKNGKIDEVIPEGEFPLEWAVIVRDKILAGRLVHASYKLEVYTLNGEKIKEITFD
VPGSLYPLDKDEERVLLRYTSFTIPYRLYEFKDDLRLIEERKVEGEFRVEEDFATSKDGTKVHYFIVKGERDEKRAWVFG
YGGFNIALTPMFFPQVIPFLKRGGTFIMANLRGGSEYGEEWHRAGMRENKQNVFDDFIAVLEKLKKEGYKVAAWGRSNGG
LLVSATLTQRPDVMDSALIGYPVIDMLRFHKLYIGSVWIPEYGNPEDPKDREFLLKYSPYHNVDPKKKYPPTLIYTGLHD
DRVHPAHALKFFMKLKEIGAPVYLRVETKSGHMGASPETRARELTDLLAFVLKTLS
;
_entity_poly.pdbx_strand_id   A,B
#
loop_
_chem_comp.id
_chem_comp.type
_chem_comp.name
_chem_comp.formula
CL non-polymer 'CHLORIDE ION' 'Cl -1'
TRS non-polymer 2-AMINO-2-HYDROXYMETHYL-PROPANE-1,3-DIOL 'C4 H12 N O3 1'
#
# COMPACT_ATOMS: atom_id res chain seq x y z
N MET A 1 -20.34 17.19 9.47
CA MET A 1 -19.07 17.43 10.23
C MET A 1 -18.74 18.89 10.27
N GLU A 2 -18.70 19.43 11.48
CA GLU A 2 -18.49 20.85 11.64
C GLU A 2 -17.13 21.25 11.15
N ASP A 3 -17.09 22.48 10.63
CA ASP A 3 -15.91 23.06 10.01
C ASP A 3 -15.88 24.51 10.44
N PRO A 4 -14.85 24.92 11.20
CA PRO A 4 -14.85 26.26 11.78
C PRO A 4 -14.63 27.32 10.70
N TYR A 5 -14.17 26.94 9.52
CA TYR A 5 -13.87 27.92 8.48
C TYR A 5 -14.72 27.68 7.24
N ILE A 6 -15.87 27.06 7.46
CA ILE A 6 -16.76 26.77 6.35
C ILE A 6 -17.19 28.06 5.66
N TRP A 7 -17.31 29.12 6.44
CA TRP A 7 -17.73 30.41 5.89
C TRP A 7 -16.75 30.94 4.84
N MET A 8 -15.53 30.40 4.82
CA MET A 8 -14.56 30.84 3.84
C MET A 8 -14.85 30.26 2.45
N GLU A 9 -15.77 29.28 2.38
CA GLU A 9 -16.16 28.73 1.07
C GLU A 9 -17.08 29.70 0.31
N ASN A 10 -17.64 30.67 1.03
CA ASN A 10 -18.33 31.80 0.43
C ASN A 10 -17.36 32.96 0.18
N LEU A 11 -16.90 33.11 -1.05
CA LEU A 11 -15.84 34.08 -1.29
C LEU A 11 -16.31 35.54 -1.23
N GLU A 12 -17.62 35.71 -1.06
CA GLU A 12 -18.26 37.02 -0.92
C GLU A 12 -18.52 37.39 0.53
N ASP A 13 -18.19 36.49 1.45
CA ASP A 13 -18.22 36.82 2.88
C ASP A 13 -17.24 37.97 3.15
N GLU A 14 -17.68 39.00 3.88
CA GLU A 14 -16.80 40.15 4.13
C GLU A 14 -15.57 39.80 4.94
N ARG A 15 -15.68 38.78 5.79
CA ARG A 15 -14.54 38.26 6.54
C ARG A 15 -13.44 37.74 5.62
N VAL A 16 -13.84 37.01 4.58
CA VAL A 16 -12.91 36.45 3.59
C VAL A 16 -12.19 37.59 2.84
N LEU A 17 -12.95 38.57 2.39
CA LEU A 17 -12.39 39.69 1.63
C LEU A 17 -11.42 40.52 2.46
N LYS A 18 -11.73 40.65 3.74
CA LYS A 18 -10.88 41.39 4.65
C LYS A 18 -9.51 40.71 4.76
N ILE A 19 -9.53 39.39 4.96
CA ILE A 19 -8.32 38.58 5.01
C ILE A 19 -7.51 38.64 3.71
N ILE A 20 -8.17 38.49 2.57
CA ILE A 20 -7.47 38.55 1.30
C ILE A 20 -6.77 39.89 1.15
N GLU A 21 -7.50 40.95 1.47
CA GLU A 21 -6.98 42.32 1.36
C GLU A 21 -5.79 42.55 2.27
N GLU A 22 -5.93 42.11 3.52
CA GLU A 22 -4.89 42.26 4.52
C GLU A 22 -3.62 41.54 4.08
N GLU A 23 -3.77 40.28 3.66
CA GLU A 23 -2.60 39.45 3.41
C GLU A 23 -1.89 39.77 2.11
N ASN A 24 -2.66 40.15 1.08
CA ASN A 24 -2.03 40.61 -0.15
C ASN A 24 -1.13 41.82 0.13
N LYS A 25 -1.60 42.71 1.01
CA LYS A 25 -0.80 43.87 1.43
C LYS A 25 0.48 43.46 2.11
N ARG A 26 0.34 42.59 3.10
CA ARG A 26 1.49 42.13 3.86
C ARG A 26 2.48 41.43 2.96
N PHE A 27 1.97 40.65 2.01
CA PHE A 27 2.85 39.95 1.11
C PHE A 27 3.57 40.94 0.19
N ARG A 28 2.84 41.94 -0.30
CA ARG A 28 3.46 42.92 -1.19
C ARG A 28 4.53 43.74 -0.51
N GLU A 29 4.33 44.06 0.77
CA GLU A 29 5.33 44.82 1.49
C GLU A 29 6.53 43.92 1.70
N PHE A 30 6.28 42.62 1.84
CA PHE A 30 7.32 41.63 2.09
C PHE A 30 8.25 41.34 0.90
N ILE A 31 7.72 41.24 -0.32
CA ILE A 31 8.60 40.94 -1.47
C ILE A 31 8.55 42.00 -2.56
N GLY A 32 7.76 43.04 -2.36
CA GLY A 32 7.47 44.02 -3.39
C GLY A 32 8.70 44.66 -4.03
N GLU A 33 9.66 45.09 -3.21
CA GLU A 33 10.86 45.73 -3.75
C GLU A 33 11.65 44.71 -4.56
N LEU A 34 11.86 43.52 -4.00
CA LEU A 34 12.66 42.51 -4.67
C LEU A 34 11.99 42.06 -5.97
N SER A 35 10.67 41.88 -5.91
CA SER A 35 9.90 41.46 -7.06
C SER A 35 9.97 42.51 -8.17
N ASP A 36 9.83 43.78 -7.81
CA ASP A 36 9.98 44.83 -8.80
C ASP A 36 11.40 44.83 -9.43
N LYS A 37 12.44 44.49 -8.67
CA LYS A 37 13.80 44.45 -9.25
C LYS A 37 14.05 43.25 -10.15
N LEU A 38 13.44 42.13 -9.83
CA LEU A 38 13.61 40.91 -10.61
C LEU A 38 12.64 40.83 -11.78
N PHE A 39 11.60 41.64 -11.77
CA PHE A 39 10.55 41.43 -12.77
C PHE A 39 11.08 41.48 -14.22
N PRO A 40 12.01 42.40 -14.54
CA PRO A 40 12.50 42.45 -15.92
C PRO A 40 13.22 41.19 -16.39
N GLU A 41 14.02 40.60 -15.51
CA GLU A 41 14.68 39.33 -15.81
C GLU A 41 13.66 38.21 -16.00
N VAL A 42 12.62 38.19 -15.17
CA VAL A 42 11.60 37.18 -15.35
C VAL A 42 10.83 37.46 -16.64
N TRP A 43 10.44 38.72 -16.83
CA TRP A 43 9.63 39.10 -17.99
C TRP A 43 10.35 38.76 -19.29
N GLU A 44 11.66 39.00 -19.30
CA GLU A 44 12.48 38.62 -20.44
C GLU A 44 12.30 37.15 -20.85
N GLN A 45 12.33 36.25 -19.87
CA GLN A 45 12.22 34.81 -20.15
C GLN A 45 10.79 34.38 -20.45
N PHE A 46 9.87 35.01 -19.74
CA PHE A 46 8.48 34.65 -19.85
C PHE A 46 7.94 35.02 -21.23
N SER A 47 8.34 36.19 -21.71
CA SER A 47 7.68 36.81 -22.87
C SER A 47 8.30 36.51 -24.23
N GLN A 48 9.38 35.74 -24.27
CA GLN A 48 10.06 35.49 -25.52
C GLN A 48 9.17 34.62 -26.42
N PRO A 49 9.44 34.59 -27.74
CA PRO A 49 8.64 33.81 -28.69
C PRO A 49 8.54 32.36 -28.26
N THR A 50 7.31 31.85 -28.13
CA THR A 50 7.08 30.44 -27.78
C THR A 50 5.97 29.85 -28.66
N ILE A 51 6.26 28.77 -29.34
CA ILE A 51 5.28 28.13 -30.22
C ILE A 51 4.20 27.48 -29.38
N GLY A 52 2.96 27.42 -29.89
CA GLY A 52 1.94 26.65 -29.20
C GLY A 52 1.60 25.43 -30.01
N MET A 53 0.61 25.58 -30.87
CA MET A 53 0.19 24.51 -31.76
C MET A 53 0.74 24.72 -33.14
N ALA A 54 0.80 23.65 -33.93
CA ALA A 54 1.16 23.75 -35.33
C ALA A 54 0.32 22.80 -36.15
N ARG A 55 0.11 23.16 -37.41
CA ARG A 55 -0.71 22.34 -38.30
C ARG A 55 -0.04 22.23 -39.66
N ILE A 56 -0.17 21.05 -40.27
CA ILE A 56 0.31 20.82 -41.64
C ILE A 56 -0.83 21.00 -42.61
N THR A 57 -0.59 21.79 -43.65
CA THR A 57 -1.50 21.88 -44.80
C THR A 57 -0.74 21.65 -46.14
N LYS A 58 -1.48 21.53 -47.24
CA LYS A 58 -0.85 21.39 -48.55
C LYS A 58 -0.07 22.66 -48.91
N LYS A 59 -0.47 23.79 -48.33
CA LYS A 59 0.18 25.09 -48.60
C LYS A 59 1.31 25.39 -47.65
N GLY A 60 1.50 24.55 -46.64
CA GLY A 60 2.55 24.76 -45.68
C GLY A 60 2.08 24.62 -44.24
N ILE A 61 3.01 24.89 -43.32
CA ILE A 61 2.73 24.80 -41.90
C ILE A 61 2.11 26.09 -41.38
N ILE A 62 1.10 25.97 -40.53
CA ILE A 62 0.54 27.12 -39.82
C ILE A 62 0.74 26.87 -38.33
N ALA A 63 1.21 27.90 -37.64
CA ALA A 63 1.62 27.77 -36.24
C ALA A 63 1.14 28.96 -35.45
N SER A 64 0.97 28.75 -34.14
CA SER A 64 0.65 29.82 -33.23
C SER A 64 1.90 30.11 -32.38
N TYR A 65 2.08 31.38 -32.02
CA TYR A 65 3.17 31.77 -31.13
C TYR A 65 2.72 32.77 -30.07
N SER A 66 3.29 32.67 -28.89
CA SER A 66 3.23 33.77 -27.94
C SER A 66 4.48 34.60 -27.97
N GLU A 67 4.29 35.92 -27.98
CA GLU A 67 5.40 36.83 -27.77
C GLU A 67 4.87 38.01 -27.00
N LYS A 68 5.43 38.22 -25.80
CA LYS A 68 5.07 39.37 -25.03
C LYS A 68 3.56 39.33 -24.82
N ASP A 69 2.89 40.42 -25.16
CA ASP A 69 1.46 40.56 -24.91
C ASP A 69 0.54 40.08 -26.00
N ARG A 70 1.09 39.59 -27.12
CA ARG A 70 0.21 39.19 -28.21
C ARG A 70 0.46 37.75 -28.51
N VAL A 71 -0.55 37.13 -29.10
CA VAL A 71 -0.45 35.81 -29.70
C VAL A 71 -0.84 35.89 -31.15
N VAL A 72 -0.13 35.15 -31.99
CA VAL A 72 -0.50 35.13 -33.38
C VAL A 72 -0.61 33.72 -33.90
N ILE A 73 -1.41 33.61 -34.96
CA ILE A 73 -1.48 32.43 -35.80
C ILE A 73 -0.97 32.84 -37.14
N LYS A 74 0.06 32.13 -37.62
CA LYS A 74 0.70 32.55 -38.84
C LYS A 74 1.13 31.39 -39.70
N TRP A 75 1.26 31.71 -40.98
CA TRP A 75 1.99 30.85 -41.88
C TRP A 75 3.40 30.81 -41.35
N PHE A 76 3.95 29.59 -41.23
CA PHE A 76 5.33 29.39 -40.79
C PHE A 76 6.29 30.18 -41.67
N ASN A 77 7.09 31.07 -41.07
CA ASN A 77 7.95 32.00 -41.83
C ASN A 77 7.13 32.79 -42.86
N GLY A 78 5.91 33.20 -42.50
CA GLY A 78 5.01 33.81 -43.46
C GLY A 78 4.01 34.79 -42.87
N ASP A 79 2.89 35.02 -43.57
CA ASP A 79 1.99 36.10 -43.18
C ASP A 79 1.32 35.79 -41.85
N VAL A 80 1.10 36.82 -41.03
CA VAL A 80 0.23 36.69 -39.88
C VAL A 80 -1.20 36.53 -40.36
N ILE A 81 -1.91 35.54 -39.80
CA ILE A 81 -3.31 35.28 -40.18
C ILE A 81 -4.26 35.84 -39.13
N VAL A 82 -3.93 35.56 -37.87
CA VAL A 82 -4.69 36.02 -36.74
C VAL A 82 -3.75 36.63 -35.73
N ASP A 83 -4.16 37.80 -35.25
CA ASP A 83 -3.35 38.59 -34.33
C ASP A 83 -4.21 38.93 -33.15
N SER A 84 -3.77 38.52 -31.97
CA SER A 84 -4.59 38.69 -30.79
C SER A 84 -4.86 40.17 -30.55
N LYS A 85 -3.88 41.02 -30.86
CA LYS A 85 -4.03 42.47 -30.69
C LYS A 85 -5.11 43.05 -31.60
N GLU A 86 -5.13 42.59 -32.86
CA GLU A 86 -6.17 42.99 -33.81
C GLU A 86 -7.51 42.57 -33.29
N LEU A 87 -7.56 41.38 -32.71
CA LEU A 87 -8.82 40.88 -32.21
C LEU A 87 -9.32 41.76 -31.08
N GLU A 88 -8.45 42.10 -30.14
CA GLU A 88 -8.88 42.90 -29.00
C GLU A 88 -9.46 44.23 -29.43
N ARG A 89 -8.87 44.89 -30.42
CA ARG A 89 -9.43 46.16 -30.86
C ARG A 89 -10.79 45.93 -31.53
N GLU A 90 -10.93 44.86 -32.33
CA GLU A 90 -12.22 44.62 -32.99
C GLU A 90 -13.31 44.49 -31.94
N VAL A 91 -13.09 43.61 -30.97
CA VAL A 91 -14.12 43.32 -29.98
C VAL A 91 -14.03 44.23 -28.74
N GLY A 92 -12.97 45.02 -28.63
CA GLY A 92 -12.82 45.94 -27.51
C GLY A 92 -12.66 45.22 -26.18
N ASP A 93 -11.89 44.14 -26.16
CA ASP A 93 -11.67 43.42 -24.92
C ASP A 93 -10.47 42.47 -24.97
N GLU A 94 -10.00 42.13 -23.79
CA GLU A 94 -8.94 41.17 -23.60
C GLU A 94 -9.36 39.85 -24.22
N VAL A 95 -8.45 39.17 -24.89
CA VAL A 95 -8.83 37.89 -25.49
C VAL A 95 -7.74 36.86 -25.27
N LEU A 96 -8.18 35.66 -24.93
CA LEU A 96 -7.32 34.49 -24.81
C LEU A 96 -7.56 33.54 -25.98
N LEU A 97 -6.49 33.20 -26.69
CA LEU A 97 -6.57 32.36 -27.87
C LEU A 97 -6.28 30.89 -27.49
N GLN A 98 -7.23 29.98 -27.75
CA GLN A 98 -7.21 28.64 -27.14
C GLN A 98 -6.54 27.57 -28.00
N GLY A 99 -7.00 27.43 -29.23
CA GLY A 99 -6.48 26.44 -30.15
C GLY A 99 -6.96 26.74 -31.56
N PHE A 100 -6.42 26.01 -32.52
CA PHE A 100 -6.87 26.14 -33.89
C PHE A 100 -6.69 24.83 -34.65
N THR A 101 -7.43 24.70 -35.74
CA THR A 101 -7.12 23.67 -36.73
C THR A 101 -7.42 24.19 -38.12
N THR A 102 -7.09 23.40 -39.13
CA THR A 102 -7.32 23.76 -40.53
C THR A 102 -7.80 22.58 -41.31
N ASP A 103 -8.25 22.82 -42.54
CA ASP A 103 -8.48 21.73 -43.46
C ASP A 103 -7.18 21.31 -44.14
N GLU A 104 -7.19 20.10 -44.72
CA GLU A 104 -6.02 19.54 -45.38
C GLU A 104 -5.50 20.51 -46.46
N GLU A 105 -6.43 21.15 -47.15
CA GLU A 105 -6.10 21.96 -48.30
C GLU A 105 -5.37 23.27 -47.93
N GLY A 106 -5.49 23.70 -46.68
CA GLY A 106 -4.89 24.95 -46.24
C GLY A 106 -5.65 26.18 -46.72
N GLU A 107 -6.97 26.01 -46.84
CA GLU A 107 -7.86 27.08 -47.28
C GLU A 107 -8.92 27.52 -46.25
N LYS A 108 -9.15 26.68 -45.25
CA LYS A 108 -10.08 26.99 -44.16
C LYS A 108 -9.34 26.84 -42.85
N LEU A 109 -9.50 27.82 -41.95
CA LEU A 109 -8.96 27.75 -40.60
C LEU A 109 -10.00 28.09 -39.54
N ALA A 110 -9.99 27.28 -38.47
CA ALA A 110 -10.86 27.46 -37.33
C ALA A 110 -10.01 27.77 -36.12
N TYR A 111 -10.37 28.83 -35.40
CA TYR A 111 -9.71 29.15 -34.14
C TYR A 111 -10.68 29.56 -33.07
N SER A 112 -10.32 29.27 -31.84
CA SER A 112 -11.21 29.56 -30.74
C SER A 112 -10.49 30.49 -29.75
N PHE A 113 -11.26 31.39 -29.17
CA PHE A 113 -10.77 32.38 -28.23
C PHE A 113 -11.88 32.74 -27.27
N SER A 114 -11.50 33.44 -26.22
CA SER A 114 -12.45 33.86 -25.22
C SER A 114 -12.36 35.36 -25.03
N ILE A 115 -13.50 36.01 -24.96
CA ILE A 115 -13.51 37.45 -24.81
C ILE A 115 -13.44 37.78 -23.34
N GLY A 116 -12.46 38.62 -23.02
CA GLY A 116 -12.27 39.19 -21.70
C GLY A 116 -12.15 38.16 -20.60
N GLY A 117 -11.52 37.02 -20.90
CA GLY A 117 -11.35 35.96 -19.92
C GLY A 117 -12.68 35.38 -19.49
N ALA A 118 -13.65 35.40 -20.41
CA ALA A 118 -14.95 34.80 -20.17
C ALA A 118 -14.81 33.29 -19.97
N ASP A 119 -15.71 32.71 -19.18
CA ASP A 119 -15.70 31.27 -18.98
C ASP A 119 -16.25 30.61 -20.24
N GLU A 120 -16.93 31.40 -21.06
CA GLU A 120 -17.37 30.97 -22.38
C GLU A 120 -16.36 31.44 -23.41
N GLY A 121 -16.31 30.76 -24.55
CA GLY A 121 -15.45 31.16 -25.65
C GLY A 121 -16.19 31.28 -26.98
N ILE A 122 -15.42 31.62 -28.00
CA ILE A 122 -15.88 31.83 -29.37
C ILE A 122 -15.10 31.01 -30.37
N THR A 123 -15.77 30.46 -31.36
CA THR A 123 -15.10 29.79 -32.47
C THR A 123 -15.40 30.59 -33.73
N ARG A 124 -14.34 30.90 -34.48
CA ARG A 124 -14.44 31.50 -35.80
C ARG A 124 -13.80 30.60 -36.84
N ILE A 125 -14.47 30.49 -37.97
CA ILE A 125 -13.95 29.78 -39.11
C ILE A 125 -13.70 30.80 -40.19
N ILE A 126 -12.47 30.84 -40.71
CA ILE A 126 -12.12 31.86 -41.66
C ILE A 126 -11.57 31.26 -42.91
N ASP A 127 -11.65 32.05 -43.97
CA ASP A 127 -11.12 31.71 -45.27
C ASP A 127 -9.67 32.21 -45.27
N LEU A 128 -8.73 31.29 -45.52
CA LEU A 128 -7.30 31.58 -45.40
C LEU A 128 -6.69 32.46 -46.51
N LYS A 129 -7.37 32.58 -47.64
CA LYS A 129 -6.89 33.47 -48.72
C LYS A 129 -7.36 34.90 -48.55
N THR A 130 -8.64 35.08 -48.28
CA THR A 130 -9.20 36.41 -48.14
C THR A 130 -9.23 36.83 -46.68
N GLY A 131 -9.25 35.84 -45.78
CA GLY A 131 -9.37 36.15 -44.37
C GLY A 131 -10.78 36.42 -43.88
N GLU A 132 -11.77 36.19 -44.74
CA GLU A 132 -13.16 36.43 -44.35
C GLU A 132 -13.66 35.45 -43.29
N VAL A 133 -14.28 35.98 -42.23
CA VAL A 133 -14.97 35.14 -41.28
C VAL A 133 -16.16 34.49 -41.96
N ILE A 134 -16.01 33.20 -42.16
CA ILE A 134 -17.05 32.38 -42.78
C ILE A 134 -18.16 32.10 -41.76
N GLU A 135 -17.77 31.98 -40.51
CA GLU A 135 -18.68 31.55 -39.47
C GLU A 135 -18.14 31.91 -38.12
N GLU A 136 -19.04 32.28 -37.22
CA GLU A 136 -18.67 32.55 -35.85
C GLU A 136 -19.64 31.82 -34.90
N ILE A 137 -19.08 30.96 -34.06
CA ILE A 137 -19.86 30.06 -33.21
C ILE A 137 -19.66 30.38 -31.76
N LYS A 138 -20.77 30.40 -31.03
CA LYS A 138 -20.76 30.83 -29.65
C LYS A 138 -21.77 29.97 -28.88
N PRO A 139 -21.31 29.14 -27.92
CA PRO A 139 -19.94 28.92 -27.45
C PRO A 139 -19.05 28.16 -28.40
N SER A 140 -17.80 28.04 -27.97
CA SER A 140 -16.77 27.44 -28.81
C SER A 140 -16.97 25.92 -28.90
N ILE A 141 -16.58 25.40 -30.06
CA ILE A 141 -16.64 23.98 -30.33
C ILE A 141 -15.23 23.44 -30.51
N TRP A 142 -15.13 22.13 -30.56
CA TRP A 142 -13.84 21.47 -30.45
C TRP A 142 -13.71 20.40 -31.50
N ASN A 143 -12.48 19.99 -31.78
CA ASN A 143 -12.26 18.80 -32.57
C ASN A 143 -12.81 18.93 -33.97
N ILE A 144 -12.71 20.14 -34.53
CA ILE A 144 -13.22 20.41 -35.86
C ILE A 144 -12.45 19.56 -36.87
N THR A 145 -13.23 18.88 -37.70
CA THR A 145 -12.67 17.93 -38.65
C THR A 145 -13.36 18.21 -39.95
N PHE A 146 -12.69 18.89 -40.88
CA PHE A 146 -13.38 19.35 -42.10
C PHE A 146 -13.63 18.20 -43.07
N LEU A 147 -14.83 18.15 -43.62
CA LEU A 147 -15.08 17.21 -44.70
C LEU A 147 -16.09 17.67 -45.76
N LYS A 148 -15.68 17.62 -47.03
CA LYS A 148 -16.54 18.11 -48.10
C LYS A 148 -16.84 19.57 -47.78
N ASP A 149 -18.12 19.89 -47.66
CA ASP A 149 -18.58 21.26 -47.50
C ASP A 149 -18.94 21.55 -46.06
N GLY A 150 -18.47 20.74 -45.12
CA GLY A 150 -18.82 20.96 -43.73
C GLY A 150 -17.79 20.34 -42.83
N TYR A 151 -18.18 20.06 -41.60
CA TYR A 151 -17.25 19.46 -40.66
C TYR A 151 -17.94 18.78 -39.48
N TYR A 152 -17.26 17.79 -38.90
CA TYR A 152 -17.65 17.27 -37.62
C TYR A 152 -17.05 18.18 -36.55
N PHE A 153 -17.66 18.18 -35.36
CA PHE A 153 -17.13 18.88 -34.23
C PHE A 153 -17.75 18.29 -32.96
N THR A 154 -17.15 18.57 -31.81
CA THR A 154 -17.71 18.14 -30.54
C THR A 154 -18.08 19.39 -29.75
N ARG A 155 -19.10 19.26 -28.92
CA ARG A 155 -19.45 20.25 -27.90
C ARG A 155 -19.28 19.64 -26.53
N PHE A 156 -18.75 20.43 -25.61
CA PHE A 156 -18.61 20.00 -24.23
C PHE A 156 -19.54 20.82 -23.36
N TYR A 157 -20.48 20.12 -22.73
CA TYR A 157 -21.56 20.74 -22.00
C TYR A 157 -21.12 20.86 -20.55
N ARG A 158 -21.07 22.09 -20.06
CA ARG A 158 -20.47 22.35 -18.78
C ARG A 158 -21.52 22.85 -17.78
N LYS A 159 -22.41 23.67 -18.30
CA LYS A 159 -23.48 24.31 -17.52
C LYS A 159 -24.84 23.80 -17.96
N GLU A 160 -24.96 23.66 -19.28
CA GLU A 160 -26.21 23.32 -19.95
C GLU A 160 -26.38 21.79 -20.00
N LYS A 161 -27.63 21.34 -20.04
CA LYS A 161 -27.90 19.95 -20.42
C LYS A 161 -27.57 19.69 -21.89
N THR A 162 -27.28 18.44 -22.25
CA THR A 162 -27.14 18.09 -23.67
C THR A 162 -28.49 18.22 -24.39
N PRO A 163 -28.49 18.26 -25.73
CA PRO A 163 -29.75 18.38 -26.45
C PRO A 163 -30.67 17.23 -26.10
N ASP A 164 -30.15 16.01 -25.93
CA ASP A 164 -31.04 14.88 -25.64
C ASP A 164 -31.42 14.82 -24.17
N GLY A 165 -30.91 15.78 -23.38
CA GLY A 165 -31.41 16.03 -22.03
C GLY A 165 -30.59 15.46 -20.90
N VAL A 166 -29.32 15.22 -21.18
CA VAL A 166 -28.44 14.62 -20.20
C VAL A 166 -27.74 15.73 -19.49
N ASN A 167 -27.58 15.54 -18.19
CA ASN A 167 -26.91 16.52 -17.34
C ASN A 167 -25.42 16.59 -17.60
N PRO A 168 -24.80 17.77 -17.39
CA PRO A 168 -23.34 17.93 -17.46
C PRO A 168 -22.57 17.27 -16.31
N PRO A 169 -21.27 17.01 -16.48
CA PRO A 169 -20.52 17.32 -17.70
C PRO A 169 -20.76 16.24 -18.75
N ALA A 170 -20.89 16.64 -20.02
CA ALA A 170 -21.13 15.68 -21.10
C ALA A 170 -20.56 16.20 -22.42
N ALA A 171 -20.44 15.32 -23.39
CA ALA A 171 -19.95 15.69 -24.73
C ALA A 171 -20.84 15.09 -25.77
N ARG A 172 -21.01 15.79 -26.90
CA ARG A 172 -21.78 15.27 -28.03
C ARG A 172 -21.05 15.65 -29.28
N MET A 173 -21.29 14.88 -30.34
CA MET A 173 -20.60 15.07 -31.62
C MET A 173 -21.63 15.42 -32.67
N PHE A 174 -21.27 16.38 -33.48
CA PHE A 174 -22.17 16.95 -34.45
C PHE A 174 -21.57 16.95 -35.85
N TRP A 175 -22.44 17.15 -36.82
CA TRP A 175 -22.02 17.42 -38.20
C TRP A 175 -22.65 18.74 -38.57
N LYS A 176 -21.92 19.59 -39.29
CA LYS A 176 -22.44 20.89 -39.74
C LYS A 176 -22.13 21.07 -41.22
N ASP A 177 -23.11 21.43 -42.02
CA ASP A 177 -22.82 21.82 -43.40
C ASP A 177 -23.83 22.89 -43.79
N ARG A 178 -23.98 23.17 -45.09
CA ARG A 178 -24.85 24.26 -45.55
C ARG A 178 -26.33 24.08 -45.16
N GLU A 179 -26.78 22.84 -45.12
CA GLU A 179 -28.17 22.53 -44.84
C GLU A 179 -28.40 22.67 -43.33
N GLY A 180 -27.33 22.64 -42.55
CA GLY A 180 -27.45 22.84 -41.11
C GLY A 180 -26.65 21.88 -40.27
N GLU A 181 -27.02 21.78 -38.99
CA GLU A 181 -26.26 20.98 -38.04
C GLU A 181 -27.11 19.87 -37.44
N ARG A 182 -26.51 18.70 -37.24
CA ARG A 182 -27.24 17.57 -36.62
C ARG A 182 -26.30 16.77 -35.72
N MET A 183 -26.85 16.22 -34.64
CA MET A 183 -26.05 15.35 -33.77
C MET A 183 -25.85 14.02 -34.44
N VAL A 184 -24.60 13.53 -34.46
CA VAL A 184 -24.24 12.30 -35.16
C VAL A 184 -23.72 11.20 -34.25
N PHE A 185 -23.38 11.54 -33.01
CA PHE A 185 -22.85 10.55 -32.08
C PHE A 185 -22.94 11.03 -30.63
N GLY A 186 -23.32 10.13 -29.73
CA GLY A 186 -23.31 10.45 -28.31
C GLY A 186 -24.70 10.48 -27.67
N GLU A 187 -25.74 10.30 -28.46
CA GLU A 187 -27.12 10.31 -27.92
C GLU A 187 -27.28 9.24 -26.84
N GLY A 188 -27.84 9.65 -25.70
CA GLY A 188 -28.13 8.72 -24.62
C GLY A 188 -26.96 8.45 -23.71
N LEU A 189 -25.80 9.05 -23.98
CA LEU A 189 -24.62 8.84 -23.13
C LEU A 189 -24.71 9.61 -21.82
N THR A 190 -24.57 8.90 -20.72
CA THR A 190 -24.69 9.52 -19.42
C THR A 190 -23.50 10.41 -19.22
N SER A 191 -23.59 11.25 -18.19
CA SER A 191 -22.57 12.19 -17.80
C SER A 191 -21.29 11.47 -17.52
N GLY A 192 -20.18 12.04 -17.94
CA GLY A 192 -18.86 11.47 -17.70
C GLY A 192 -18.19 10.90 -18.95
N TYR A 193 -19.00 10.56 -19.96
CA TYR A 193 -18.46 10.14 -21.27
C TYR A 193 -17.91 11.31 -22.06
N PHE A 194 -16.71 11.12 -22.59
CA PHE A 194 -16.06 12.07 -23.45
C PHE A 194 -15.69 11.41 -24.77
N MET A 195 -15.69 12.20 -25.85
CA MET A 195 -15.43 11.69 -27.20
C MET A 195 -14.56 12.61 -28.02
N SER A 196 -13.90 12.02 -29.01
CA SER A 196 -13.15 12.81 -29.95
C SER A 196 -13.19 12.02 -31.25
N ILE A 197 -12.82 12.68 -32.33
CA ILE A 197 -12.79 12.09 -33.63
C ILE A 197 -11.52 12.51 -34.37
N ARG A 198 -10.99 11.57 -35.14
CA ARG A 198 -9.91 11.88 -36.09
C ARG A 198 -10.16 11.08 -37.35
N LYS A 199 -9.63 11.58 -38.47
CA LYS A 199 -9.58 10.85 -39.72
C LYS A 199 -8.41 9.87 -39.76
N SER A 200 -8.58 8.81 -40.53
CA SER A 200 -7.48 7.95 -40.92
C SER A 200 -6.55 8.79 -41.79
N SER A 201 -5.30 8.35 -41.91
CA SER A 201 -4.27 9.09 -42.65
C SER A 201 -4.64 9.27 -44.12
N ASP A 202 -5.37 8.28 -44.64
CA ASP A 202 -5.85 8.31 -46.03
C ASP A 202 -7.15 9.08 -46.18
N GLY A 203 -7.69 9.58 -45.08
CA GLY A 203 -8.90 10.37 -45.12
C GLY A 203 -10.18 9.58 -45.27
N LYS A 204 -10.12 8.23 -45.34
CA LYS A 204 -11.32 7.45 -45.66
C LYS A 204 -12.19 7.06 -44.47
N PHE A 205 -11.63 7.13 -43.27
CA PHE A 205 -12.33 6.62 -42.08
C PHE A 205 -12.45 7.66 -41.02
N ALA A 206 -13.57 7.62 -40.32
CA ALA A 206 -13.73 8.29 -39.06
C ALA A 206 -13.19 7.35 -38.00
N ILE A 207 -12.42 7.89 -37.05
CA ILE A 207 -11.95 7.11 -35.91
C ILE A 207 -12.44 7.85 -34.71
N VAL A 208 -13.39 7.24 -34.02
CA VAL A 208 -14.05 7.85 -32.87
C VAL A 208 -13.74 7.06 -31.62
N THR A 209 -13.19 7.80 -30.65
CA THR A 209 -12.75 7.28 -29.36
C THR A 209 -13.67 7.78 -28.28
N LEU A 210 -14.04 6.87 -27.40
CA LEU A 210 -14.98 7.12 -26.33
C LEU A 210 -14.31 6.72 -25.03
N THR A 211 -14.53 7.53 -24.01
CA THR A 211 -13.79 7.42 -22.77
C THR A 211 -14.68 7.74 -21.56
N TYR A 212 -14.56 6.95 -20.50
CA TYR A 212 -15.23 7.24 -19.24
C TYR A 212 -14.23 7.15 -18.10
N GLY A 213 -13.77 8.29 -17.60
CA GLY A 213 -12.77 8.31 -16.54
C GLY A 213 -11.55 7.49 -16.91
N TRP A 214 -11.03 6.76 -15.93
CA TRP A 214 -9.88 5.86 -16.16
C TRP A 214 -10.24 4.42 -16.47
N ASN A 215 -11.50 4.06 -16.42
CA ASN A 215 -11.83 2.62 -16.44
C ASN A 215 -12.68 2.15 -17.62
N GLN A 216 -12.83 2.98 -18.64
CA GLN A 216 -13.50 2.50 -19.84
C GLN A 216 -13.05 3.24 -21.07
N GLY A 217 -12.85 2.48 -22.14
CA GLY A 217 -12.51 3.03 -23.44
C GLY A 217 -13.25 2.27 -24.52
N GLU A 218 -13.65 2.98 -25.57
CA GLU A 218 -14.34 2.33 -26.66
C GLU A 218 -13.81 3.00 -27.90
N VAL A 219 -13.63 2.19 -28.96
CA VAL A 219 -13.25 2.71 -30.25
C VAL A 219 -14.27 2.33 -31.31
N TYR A 220 -14.61 3.33 -32.11
CA TYR A 220 -15.54 3.18 -33.23
C TYR A 220 -14.87 3.57 -34.53
N ILE A 221 -15.14 2.85 -35.62
CA ILE A 221 -14.67 3.32 -36.93
C ILE A 221 -15.71 3.07 -37.98
N GLY A 222 -15.58 3.82 -39.08
CA GLY A 222 -16.49 3.69 -40.18
C GLY A 222 -16.17 4.74 -41.22
N PRO A 223 -16.89 4.69 -42.36
CA PRO A 223 -16.71 5.68 -43.42
C PRO A 223 -16.81 7.10 -42.88
N ILE A 224 -15.82 7.91 -43.22
CA ILE A 224 -15.74 9.28 -42.72
C ILE A 224 -16.99 10.07 -43.06
N ASP A 225 -17.69 9.72 -44.15
CA ASP A 225 -18.86 10.49 -44.54
C ASP A 225 -20.18 9.85 -44.15
N ASN A 226 -20.15 8.86 -43.27
CA ASN A 226 -21.33 8.05 -43.01
C ASN A 226 -21.39 7.53 -41.57
N PRO A 227 -21.82 8.39 -40.61
CA PRO A 227 -21.95 7.97 -39.21
C PRO A 227 -22.97 6.87 -38.97
N GLN A 228 -23.90 6.67 -39.89
CA GLN A 228 -24.83 5.56 -39.79
C GLN A 228 -24.11 4.21 -39.87
N GLU A 229 -22.93 4.18 -40.49
CA GLU A 229 -22.14 2.94 -40.57
C GLU A 229 -20.91 2.94 -39.68
N TRP A 230 -20.91 3.76 -38.64
CA TRP A 230 -19.83 3.72 -37.67
C TRP A 230 -20.10 2.58 -36.70
N LYS A 231 -19.10 1.74 -36.48
CA LYS A 231 -19.27 0.53 -35.67
C LYS A 231 -18.23 0.49 -34.57
N LYS A 232 -18.63 0.00 -33.40
CA LYS A 232 -17.68 -0.22 -32.33
C LYS A 232 -16.85 -1.43 -32.68
N VAL A 233 -15.53 -1.27 -32.60
CA VAL A 233 -14.62 -2.34 -32.97
C VAL A 233 -13.67 -2.74 -31.85
N TYR A 234 -13.66 -1.97 -30.78
CA TYR A 234 -12.84 -2.28 -29.63
C TYR A 234 -13.38 -1.71 -28.32
N SER A 235 -13.35 -2.55 -27.29
CA SER A 235 -13.74 -2.15 -25.96
C SER A 235 -12.64 -2.44 -24.95
N ALA A 236 -12.38 -1.51 -24.05
CA ALA A 236 -11.36 -1.72 -23.03
C ALA A 236 -11.80 -1.14 -21.71
N SER A 237 -11.26 -1.68 -20.64
CA SER A 237 -11.65 -1.23 -19.32
C SER A 237 -10.75 -0.10 -18.88
N VAL A 238 -9.97 0.44 -19.82
CA VAL A 238 -9.27 1.70 -19.65
C VAL A 238 -9.33 2.51 -20.95
N PRO A 239 -9.23 3.85 -20.85
CA PRO A 239 -9.13 4.66 -22.07
C PRO A 239 -7.89 4.28 -22.88
N VAL A 240 -8.06 4.20 -24.18
CA VAL A 240 -6.98 3.87 -25.10
C VAL A 240 -6.96 4.95 -26.15
N GLU A 241 -5.95 4.94 -27.00
CA GLU A 241 -5.83 5.95 -28.04
C GLU A 241 -5.77 5.23 -29.38
N ALA A 242 -6.71 5.59 -30.24
CA ALA A 242 -6.74 5.01 -31.58
C ALA A 242 -5.73 5.80 -32.39
N ILE A 243 -4.87 5.09 -33.13
CA ILE A 243 -3.79 5.74 -33.86
C ILE A 243 -4.18 6.02 -35.31
N ASP A 244 -4.67 4.99 -36.00
CA ASP A 244 -4.89 5.09 -37.44
C ASP A 244 -5.54 3.82 -37.86
N VAL A 245 -6.13 3.87 -39.04
CA VAL A 245 -6.61 2.70 -39.76
C VAL A 245 -5.86 2.64 -41.06
N VAL A 246 -5.16 1.54 -41.27
CA VAL A 246 -4.34 1.36 -42.46
C VAL A 246 -4.56 -0.03 -43.03
N ASN A 247 -5.02 -0.07 -44.28
CA ASN A 247 -5.15 -1.29 -45.05
C ASN A 247 -6.01 -2.34 -44.32
N GLY A 248 -7.12 -1.84 -43.78
CA GLY A 248 -8.13 -2.64 -43.14
C GLY A 248 -7.83 -2.86 -41.67
N LYS A 249 -6.68 -2.35 -41.22
CA LYS A 249 -6.13 -2.64 -39.88
C LYS A 249 -6.08 -1.40 -38.97
N LEU A 250 -6.77 -1.48 -37.84
CA LEU A 250 -6.84 -0.42 -36.86
C LEU A 250 -5.77 -0.58 -35.79
N TYR A 251 -5.02 0.49 -35.60
CA TYR A 251 -3.91 0.52 -34.67
C TYR A 251 -4.29 1.31 -33.41
N ILE A 252 -4.03 0.73 -32.26
CA ILE A 252 -4.42 1.33 -30.97
C ILE A 252 -3.26 1.26 -30.03
N LEU A 253 -3.00 2.38 -29.33
CA LEU A 253 -2.08 2.45 -28.23
C LEU A 253 -2.86 2.26 -26.96
N THR A 254 -2.53 1.20 -26.23
CA THR A 254 -3.29 0.86 -25.02
C THR A 254 -2.40 0.59 -23.84
N LYS A 255 -2.84 1.03 -22.67
CA LYS A 255 -2.13 0.77 -21.43
C LYS A 255 -2.73 -0.40 -20.66
N GLU A 256 -3.46 -1.23 -21.40
CA GLU A 256 -3.96 -2.49 -20.88
C GLU A 256 -2.77 -3.38 -20.57
N GLY A 257 -2.97 -4.34 -19.68
CA GLY A 257 -1.90 -5.27 -19.30
C GLY A 257 -1.08 -4.71 -18.16
N LYS A 258 0.26 -4.74 -18.22
CA LYS A 258 1.01 -4.24 -17.05
C LYS A 258 0.80 -2.73 -16.83
N GLY A 259 0.37 -2.02 -17.87
CA GLY A 259 0.14 -0.60 -17.78
C GLY A 259 1.22 0.32 -18.35
N LEU A 260 2.17 -0.21 -19.11
CA LEU A 260 3.24 0.64 -19.66
C LEU A 260 2.97 1.15 -21.06
N GLY A 261 2.09 0.49 -21.79
CA GLY A 261 1.78 0.95 -23.13
C GLY A 261 2.34 -0.04 -24.13
N LYS A 262 1.47 -0.50 -25.02
CA LYS A 262 1.76 -1.36 -26.18
C LYS A 262 0.93 -0.92 -27.37
N ILE A 263 1.28 -1.36 -28.57
CA ILE A 263 0.43 -1.12 -29.72
C ILE A 263 -0.17 -2.41 -30.21
N ILE A 264 -1.48 -2.42 -30.33
CA ILE A 264 -2.18 -3.61 -30.86
C ILE A 264 -2.83 -3.19 -32.13
N ALA A 265 -3.31 -4.17 -32.90
CA ALA A 265 -4.04 -3.95 -34.13
C ALA A 265 -5.24 -4.88 -34.19
N ILE A 266 -6.28 -4.38 -34.82
CA ILE A 266 -7.48 -5.16 -34.98
C ILE A 266 -7.84 -5.19 -36.45
N LYS A 267 -8.08 -6.40 -36.95
CA LYS A 267 -8.60 -6.59 -38.29
C LYS A 267 -9.68 -7.66 -38.26
N ASN A 268 -10.91 -7.25 -38.54
CA ASN A 268 -12.05 -8.16 -38.51
C ASN A 268 -12.22 -8.86 -37.16
N GLY A 269 -12.08 -8.09 -36.09
CA GLY A 269 -12.32 -8.61 -34.75
C GLY A 269 -11.16 -9.34 -34.08
N LYS A 270 -10.14 -9.74 -34.83
CA LYS A 270 -9.00 -10.41 -34.20
C LYS A 270 -7.99 -9.37 -33.78
N ILE A 271 -7.35 -9.64 -32.67
CA ILE A 271 -6.48 -8.67 -32.03
C ILE A 271 -5.08 -9.26 -31.92
N ASP A 272 -4.15 -8.53 -32.51
CA ASP A 272 -2.76 -8.90 -32.58
C ASP A 272 -1.91 -7.88 -31.84
N GLU A 273 -0.88 -8.29 -31.08
CA GLU A 273 0.11 -7.31 -30.64
C GLU A 273 1.04 -6.89 -31.75
N VAL A 274 1.25 -5.59 -31.88
CA VAL A 274 2.19 -5.08 -32.87
C VAL A 274 3.52 -4.77 -32.23
N ILE A 275 3.46 -3.99 -31.15
CA ILE A 275 4.61 -3.72 -30.30
C ILE A 275 4.24 -4.05 -28.87
N PRO A 276 4.82 -5.13 -28.32
CA PRO A 276 4.47 -5.50 -26.95
C PRO A 276 4.98 -4.47 -25.96
N GLU A 277 4.48 -4.55 -24.74
CA GLU A 277 4.95 -3.69 -23.61
C GLU A 277 6.44 -3.82 -23.35
N GLY A 278 7.10 -2.70 -23.07
CA GLY A 278 8.52 -2.69 -22.83
C GLY A 278 8.77 -2.34 -21.37
N GLU A 279 10.02 -2.04 -21.10
CA GLU A 279 10.46 -1.74 -19.74
C GLU A 279 9.94 -0.35 -19.32
N PHE A 280 9.85 0.58 -20.28
CA PHE A 280 9.44 1.97 -20.02
C PHE A 280 8.14 2.31 -20.77
N PRO A 281 7.41 3.34 -20.30
CA PRO A 281 6.15 3.68 -20.94
C PRO A 281 6.25 4.11 -22.42
N LEU A 282 5.23 3.71 -23.13
CA LEU A 282 5.00 4.19 -24.47
C LEU A 282 3.89 5.22 -24.37
N GLU A 283 4.24 6.50 -24.51
CA GLU A 283 3.28 7.58 -24.23
C GLU A 283 2.46 8.02 -25.41
N TRP A 284 3.02 7.93 -26.62
CA TRP A 284 2.28 8.24 -27.83
C TRP A 284 2.89 7.51 -29.00
N ALA A 285 2.12 7.36 -30.07
CA ALA A 285 2.57 6.66 -31.27
C ALA A 285 1.82 7.22 -32.46
N VAL A 286 2.52 7.35 -33.58
CA VAL A 286 1.87 7.86 -34.76
C VAL A 286 2.38 7.11 -35.98
N ILE A 287 1.53 7.05 -36.99
CA ILE A 287 1.87 6.34 -38.21
C ILE A 287 2.09 7.32 -39.33
N VAL A 288 3.23 7.18 -40.00
CA VAL A 288 3.65 8.09 -41.05
C VAL A 288 4.33 7.24 -42.10
N ARG A 289 3.89 7.39 -43.35
CA ARG A 289 4.34 6.52 -44.44
C ARG A 289 4.03 5.09 -44.00
N ASP A 290 5.05 4.24 -44.01
CA ASP A 290 4.87 2.84 -43.65
C ASP A 290 5.56 2.55 -42.32
N LYS A 291 5.64 3.55 -41.44
CA LYS A 291 6.41 3.39 -40.20
C LYS A 291 5.61 3.86 -39.01
N ILE A 292 5.94 3.28 -37.86
CA ILE A 292 5.36 3.71 -36.62
C ILE A 292 6.42 4.50 -35.89
N LEU A 293 6.05 5.71 -35.54
CA LEU A 293 6.90 6.61 -34.79
C LEU A 293 6.36 6.63 -33.38
N ALA A 294 7.21 6.29 -32.41
CA ALA A 294 6.77 6.10 -31.04
C ALA A 294 7.61 6.91 -30.05
N GLY A 295 6.89 7.53 -29.11
CA GLY A 295 7.50 8.25 -28.00
C GLY A 295 7.64 7.37 -26.76
N ARG A 296 8.88 7.07 -26.44
CA ARG A 296 9.21 6.19 -25.32
C ARG A 296 9.70 7.07 -24.18
N LEU A 297 9.11 6.88 -23.01
CA LEU A 297 9.45 7.68 -21.84
C LEU A 297 10.41 6.94 -20.91
N VAL A 298 11.68 7.29 -21.01
CA VAL A 298 12.76 6.59 -20.28
C VAL A 298 13.19 7.50 -19.15
N HIS A 299 12.81 7.12 -17.93
CA HIS A 299 13.09 7.91 -16.75
C HIS A 299 12.66 9.36 -16.97
N ALA A 300 11.45 9.51 -17.50
CA ALA A 300 10.73 10.78 -17.56
C ALA A 300 11.29 11.76 -18.61
N SER A 301 12.13 11.30 -19.53
CA SER A 301 12.38 12.12 -20.75
C SER A 301 12.20 11.22 -21.95
N TYR A 302 12.09 11.83 -23.14
CA TYR A 302 11.65 11.10 -24.34
C TYR A 302 12.81 10.68 -25.23
N LYS A 303 12.72 9.45 -25.71
CA LYS A 303 13.55 8.98 -26.79
C LYS A 303 12.60 8.63 -27.91
N LEU A 304 13.07 8.76 -29.13
CA LEU A 304 12.23 8.49 -30.26
C LEU A 304 12.49 7.10 -30.86
N GLU A 305 11.43 6.33 -31.06
CA GLU A 305 11.53 4.99 -31.62
C GLU A 305 10.77 4.87 -32.94
N VAL A 306 11.42 4.25 -33.92
CA VAL A 306 10.84 4.06 -35.24
C VAL A 306 10.71 2.59 -35.52
N TYR A 307 9.49 2.19 -35.87
CA TYR A 307 9.15 0.82 -36.15
C TYR A 307 8.49 0.64 -37.52
N THR A 308 8.63 -0.57 -38.08
CA THR A 308 7.81 -0.99 -39.19
C THR A 308 6.39 -1.16 -38.71
N LEU A 309 5.46 -1.19 -39.68
CA LEU A 309 4.06 -1.42 -39.44
C LEU A 309 3.84 -2.76 -38.78
N ASN A 310 4.82 -3.65 -38.89
CA ASN A 310 4.76 -4.93 -38.21
C ASN A 310 5.42 -4.93 -36.84
N GLY A 311 6.00 -3.81 -36.43
CA GLY A 311 6.49 -3.66 -35.07
C GLY A 311 7.95 -4.08 -34.88
N GLU A 312 8.67 -4.24 -35.98
CA GLU A 312 10.11 -4.39 -35.93
C GLU A 312 10.75 -3.02 -35.76
N LYS A 313 11.57 -2.88 -34.74
CA LYS A 313 12.23 -1.60 -34.48
C LYS A 313 13.33 -1.35 -35.49
N ILE A 314 13.27 -0.18 -36.11
CA ILE A 314 14.17 0.20 -37.21
C ILE A 314 15.29 1.10 -36.75
N LYS A 315 14.94 2.07 -35.92
CA LYS A 315 15.91 3.07 -35.50
C LYS A 315 15.48 3.66 -34.19
N GLU A 316 16.43 4.23 -33.49
CA GLU A 316 16.20 4.90 -32.22
C GLU A 316 16.86 6.27 -32.21
N ILE A 317 16.18 7.29 -31.70
CA ILE A 317 16.78 8.61 -31.66
C ILE A 317 16.70 9.18 -30.25
N THR A 318 17.85 9.59 -29.75
CA THR A 318 17.92 10.28 -28.46
C THR A 318 18.29 11.73 -28.67
N PHE A 319 18.15 12.51 -27.62
CA PHE A 319 18.39 13.94 -27.69
C PHE A 319 19.60 14.34 -26.87
N ASP A 320 20.25 15.44 -27.26
CA ASP A 320 21.43 15.93 -26.57
C ASP A 320 21.09 16.31 -25.12
N VAL A 321 19.92 16.88 -24.93
CA VAL A 321 19.46 17.29 -23.60
C VAL A 321 18.13 16.62 -23.31
N PRO A 322 18.00 16.00 -22.12
CA PRO A 322 16.71 15.41 -21.76
C PRO A 322 15.51 16.36 -21.99
N GLY A 323 14.52 15.90 -22.76
CA GLY A 323 13.41 16.76 -23.13
C GLY A 323 12.04 16.11 -23.15
N SER A 324 11.01 16.96 -23.23
CA SER A 324 9.65 16.52 -23.49
C SER A 324 9.46 16.64 -25.00
N LEU A 325 8.70 15.74 -25.58
CA LEU A 325 8.53 15.66 -27.03
C LEU A 325 7.12 15.22 -27.31
N TYR A 326 6.36 16.01 -28.08
CA TYR A 326 4.96 15.66 -28.34
C TYR A 326 4.54 15.92 -29.79
N PRO A 327 3.70 15.05 -30.37
CA PRO A 327 3.23 15.21 -31.73
C PRO A 327 2.21 16.32 -31.77
N LEU A 328 2.33 17.20 -32.75
CA LEU A 328 1.43 18.33 -32.88
C LEU A 328 0.42 18.10 -34.00
N ASP A 329 0.91 17.50 -35.09
CA ASP A 329 0.07 17.26 -36.25
C ASP A 329 0.76 16.32 -37.19
N LYS A 330 0.00 15.78 -38.11
CA LYS A 330 0.52 14.85 -39.09
C LYS A 330 -0.35 14.94 -40.30
N ASP A 331 0.23 14.57 -41.43
CA ASP A 331 -0.49 14.33 -42.65
C ASP A 331 0.00 12.97 -43.12
N GLU A 332 -0.15 12.66 -44.39
CA GLU A 332 0.22 11.34 -44.88
C GLU A 332 1.73 11.18 -44.90
N GLU A 333 2.44 12.29 -45.02
CA GLU A 333 3.87 12.26 -45.31
C GLU A 333 4.80 12.52 -44.12
N ARG A 334 4.34 13.29 -43.15
CA ARG A 334 5.25 13.85 -42.16
C ARG A 334 4.50 14.19 -40.87
N VAL A 335 5.23 14.17 -39.77
CA VAL A 335 4.69 14.61 -38.47
C VAL A 335 5.55 15.76 -37.90
N LEU A 336 4.88 16.68 -37.24
CA LEU A 336 5.52 17.81 -36.54
C LEU A 336 5.53 17.49 -35.08
N LEU A 337 6.69 17.67 -34.46
CA LEU A 337 6.85 17.40 -33.06
C LEU A 337 7.35 18.66 -32.36
N ARG A 338 6.85 18.87 -31.14
CA ARG A 338 7.32 19.96 -30.29
C ARG A 338 8.20 19.39 -29.19
N TYR A 339 9.40 19.95 -29.06
CA TYR A 339 10.34 19.55 -28.04
C TYR A 339 10.42 20.73 -27.06
N THR A 340 10.65 20.44 -25.78
CA THR A 340 10.82 21.49 -24.80
C THR A 340 11.72 20.95 -23.66
N SER A 341 12.50 21.81 -23.00
CA SER A 341 13.25 21.34 -21.86
C SER A 341 13.51 22.53 -20.94
N PHE A 342 14.19 22.30 -19.82
CA PHE A 342 14.39 23.34 -18.79
C PHE A 342 15.01 24.62 -19.32
N THR A 343 15.94 24.51 -20.26
CA THR A 343 16.56 25.70 -20.81
C THR A 343 16.30 25.79 -22.30
N ILE A 344 15.31 25.06 -22.80
CA ILE A 344 14.96 25.16 -24.22
C ILE A 344 13.45 25.36 -24.34
N PRO A 345 12.99 26.65 -24.39
CA PRO A 345 11.56 26.92 -24.55
C PRO A 345 10.88 26.04 -25.57
N TYR A 346 11.47 25.92 -26.76
CA TYR A 346 10.98 24.94 -27.71
C TYR A 346 11.95 24.64 -28.85
N ARG A 347 11.74 23.46 -29.44
CA ARG A 347 12.24 23.10 -30.77
C ARG A 347 11.07 22.58 -31.55
N LEU A 348 11.02 22.93 -32.81
CA LEU A 348 10.05 22.37 -33.71
C LEU A 348 10.79 21.41 -34.64
N TYR A 349 10.38 20.13 -34.62
CA TYR A 349 10.97 19.08 -35.44
C TYR A 349 9.97 18.59 -36.47
N GLU A 350 10.52 18.11 -37.59
CA GLU A 350 9.74 17.47 -38.63
C GLU A 350 10.24 16.04 -38.82
N PHE A 351 9.32 15.09 -38.72
CA PHE A 351 9.68 13.74 -39.04
C PHE A 351 9.00 13.27 -40.29
N LYS A 352 9.81 12.84 -41.27
CA LYS A 352 9.23 12.24 -42.48
C LYS A 352 9.76 10.77 -42.52
N ASP A 353 11.01 10.54 -42.91
CA ASP A 353 11.67 9.26 -42.73
C ASP A 353 12.70 9.39 -41.63
N ASP A 354 13.08 10.64 -41.38
CA ASP A 354 14.04 10.93 -40.33
C ASP A 354 13.67 12.25 -39.61
N LEU A 355 14.39 12.56 -38.53
CA LEU A 355 14.09 13.74 -37.72
C LEU A 355 14.86 15.00 -38.13
N ARG A 356 14.14 16.08 -38.41
CA ARG A 356 14.80 17.33 -38.78
C ARG A 356 14.24 18.51 -38.01
N LEU A 357 15.19 19.29 -37.51
CA LEU A 357 14.91 20.47 -36.72
C LEU A 357 14.61 21.64 -37.62
N ILE A 358 13.47 22.33 -37.40
CA ILE A 358 13.10 23.45 -38.26
C ILE A 358 12.93 24.78 -37.50
N GLU A 359 13.09 24.72 -36.18
CA GLU A 359 13.07 25.94 -35.37
C GLU A 359 13.55 25.66 -33.95
N GLU A 360 14.23 26.62 -33.35
CA GLU A 360 14.70 26.48 -32.00
C GLU A 360 14.83 27.82 -31.33
N ARG A 361 14.45 27.80 -30.06
CA ARG A 361 14.64 28.89 -29.16
C ARG A 361 15.21 28.26 -27.93
N LYS A 362 16.40 28.70 -27.55
CA LYS A 362 17.01 28.16 -26.36
C LYS A 362 17.57 29.28 -25.55
N VAL A 363 17.61 29.07 -24.24
CA VAL A 363 18.23 30.04 -23.36
C VAL A 363 19.74 29.80 -23.32
N GLU A 364 20.44 30.83 -23.72
CA GLU A 364 21.86 30.88 -23.78
C GLU A 364 22.50 30.87 -22.39
N GLY A 365 23.54 30.07 -22.22
CA GLY A 365 24.24 30.01 -20.95
C GLY A 365 24.89 28.65 -20.79
N GLU A 366 25.76 28.51 -19.79
CA GLU A 366 26.38 27.20 -19.58
C GLU A 366 25.46 26.53 -18.55
N PHE A 367 24.40 25.88 -19.03
CA PHE A 367 23.49 25.17 -18.13
C PHE A 367 23.77 23.68 -18.28
N ARG A 368 23.60 22.96 -17.19
CA ARG A 368 23.79 21.52 -17.16
C ARG A 368 22.48 20.88 -16.77
N VAL A 369 22.13 19.78 -17.42
CA VAL A 369 21.00 18.97 -16.98
C VAL A 369 21.56 17.64 -16.53
N GLU A 370 21.35 17.34 -15.25
CA GLU A 370 21.77 16.06 -14.66
C GLU A 370 20.57 15.33 -14.09
N GLU A 371 20.81 14.09 -13.68
CA GLU A 371 19.77 13.25 -13.14
C GLU A 371 20.34 12.39 -12.04
N ASP A 372 19.51 12.13 -11.05
CA ASP A 372 19.89 11.25 -9.96
C ASP A 372 18.64 10.59 -9.45
N PHE A 373 18.81 9.83 -8.39
CA PHE A 373 17.73 9.10 -7.77
C PHE A 373 17.86 9.26 -6.30
N ALA A 374 16.73 9.45 -5.61
CA ALA A 374 16.70 9.34 -4.15
C ALA A 374 16.02 8.02 -3.78
N THR A 375 16.26 7.51 -2.58
CA THR A 375 15.62 6.27 -2.19
C THR A 375 14.54 6.55 -1.13
N SER A 376 13.31 6.18 -1.46
CA SER A 376 12.17 6.44 -0.60
C SER A 376 12.12 5.48 0.58
N LYS A 377 11.15 5.71 1.46
CA LYS A 377 10.92 4.90 2.64
C LYS A 377 10.94 3.41 2.34
N ASP A 378 10.17 3.01 1.34
CA ASP A 378 9.99 1.60 0.97
C ASP A 378 10.96 1.07 -0.12
N GLY A 379 12.00 1.83 -0.44
CA GLY A 379 13.01 1.35 -1.39
C GLY A 379 12.83 1.86 -2.81
N THR A 380 11.67 2.44 -3.08
CA THR A 380 11.36 2.98 -4.41
C THR A 380 12.39 4.02 -4.81
N LYS A 381 12.90 3.90 -6.04
CA LYS A 381 13.87 4.89 -6.51
C LYS A 381 13.13 6.12 -7.09
N VAL A 382 13.47 7.29 -6.58
CA VAL A 382 12.80 8.51 -6.97
C VAL A 382 13.73 9.28 -7.89
N HIS A 383 13.48 9.16 -9.19
CA HIS A 383 14.23 9.91 -10.19
C HIS A 383 13.97 11.35 -10.02
N TYR A 384 14.99 12.17 -10.27
CA TYR A 384 14.80 13.60 -10.38
C TYR A 384 15.80 14.21 -11.33
N PHE A 385 15.35 15.30 -11.95
CA PHE A 385 16.20 16.15 -12.78
C PHE A 385 16.89 17.19 -11.93
N ILE A 386 18.11 17.52 -12.32
CA ILE A 386 18.92 18.60 -11.71
C ILE A 386 19.31 19.62 -12.79
N VAL A 387 19.01 20.88 -12.55
CA VAL A 387 19.39 21.94 -13.47
C VAL A 387 20.27 22.94 -12.72
N LYS A 388 21.42 23.23 -13.32
CA LYS A 388 22.42 24.10 -12.69
C LYS A 388 23.05 25.10 -13.62
N GLY A 389 23.44 26.23 -13.04
CA GLY A 389 24.16 27.25 -13.77
C GLY A 389 25.65 27.03 -13.59
N GLU A 390 26.44 28.05 -13.94
CA GLU A 390 27.88 27.96 -13.83
C GLU A 390 28.32 28.02 -12.38
N ARG A 391 27.49 28.64 -11.56
CA ARG A 391 27.76 28.89 -10.13
C ARG A 391 26.87 28.06 -9.22
N ASP A 392 27.35 27.74 -8.02
CA ASP A 392 26.59 26.91 -7.09
C ASP A 392 26.62 27.48 -5.66
N GLU A 393 25.53 28.15 -5.31
CA GLU A 393 25.34 28.75 -4.00
C GLU A 393 24.60 27.80 -3.04
N LYS A 394 24.45 26.54 -3.43
CA LYS A 394 23.87 25.51 -2.56
C LYS A 394 22.45 25.89 -2.16
N ARG A 395 21.65 26.26 -3.15
CA ARG A 395 20.27 26.67 -2.92
C ARG A 395 19.43 26.02 -3.98
N ALA A 396 18.46 25.23 -3.52
CA ALA A 396 17.72 24.34 -4.41
C ALA A 396 16.24 24.68 -4.35
N TRP A 397 15.62 24.77 -5.52
CA TRP A 397 14.19 24.99 -5.69
C TRP A 397 13.63 23.70 -6.28
N VAL A 398 12.78 23.01 -5.52
CA VAL A 398 12.46 21.63 -5.83
C VAL A 398 10.98 21.52 -6.14
N PHE A 399 10.67 21.04 -7.33
CA PHE A 399 9.30 21.02 -7.80
C PHE A 399 8.79 19.59 -7.95
N GLY A 400 7.60 19.32 -7.44
CA GLY A 400 6.99 18.03 -7.66
C GLY A 400 5.49 18.14 -7.85
N TYR A 401 4.86 17.06 -8.26
CA TYR A 401 3.41 17.04 -8.44
C TYR A 401 2.91 15.74 -7.81
N GLY A 402 3.04 14.63 -8.53
CA GLY A 402 2.74 13.32 -7.99
C GLY A 402 1.27 12.99 -7.90
N GLY A 403 0.65 12.73 -9.06
CA GLY A 403 -0.75 12.40 -9.09
C GLY A 403 -1.32 12.42 -10.49
N PHE A 404 -2.51 11.84 -10.59
CA PHE A 404 -3.39 12.05 -11.73
C PHE A 404 -2.80 11.55 -13.06
N ASN A 405 -1.85 10.64 -12.96
CA ASN A 405 -1.31 9.98 -14.15
C ASN A 405 -0.58 10.99 -15.05
N ILE A 406 -0.05 12.03 -14.42
CA ILE A 406 0.73 13.05 -15.12
C ILE A 406 2.19 12.82 -14.87
N ALA A 407 2.96 12.53 -15.91
CA ALA A 407 4.42 12.46 -15.73
C ALA A 407 4.99 13.89 -15.68
N LEU A 408 5.94 14.14 -14.79
CA LEU A 408 6.62 15.42 -14.82
C LEU A 408 7.83 15.33 -15.76
N THR A 409 7.74 15.87 -16.96
CA THR A 409 8.82 15.74 -17.95
C THR A 409 9.43 17.13 -18.21
N PRO A 410 10.61 17.18 -18.85
CA PRO A 410 11.29 18.47 -18.89
C PRO A 410 10.45 19.53 -19.56
N MET A 411 10.44 20.73 -18.99
CA MET A 411 9.75 21.85 -19.60
C MET A 411 10.38 23.17 -19.14
N PHE A 412 10.01 24.26 -19.78
CA PHE A 412 10.60 25.57 -19.52
C PHE A 412 9.86 26.34 -18.44
N PHE A 413 10.60 26.65 -17.38
CA PHE A 413 10.09 27.46 -16.27
C PHE A 413 10.79 28.80 -16.35
N PRO A 414 10.12 29.84 -16.83
CA PRO A 414 10.80 31.11 -17.09
C PRO A 414 11.47 31.77 -15.87
N GLN A 415 10.84 31.74 -14.69
CA GLN A 415 11.38 32.41 -13.49
C GLN A 415 12.54 31.64 -12.80
N VAL A 416 12.82 30.42 -13.26
CA VAL A 416 13.91 29.63 -12.73
C VAL A 416 15.24 30.09 -13.34
N ILE A 417 15.21 30.62 -14.55
CA ILE A 417 16.46 31.01 -15.21
C ILE A 417 17.27 32.03 -14.37
N PRO A 418 16.63 33.11 -13.90
CA PRO A 418 17.40 34.06 -13.08
C PRO A 418 17.86 33.42 -11.80
N PHE A 419 17.17 32.37 -11.40
CA PHE A 419 17.57 31.67 -10.19
C PHE A 419 18.87 30.91 -10.42
N LEU A 420 18.94 30.20 -11.54
CA LEU A 420 20.15 29.48 -11.94
C LEU A 420 21.33 30.44 -12.08
N LYS A 421 21.05 31.61 -12.63
CA LYS A 421 22.07 32.64 -12.84
C LYS A 421 22.63 33.16 -11.51
N ARG A 422 21.86 33.00 -10.44
CA ARG A 422 22.27 33.44 -9.12
C ARG A 422 22.83 32.33 -8.26
N GLY A 423 23.20 31.21 -8.88
CA GLY A 423 23.81 30.10 -8.15
C GLY A 423 22.80 29.02 -7.73
N GLY A 424 21.53 29.22 -8.06
CA GLY A 424 20.53 28.24 -7.69
C GLY A 424 20.56 26.97 -8.51
N THR A 425 19.90 25.95 -7.99
CA THR A 425 19.75 24.65 -8.61
C THR A 425 18.27 24.39 -8.69
N PHE A 426 17.76 23.96 -9.84
CA PHE A 426 16.34 23.56 -9.95
C PHE A 426 16.24 22.05 -9.96
N ILE A 427 15.27 21.51 -9.20
CA ILE A 427 15.09 20.07 -9.07
C ILE A 427 13.65 19.76 -9.46
N MET A 428 13.50 18.79 -10.33
CA MET A 428 12.17 18.29 -10.73
C MET A 428 12.11 16.83 -10.39
N ALA A 429 11.24 16.50 -9.45
CA ALA A 429 11.18 15.15 -8.94
C ALA A 429 10.05 14.35 -9.53
N ASN A 430 10.33 13.06 -9.79
CA ASN A 430 9.37 12.12 -10.40
C ASN A 430 8.79 11.17 -9.36
N LEU A 431 7.73 11.64 -8.76
CA LEU A 431 7.08 10.94 -7.67
C LEU A 431 6.02 9.98 -8.17
N ARG A 432 5.71 9.01 -7.33
CA ARG A 432 4.56 8.17 -7.61
C ARG A 432 3.28 8.97 -7.75
N GLY A 433 2.31 8.34 -8.39
CA GLY A 433 1.03 8.95 -8.69
C GLY A 433 1.03 9.52 -10.12
N GLY A 434 2.24 9.72 -10.65
CA GLY A 434 2.40 10.11 -12.04
C GLY A 434 2.34 8.92 -13.00
N SER A 435 2.69 9.14 -14.29
CA SER A 435 2.67 8.08 -15.31
C SER A 435 4.09 7.67 -15.72
N GLU A 436 5.08 8.16 -14.97
CA GLU A 436 6.47 7.97 -15.34
C GLU A 436 6.79 6.51 -15.58
N TYR A 437 6.20 5.62 -14.79
CA TYR A 437 6.45 4.21 -14.95
C TYR A 437 5.14 3.42 -15.07
N GLY A 438 4.20 4.00 -15.79
CA GLY A 438 3.00 3.27 -16.14
C GLY A 438 1.85 3.43 -15.16
N GLU A 439 0.74 2.75 -15.46
CA GLU A 439 -0.46 2.79 -14.63
C GLU A 439 -0.20 2.31 -13.20
N GLU A 440 0.76 1.43 -13.04
CA GLU A 440 1.10 0.93 -11.71
C GLU A 440 1.75 2.02 -10.86
N TRP A 441 2.57 2.86 -11.50
CA TRP A 441 3.19 4.02 -10.86
C TRP A 441 2.11 4.97 -10.38
N HIS A 442 1.11 5.16 -11.23
CA HIS A 442 -0.03 6.05 -10.89
C HIS A 442 -0.83 5.47 -9.73
N ARG A 443 -1.20 4.19 -9.85
CA ARG A 443 -1.96 3.55 -8.78
C ARG A 443 -1.24 3.55 -7.46
N ALA A 444 0.09 3.47 -7.50
CA ALA A 444 0.93 3.47 -6.28
C ALA A 444 0.93 4.82 -5.55
N GLY A 445 0.19 5.80 -6.06
CA GLY A 445 -0.01 7.09 -5.38
C GLY A 445 -1.47 7.50 -5.18
N MET A 446 -2.42 6.62 -5.49
CA MET A 446 -3.84 6.95 -5.35
C MET A 446 -4.38 6.42 -4.01
N ARG A 447 -5.43 7.07 -3.51
CA ARG A 447 -6.19 6.60 -2.36
C ARG A 447 -5.29 6.29 -1.15
N GLU A 448 -5.30 5.06 -0.65
CA GLU A 448 -4.51 4.70 0.55
C GLU A 448 -3.01 4.81 0.31
N ASN A 449 -2.64 4.84 -0.96
CA ASN A 449 -1.23 4.94 -1.35
C ASN A 449 -0.74 6.38 -1.51
N LYS A 450 -1.59 7.36 -1.22
CA LYS A 450 -1.18 8.74 -1.46
C LYS A 450 0.03 9.10 -0.61
N GLN A 451 0.14 8.53 0.59
CA GLN A 451 1.28 8.80 1.48
C GLN A 451 2.61 8.42 0.79
N ASN A 452 2.56 7.47 -0.14
CA ASN A 452 3.80 7.12 -0.86
C ASN A 452 4.37 8.32 -1.60
N VAL A 453 3.47 9.15 -2.13
CA VAL A 453 3.88 10.33 -2.91
C VAL A 453 4.69 11.28 -2.01
N PHE A 454 4.16 11.51 -0.83
CA PHE A 454 4.82 12.39 0.13
C PHE A 454 6.15 11.77 0.56
N ASP A 455 6.16 10.45 0.76
CA ASP A 455 7.40 9.77 1.15
C ASP A 455 8.49 9.95 0.07
N ASP A 456 8.10 9.81 -1.19
CA ASP A 456 9.03 10.03 -2.30
C ASP A 456 9.59 11.45 -2.32
N PHE A 457 8.75 12.43 -2.01
CA PHE A 457 9.16 13.83 -2.07
C PHE A 457 10.07 14.13 -0.89
N ILE A 458 9.68 13.65 0.28
CA ILE A 458 10.53 13.72 1.47
C ILE A 458 11.93 13.15 1.20
N ALA A 459 11.98 12.05 0.47
CA ALA A 459 13.23 11.37 0.24
C ALA A 459 14.14 12.25 -0.61
N VAL A 460 13.58 12.92 -1.60
CA VAL A 460 14.37 13.87 -2.40
C VAL A 460 14.82 15.11 -1.57
N LEU A 461 13.89 15.71 -0.84
CA LEU A 461 14.21 16.87 -0.03
C LEU A 461 15.30 16.56 1.01
N GLU A 462 15.17 15.42 1.65
CA GLU A 462 16.10 15.06 2.71
C GLU A 462 17.48 14.77 2.13
N LYS A 463 17.53 14.19 0.94
CA LYS A 463 18.80 13.97 0.27
C LYS A 463 19.52 15.27 0.01
N LEU A 464 18.78 16.26 -0.48
CA LEU A 464 19.37 17.54 -0.83
C LEU A 464 19.87 18.22 0.44
N LYS A 465 19.11 18.10 1.53
CA LYS A 465 19.52 18.73 2.79
C LYS A 465 20.86 18.17 3.28
N LYS A 466 21.01 16.85 3.20
CA LYS A 466 22.19 16.13 3.65
C LYS A 466 23.39 16.49 2.82
N GLU A 467 23.15 16.84 1.57
CA GLU A 467 24.18 17.30 0.66
C GLU A 467 24.49 18.78 0.86
N GLY A 468 23.81 19.43 1.79
CA GLY A 468 24.16 20.78 2.17
C GLY A 468 23.37 21.89 1.49
N TYR A 469 22.31 21.53 0.75
CA TYR A 469 21.50 22.55 0.10
C TYR A 469 20.57 23.21 1.05
N LYS A 470 20.35 24.51 0.86
CA LYS A 470 19.13 25.14 1.36
C LYS A 470 18.02 24.78 0.35
N VAL A 471 16.82 24.46 0.85
CA VAL A 471 15.79 23.83 0.04
C VAL A 471 14.44 24.56 0.09
N ALA A 472 13.92 24.96 -1.08
CA ALA A 472 12.57 25.48 -1.18
C ALA A 472 11.72 24.46 -1.92
N ALA A 473 10.63 24.04 -1.30
CA ALA A 473 9.75 23.01 -1.89
C ALA A 473 8.59 23.73 -2.54
N TRP A 474 8.21 23.31 -3.73
CA TRP A 474 7.21 24.01 -4.54
C TRP A 474 6.35 23.04 -5.28
N GLY A 475 5.07 23.32 -5.29
CA GLY A 475 4.14 22.55 -6.09
C GLY A 475 2.84 23.30 -6.23
N ARG A 476 2.07 22.96 -7.27
CA ARG A 476 0.78 23.59 -7.50
C ARG A 476 -0.38 22.56 -7.58
N SER A 477 -1.60 23.00 -7.19
CA SER A 477 -2.82 22.30 -7.32
C SER A 477 -2.53 20.87 -6.64
N ASN A 478 -2.75 19.71 -7.24
CA ASN A 478 -2.40 18.49 -6.49
C ASN A 478 -0.97 18.62 -5.94
N GLY A 479 -0.16 19.40 -6.64
CA GLY A 479 1.19 19.71 -6.15
C GLY A 479 1.19 20.65 -4.95
N GLY A 480 0.10 21.41 -4.74
CA GLY A 480 -0.06 22.19 -3.53
C GLY A 480 -0.33 21.34 -2.30
N LEU A 481 -1.14 20.31 -2.51
CA LEU A 481 -1.35 19.27 -1.52
C LEU A 481 -0.02 18.63 -1.18
N LEU A 482 0.81 18.33 -2.18
CA LEU A 482 2.13 17.74 -1.96
C LEU A 482 2.95 18.50 -0.92
N VAL A 483 3.10 19.79 -1.14
CA VAL A 483 3.99 20.59 -0.30
C VAL A 483 3.31 20.81 1.07
N SER A 484 2.01 21.00 1.07
CA SER A 484 1.26 21.20 2.29
C SER A 484 1.36 19.98 3.19
N ALA A 485 1.14 18.79 2.63
CA ALA A 485 1.27 17.56 3.43
C ALA A 485 2.69 17.40 3.91
N THR A 486 3.64 17.69 3.04
CA THR A 486 5.02 17.46 3.40
C THR A 486 5.45 18.41 4.48
N LEU A 487 4.93 19.64 4.39
CA LEU A 487 5.17 20.66 5.39
C LEU A 487 4.69 20.28 6.78
N THR A 488 3.52 19.65 6.85
CA THR A 488 2.96 19.29 8.14
C THR A 488 3.59 18.00 8.70
N GLN A 489 4.24 17.21 7.84
CA GLN A 489 4.87 15.98 8.26
C GLN A 489 6.36 16.16 8.60
N ARG A 490 7.07 16.90 7.78
CA ARG A 490 8.52 17.00 7.90
C ARG A 490 9.00 18.41 7.56
N PRO A 491 8.56 19.40 8.33
CA PRO A 491 8.98 20.78 8.04
C PRO A 491 10.48 20.91 8.16
N ASP A 492 11.09 19.92 8.78
CA ASP A 492 12.52 19.92 8.97
C ASP A 492 13.29 19.66 7.70
N VAL A 493 12.63 19.19 6.61
CA VAL A 493 13.39 18.99 5.35
C VAL A 493 13.28 20.15 4.34
N MET A 494 12.70 21.27 4.74
CA MET A 494 12.61 22.43 3.85
C MET A 494 12.91 23.73 4.58
N ASP A 495 13.58 24.63 3.88
CA ASP A 495 13.91 25.95 4.44
C ASP A 495 12.92 27.00 3.96
N SER A 496 12.11 26.60 2.98
CA SER A 496 11.04 27.44 2.43
C SER A 496 9.99 26.52 1.79
N ALA A 497 8.72 26.92 1.84
CA ALA A 497 7.62 26.15 1.22
C ALA A 497 6.77 27.08 0.32
N LEU A 498 6.49 26.63 -0.92
CA LEU A 498 5.64 27.36 -1.84
C LEU A 498 4.49 26.46 -2.27
N ILE A 499 3.29 26.87 -1.89
CA ILE A 499 2.08 26.06 -2.01
C ILE A 499 1.12 26.77 -2.93
N GLY A 500 1.02 26.28 -4.16
CA GLY A 500 0.24 26.92 -5.20
C GLY A 500 -1.12 26.26 -5.35
N TYR A 501 -2.16 27.10 -5.41
CA TYR A 501 -3.53 26.70 -5.73
C TYR A 501 -3.86 25.34 -5.21
N PRO A 502 -3.75 25.15 -3.87
CA PRO A 502 -3.73 23.81 -3.30
C PRO A 502 -5.08 23.21 -2.99
N VAL A 503 -5.06 21.87 -2.92
CA VAL A 503 -6.10 21.11 -2.26
C VAL A 503 -5.59 20.83 -0.86
N ILE A 504 -6.43 21.06 0.13
CA ILE A 504 -5.99 21.07 1.54
C ILE A 504 -6.99 20.37 2.47
N ASP A 505 -8.24 20.75 2.33
CA ASP A 505 -9.31 20.16 3.13
C ASP A 505 -9.75 18.84 2.48
N MET A 506 -9.19 17.73 2.93
CA MET A 506 -9.45 16.44 2.27
C MET A 506 -10.80 15.78 2.67
N LEU A 507 -11.52 16.41 3.60
CA LEU A 507 -12.86 15.95 3.90
C LEU A 507 -13.95 16.73 3.19
N ARG A 508 -13.58 17.82 2.52
CA ARG A 508 -14.56 18.64 1.84
C ARG A 508 -14.15 18.99 0.38
N PHE A 509 -13.02 18.46 -0.11
CA PHE A 509 -12.60 18.81 -1.48
C PHE A 509 -13.72 18.51 -2.50
N HIS A 510 -14.49 17.46 -2.25
CA HIS A 510 -15.52 17.04 -3.21
C HIS A 510 -16.79 17.93 -3.28
N LYS A 511 -16.90 18.88 -2.37
CA LYS A 511 -18.03 19.81 -2.28
C LYS A 511 -17.78 21.19 -2.91
N LEU A 512 -16.60 21.40 -3.48
CA LEU A 512 -16.21 22.69 -4.03
C LEU A 512 -15.83 22.62 -5.50
N TYR A 513 -16.58 23.35 -6.34
CA TYR A 513 -16.31 23.44 -7.77
C TYR A 513 -16.25 22.03 -8.38
N ILE A 514 -15.16 21.68 -9.05
CA ILE A 514 -15.10 20.39 -9.75
C ILE A 514 -14.53 19.24 -8.89
N GLY A 515 -14.29 19.46 -7.61
CA GLY A 515 -13.50 18.52 -6.84
C GLY A 515 -13.98 17.08 -6.77
N SER A 516 -15.25 16.84 -7.06
CA SER A 516 -15.76 15.47 -6.96
C SER A 516 -15.07 14.59 -8.03
N VAL A 517 -14.57 15.25 -9.07
CA VAL A 517 -13.91 14.55 -10.16
C VAL A 517 -12.57 13.94 -9.67
N TRP A 518 -12.10 14.39 -8.51
CA TRP A 518 -10.86 13.89 -7.94
C TRP A 518 -11.09 12.73 -7.02
N ILE A 519 -12.34 12.30 -6.83
CA ILE A 519 -12.62 11.20 -5.88
C ILE A 519 -11.88 9.88 -6.22
N PRO A 520 -11.78 9.51 -7.50
CA PRO A 520 -11.04 8.28 -7.79
C PRO A 520 -9.56 8.38 -7.41
N GLU A 521 -9.00 9.59 -7.40
CA GLU A 521 -7.58 9.75 -7.10
C GLU A 521 -7.33 9.78 -5.58
N TYR A 522 -8.14 10.51 -4.83
CA TYR A 522 -7.92 10.71 -3.40
C TYR A 522 -8.71 9.76 -2.50
N GLY A 523 -9.88 9.35 -2.96
CA GLY A 523 -10.80 8.59 -2.13
C GLY A 523 -12.02 9.40 -1.82
N ASN A 524 -13.01 8.76 -1.18
CA ASN A 524 -14.32 9.39 -1.01
C ASN A 524 -14.60 9.72 0.46
N PRO A 525 -14.59 11.03 0.81
CA PRO A 525 -14.75 11.44 2.21
C PRO A 525 -16.06 11.05 2.88
N GLU A 526 -17.08 10.64 2.13
CA GLU A 526 -18.36 10.19 2.75
C GLU A 526 -18.23 8.78 3.31
N ASP A 527 -17.13 8.12 2.95
CA ASP A 527 -16.92 6.74 3.36
C ASP A 527 -15.92 6.74 4.51
N PRO A 528 -16.31 6.21 5.68
CA PRO A 528 -15.35 6.21 6.81
C PRO A 528 -14.10 5.44 6.48
N LYS A 529 -14.22 4.41 5.64
CA LYS A 529 -13.03 3.64 5.31
C LYS A 529 -11.99 4.50 4.59
N ASP A 530 -12.46 5.40 3.73
CA ASP A 530 -11.56 6.31 3.04
C ASP A 530 -11.11 7.44 3.98
N ARG A 531 -11.99 7.90 4.87
CA ARG A 531 -11.58 8.98 5.78
C ARG A 531 -10.43 8.56 6.65
N GLU A 532 -10.38 7.27 6.93
CA GLU A 532 -9.34 6.75 7.77
C GLU A 532 -7.95 7.05 7.20
N PHE A 533 -7.77 6.88 5.89
CA PHE A 533 -6.46 7.16 5.33
C PHE A 533 -6.36 8.61 4.93
N LEU A 534 -7.48 9.25 4.62
CA LEU A 534 -7.46 10.68 4.28
C LEU A 534 -7.01 11.55 5.46
N LEU A 535 -7.53 11.28 6.66
CA LEU A 535 -7.18 12.09 7.82
C LEU A 535 -5.77 11.86 8.32
N LYS A 536 -5.16 10.74 7.93
CA LYS A 536 -3.76 10.51 8.30
C LYS A 536 -2.84 11.59 7.69
N TYR A 537 -3.18 12.15 6.52
CA TYR A 537 -2.34 13.20 5.89
C TYR A 537 -2.98 14.58 5.67
N SER A 538 -4.31 14.65 5.72
CA SER A 538 -5.01 15.87 5.39
C SER A 538 -4.36 17.08 6.06
N PRO A 539 -3.80 18.02 5.27
CA PRO A 539 -3.11 19.11 5.95
C PRO A 539 -3.97 19.90 6.91
N TYR A 540 -5.25 20.07 6.56
CA TYR A 540 -6.20 20.82 7.36
C TYR A 540 -6.38 20.23 8.76
N HIS A 541 -6.15 18.92 8.88
CA HIS A 541 -6.30 18.19 10.12
C HIS A 541 -4.97 17.81 10.79
N ASN A 542 -3.87 18.20 10.19
CA ASN A 542 -2.59 17.67 10.64
C ASN A 542 -1.55 18.74 10.89
N VAL A 543 -2.01 19.95 11.19
CA VAL A 543 -1.13 21.02 11.62
C VAL A 543 -0.68 20.68 13.05
N ASP A 544 0.64 20.68 13.26
CA ASP A 544 1.23 20.28 14.53
C ASP A 544 1.78 21.54 15.21
N PRO A 545 1.16 21.96 16.33
CA PRO A 545 1.69 23.16 17.00
C PRO A 545 3.07 22.94 17.63
N LYS A 546 3.48 21.68 17.83
CA LYS A 546 4.80 21.44 18.43
C LYS A 546 5.96 21.60 17.46
N LYS A 547 5.66 21.75 16.18
CA LYS A 547 6.68 21.79 15.15
C LYS A 547 7.07 23.22 14.81
N LYS A 548 8.31 23.38 14.38
CA LYS A 548 8.76 24.68 13.87
C LYS A 548 8.61 24.69 12.35
N TYR A 549 7.93 25.69 11.79
CA TYR A 549 7.71 25.72 10.34
C TYR A 549 8.53 26.77 9.61
N PRO A 550 9.03 26.40 8.42
CA PRO A 550 9.77 27.39 7.64
C PRO A 550 8.83 28.41 7.04
N PRO A 551 9.39 29.51 6.54
CA PRO A 551 8.60 30.47 5.79
C PRO A 551 7.80 29.79 4.72
N THR A 552 6.52 30.13 4.65
CA THR A 552 5.59 29.43 3.75
C THR A 552 4.77 30.44 3.00
N LEU A 553 4.69 30.28 1.67
CA LEU A 553 3.86 31.09 0.82
C LEU A 553 2.76 30.21 0.24
N ILE A 554 1.52 30.56 0.56
CA ILE A 554 0.36 29.98 -0.10
C ILE A 554 -0.12 30.99 -1.15
N TYR A 555 -0.30 30.55 -2.40
CA TYR A 555 -0.82 31.43 -3.44
C TYR A 555 -1.93 30.78 -4.22
N THR A 556 -2.93 31.58 -4.59
CA THR A 556 -4.10 31.10 -5.35
C THR A 556 -4.65 32.28 -6.10
N GLY A 557 -5.79 32.08 -6.72
CA GLY A 557 -6.43 33.15 -7.47
C GLY A 557 -7.87 33.17 -7.06
N LEU A 558 -8.36 34.35 -6.73
CA LEU A 558 -9.75 34.54 -6.28
C LEU A 558 -10.78 34.00 -7.27
N HIS A 559 -10.47 34.02 -8.56
CA HIS A 559 -11.43 33.64 -9.58
C HIS A 559 -11.07 32.35 -10.30
N ASP A 560 -10.22 31.52 -9.71
CA ASP A 560 -9.96 30.19 -10.28
C ASP A 560 -11.27 29.38 -10.23
N ASP A 561 -11.58 28.64 -11.28
CA ASP A 561 -12.86 27.88 -11.32
C ASP A 561 -12.71 26.37 -11.21
N ARG A 562 -11.49 25.92 -10.95
CA ARG A 562 -11.18 24.49 -10.76
C ARG A 562 -10.85 24.13 -9.33
N VAL A 563 -9.86 24.81 -8.76
CA VAL A 563 -9.42 24.55 -7.38
C VAL A 563 -9.83 25.72 -6.50
N HIS A 564 -10.84 25.49 -5.66
CA HIS A 564 -11.47 26.53 -4.87
C HIS A 564 -10.48 27.17 -3.90
N PRO A 565 -10.38 28.52 -3.91
CA PRO A 565 -9.47 29.24 -3.04
C PRO A 565 -9.67 28.98 -1.56
N ALA A 566 -10.84 28.49 -1.18
CA ALA A 566 -11.08 28.20 0.23
C ALA A 566 -10.05 27.21 0.83
N HIS A 567 -9.57 26.27 0.03
CA HIS A 567 -8.51 25.37 0.53
C HIS A 567 -7.35 26.18 1.05
N ALA A 568 -6.90 27.11 0.20
CA ALA A 568 -5.73 27.91 0.56
C ALA A 568 -6.00 28.75 1.79
N LEU A 569 -7.20 29.35 1.85
CA LEU A 569 -7.57 30.24 2.93
C LEU A 569 -7.60 29.50 4.24
N LYS A 570 -8.22 28.31 4.23
CA LYS A 570 -8.30 27.48 5.43
C LYS A 570 -6.91 26.99 5.93
N PHE A 571 -6.00 26.67 5.02
CA PHE A 571 -4.68 26.22 5.47
C PHE A 571 -3.92 27.37 6.04
N PHE A 572 -4.02 28.50 5.35
CA PHE A 572 -3.46 29.76 5.88
C PHE A 572 -3.97 30.06 7.31
N MET A 573 -5.27 29.91 7.57
CA MET A 573 -5.77 30.22 8.91
C MET A 573 -5.21 29.23 9.92
N LYS A 574 -5.14 27.93 9.56
CA LYS A 574 -4.52 26.93 10.43
C LYS A 574 -3.08 27.19 10.85
N LEU A 575 -2.25 27.68 9.93
CA LEU A 575 -0.86 28.02 10.23
C LEU A 575 -0.77 29.31 11.06
N LYS A 576 -1.70 30.24 10.79
CA LYS A 576 -1.84 31.46 11.57
C LYS A 576 -2.14 31.12 13.02
N GLU A 577 -2.92 30.06 13.22
CA GLU A 577 -3.30 29.66 14.58
C GLU A 577 -2.11 29.26 15.41
N ILE A 578 -1.06 28.72 14.78
CA ILE A 578 0.11 28.34 15.54
C ILE A 578 1.28 29.32 15.38
N GLY A 579 1.01 30.50 14.83
CA GLY A 579 2.03 31.53 14.69
C GLY A 579 3.12 31.16 13.70
N ALA A 580 2.81 30.32 12.72
CA ALA A 580 3.82 29.94 11.68
C ALA A 580 4.14 31.13 10.77
N PRO A 581 5.36 31.18 10.21
CA PRO A 581 5.74 32.27 9.30
C PRO A 581 5.11 32.07 7.91
N VAL A 582 3.78 32.22 7.84
CA VAL A 582 3.05 31.95 6.61
C VAL A 582 2.55 33.23 5.95
N TYR A 583 2.58 33.21 4.62
CA TYR A 583 2.10 34.30 3.77
C TYR A 583 1.07 33.80 2.79
N LEU A 584 0.21 34.72 2.34
CA LEU A 584 -0.90 34.44 1.43
C LEU A 584 -1.00 35.49 0.37
N ARG A 585 -0.91 35.02 -0.86
CA ARG A 585 -1.04 35.81 -2.06
C ARG A 585 -2.25 35.33 -2.85
N VAL A 586 -3.22 36.21 -3.04
CA VAL A 586 -4.41 35.87 -3.82
C VAL A 586 -4.45 36.82 -4.98
N GLU A 587 -4.25 36.27 -6.16
CA GLU A 587 -4.37 37.01 -7.39
C GLU A 587 -5.79 37.50 -7.61
N THR A 588 -5.97 38.80 -7.87
CA THR A 588 -7.34 39.31 -8.07
C THR A 588 -7.66 39.70 -9.52
N LYS A 589 -6.65 39.82 -10.36
CA LYS A 589 -6.92 40.26 -11.74
C LYS A 589 -7.43 39.06 -12.55
N SER A 590 -8.27 39.34 -13.53
CA SER A 590 -9.05 38.29 -14.19
C SER A 590 -8.39 37.58 -15.36
N GLY A 591 -8.76 36.30 -15.48
CA GLY A 591 -8.35 35.45 -16.58
C GLY A 591 -7.09 34.63 -16.34
N HIS A 592 -6.50 34.01 -17.34
CA HIS A 592 -5.28 33.27 -16.94
C HIS A 592 -4.02 33.95 -17.58
N MET A 593 -3.17 33.13 -18.19
CA MET A 593 -1.92 33.59 -18.77
C MET A 593 -1.67 33.41 -20.27
N GLY A 594 -2.54 32.74 -21.00
CA GLY A 594 -2.20 32.43 -22.39
C GLY A 594 -1.90 33.65 -23.27
N ALA A 595 -2.66 34.72 -23.11
CA ALA A 595 -2.44 35.96 -23.86
C ALA A 595 -2.58 37.17 -22.94
N SER A 596 -2.42 36.96 -21.62
CA SER A 596 -2.37 38.04 -20.62
C SER A 596 -1.19 37.81 -19.66
N PRO A 597 0.01 37.93 -20.22
CA PRO A 597 1.29 37.57 -19.65
C PRO A 597 1.76 38.34 -18.44
N GLU A 598 1.43 39.63 -18.30
CA GLU A 598 2.05 40.41 -17.23
C GLU A 598 1.58 39.96 -15.85
N THR A 599 0.30 39.64 -15.73
CA THR A 599 -0.22 39.17 -14.44
C THR A 599 0.41 37.84 -14.05
N ARG A 600 0.55 36.94 -15.03
CA ARG A 600 1.18 35.65 -14.79
C ARG A 600 2.67 35.76 -14.51
N ALA A 601 3.37 36.60 -15.26
CA ALA A 601 4.81 36.82 -15.02
C ALA A 601 5.08 37.43 -13.63
N ARG A 602 4.20 38.33 -13.18
CA ARG A 602 4.36 38.91 -11.84
C ARG A 602 4.20 37.82 -10.76
N GLU A 603 3.19 36.99 -10.93
CA GLU A 603 2.99 35.86 -10.03
C GLU A 603 4.29 35.03 -9.95
N LEU A 604 4.85 34.69 -11.09
CA LEU A 604 6.06 33.90 -11.10
C LEU A 604 7.25 34.68 -10.51
N THR A 605 7.31 35.97 -10.77
CA THR A 605 8.36 36.79 -10.17
C THR A 605 8.17 36.82 -8.67
N ASP A 606 6.92 36.90 -8.20
CA ASP A 606 6.72 36.86 -6.78
C ASP A 606 7.26 35.57 -6.15
N LEU A 607 7.07 34.44 -6.83
CA LEU A 607 7.61 33.19 -6.31
C LEU A 607 9.14 33.19 -6.24
N LEU A 608 9.78 33.62 -7.31
CA LEU A 608 11.24 33.70 -7.35
C LEU A 608 11.75 34.60 -6.20
N ALA A 609 11.08 35.74 -6.02
CA ALA A 609 11.45 36.70 -4.98
C ALA A 609 11.31 36.04 -3.61
N PHE A 610 10.25 35.27 -3.43
CA PHE A 610 10.07 34.60 -2.14
C PHE A 610 11.15 33.57 -1.90
N VAL A 611 11.53 32.83 -2.92
CA VAL A 611 12.59 31.85 -2.73
C VAL A 611 13.90 32.58 -2.37
N LEU A 612 14.24 33.64 -3.11
CA LEU A 612 15.50 34.34 -2.90
C LEU A 612 15.63 34.98 -1.53
N LYS A 613 14.53 35.52 -1.03
CA LYS A 613 14.54 36.15 0.28
C LYS A 613 14.54 35.15 1.44
N THR A 614 13.78 34.07 1.31
CA THR A 614 13.57 33.16 2.45
C THR A 614 14.68 32.15 2.65
N LEU A 615 15.45 31.89 1.60
CA LEU A 615 16.60 31.01 1.68
C LEU A 615 17.87 31.77 2.07
N SER A 616 17.71 33.06 2.36
CA SER A 616 18.83 33.93 2.79
C SER A 616 18.49 34.78 4.03
N MET B 1 25.28 -13.98 -4.74
CA MET B 1 25.45 -12.70 -3.97
C MET B 1 26.32 -12.96 -2.76
N GLU B 2 27.46 -12.27 -2.71
CA GLU B 2 28.44 -12.51 -1.67
C GLU B 2 27.91 -12.16 -0.29
N ASP B 3 28.35 -12.93 0.71
CA ASP B 3 27.96 -12.79 2.11
C ASP B 3 29.15 -13.21 2.95
N PRO B 4 29.71 -12.29 3.77
CA PRO B 4 30.97 -12.56 4.48
C PRO B 4 30.84 -13.61 5.59
N TYR B 5 29.61 -13.91 6.03
CA TYR B 5 29.39 -14.86 7.11
C TYR B 5 28.56 -16.06 6.68
N ILE B 6 28.57 -16.35 5.40
CA ILE B 6 27.80 -17.47 4.87
C ILE B 6 28.25 -18.81 5.46
N TRP B 7 29.53 -18.88 5.82
CA TRP B 7 30.07 -20.11 6.39
C TRP B 7 29.40 -20.49 7.71
N MET B 8 28.74 -19.52 8.33
CA MET B 8 28.07 -19.72 9.61
C MET B 8 26.77 -20.46 9.45
N GLU B 9 26.31 -20.58 8.21
CA GLU B 9 25.10 -21.33 7.94
C GLU B 9 25.35 -22.82 8.11
N ASN B 10 26.62 -23.24 8.11
CA ASN B 10 26.98 -24.62 8.44
C ASN B 10 27.21 -24.73 9.93
N LEU B 11 26.19 -25.23 10.62
CA LEU B 11 26.24 -25.24 12.09
C LEU B 11 27.22 -26.28 12.66
N GLU B 12 27.87 -27.07 11.79
CA GLU B 12 28.89 -28.04 12.27
C GLU B 12 30.34 -27.55 12.13
N ASP B 13 30.50 -26.41 11.49
CA ASP B 13 31.79 -25.74 11.43
C ASP B 13 32.29 -25.51 12.86
N GLU B 14 33.50 -25.95 13.13
CA GLU B 14 34.02 -25.88 14.49
C GLU B 14 34.22 -24.42 14.89
N ARG B 15 34.46 -23.56 13.90
CA ARG B 15 34.57 -22.14 14.16
C ARG B 15 33.26 -21.64 14.72
N VAL B 16 32.16 -22.12 14.13
CA VAL B 16 30.83 -21.72 14.58
C VAL B 16 30.63 -22.19 15.99
N LEU B 17 30.97 -23.45 16.24
CA LEU B 17 30.72 -24.02 17.57
C LEU B 17 31.52 -23.29 18.64
N LYS B 18 32.73 -22.87 18.28
CA LYS B 18 33.60 -22.19 19.22
C LYS B 18 33.08 -20.80 19.59
N ILE B 19 32.59 -20.07 18.59
CA ILE B 19 31.94 -18.80 18.84
C ILE B 19 30.72 -19.04 19.76
N ILE B 20 29.93 -20.05 19.50
CA ILE B 20 28.79 -20.35 20.39
C ILE B 20 29.23 -20.60 21.85
N GLU B 21 30.28 -21.40 22.05
CA GLU B 21 30.75 -21.70 23.39
C GLU B 21 31.26 -20.45 24.10
N GLU B 22 32.05 -19.64 23.39
CA GLU B 22 32.64 -18.44 23.98
C GLU B 22 31.55 -17.48 24.41
N GLU B 23 30.57 -17.26 23.56
CA GLU B 23 29.57 -16.26 23.85
C GLU B 23 28.59 -16.74 24.91
N ASN B 24 28.25 -18.02 24.90
CA ASN B 24 27.44 -18.58 25.99
C ASN B 24 28.13 -18.35 27.33
N LYS B 25 29.46 -18.56 27.36
CA LYS B 25 30.28 -18.28 28.54
C LYS B 25 30.24 -16.82 28.93
N ARG B 26 30.42 -15.95 27.95
CA ARG B 26 30.43 -14.52 28.19
C ARG B 26 29.06 -14.04 28.71
N PHE B 27 28.00 -14.62 28.17
CA PHE B 27 26.67 -14.26 28.60
C PHE B 27 26.33 -14.76 29.99
N ARG B 28 26.71 -16.00 30.33
CA ARG B 28 26.42 -16.48 31.68
C ARG B 28 27.14 -15.65 32.72
N GLU B 29 28.36 -15.22 32.43
CA GLU B 29 29.08 -14.39 33.39
C GLU B 29 28.41 -13.03 33.57
N PHE B 30 27.79 -12.51 32.51
CA PHE B 30 27.14 -11.21 32.61
C PHE B 30 25.83 -11.27 33.43
N ILE B 31 25.00 -12.31 33.24
CA ILE B 31 23.73 -12.44 33.96
C ILE B 31 23.54 -13.67 34.86
N GLY B 32 24.57 -14.53 34.97
CA GLY B 32 24.47 -15.80 35.70
C GLY B 32 24.05 -15.67 37.16
N GLU B 33 24.69 -14.76 37.91
CA GLU B 33 24.35 -14.63 39.34
C GLU B 33 22.92 -14.14 39.53
N LEU B 34 22.54 -13.08 38.83
CA LEU B 34 21.19 -12.51 38.92
C LEU B 34 20.14 -13.54 38.45
N SER B 35 20.46 -14.23 37.37
CA SER B 35 19.57 -15.24 36.85
C SER B 35 19.33 -16.33 37.89
N ASP B 36 20.42 -16.79 38.50
CA ASP B 36 20.30 -17.83 39.52
C ASP B 36 19.43 -17.35 40.69
N LYS B 37 19.50 -16.06 41.02
CA LYS B 37 18.70 -15.52 42.11
C LYS B 37 17.23 -15.40 41.71
N LEU B 38 16.98 -15.13 40.45
CA LEU B 38 15.59 -14.96 40.00
C LEU B 38 14.90 -16.27 39.62
N PHE B 39 15.70 -17.31 39.40
CA PHE B 39 15.11 -18.52 38.82
C PHE B 39 13.93 -19.12 39.63
N PRO B 40 14.05 -19.16 40.98
CA PRO B 40 12.98 -19.69 41.82
C PRO B 40 11.67 -18.94 41.61
N GLU B 41 11.70 -17.61 41.48
CA GLU B 41 10.49 -16.84 41.17
C GLU B 41 9.95 -17.19 39.81
N VAL B 42 10.81 -17.33 38.82
CA VAL B 42 10.32 -17.67 37.48
C VAL B 42 9.76 -19.10 37.47
N TRP B 43 10.47 -20.03 38.11
CA TRP B 43 10.07 -21.44 38.11
C TRP B 43 8.69 -21.62 38.76
N GLU B 44 8.47 -20.90 39.84
CA GLU B 44 7.18 -20.87 40.50
C GLU B 44 6.04 -20.55 39.51
N GLN B 45 6.23 -19.53 38.70
CA GLN B 45 5.22 -19.07 37.76
C GLN B 45 5.13 -19.99 36.56
N PHE B 46 6.27 -20.51 36.13
CA PHE B 46 6.36 -21.34 34.95
C PHE B 46 5.70 -22.69 35.19
N SER B 47 5.95 -23.25 36.37
CA SER B 47 5.66 -24.66 36.66
C SER B 47 4.31 -24.89 37.28
N GLN B 48 3.51 -23.82 37.45
CA GLN B 48 2.20 -24.00 38.08
C GLN B 48 1.27 -24.72 37.13
N PRO B 49 0.19 -25.31 37.68
CA PRO B 49 -0.72 -26.02 36.78
C PRO B 49 -1.23 -25.08 35.70
N THR B 50 -1.08 -25.50 34.46
CA THR B 50 -1.61 -24.72 33.33
C THR B 50 -2.29 -25.70 32.38
N ILE B 51 -3.57 -25.52 32.11
CA ILE B 51 -4.28 -26.45 31.22
C ILE B 51 -3.85 -26.25 29.78
N GLY B 52 -3.84 -27.35 29.03
CA GLY B 52 -3.56 -27.32 27.61
C GLY B 52 -4.84 -27.61 26.84
N MET B 53 -5.10 -28.89 26.58
CA MET B 53 -6.32 -29.33 25.91
C MET B 53 -7.36 -29.87 26.88
N ALA B 54 -8.62 -29.84 26.47
CA ALA B 54 -9.63 -30.52 27.25
C ALA B 54 -10.61 -31.20 26.34
N ARG B 55 -11.20 -32.28 26.84
CA ARG B 55 -12.14 -33.06 26.08
C ARG B 55 -13.30 -33.44 26.97
N ILE B 56 -14.49 -33.32 26.39
CA ILE B 56 -15.75 -33.73 26.99
C ILE B 56 -16.02 -35.17 26.59
N THR B 57 -16.27 -36.03 27.58
CA THR B 57 -16.74 -37.43 27.36
C THR B 57 -17.99 -37.66 28.19
N LYS B 58 -18.74 -38.72 27.88
CA LYS B 58 -19.94 -39.05 28.65
C LYS B 58 -19.60 -39.35 30.11
N LYS B 59 -18.33 -39.57 30.39
CA LYS B 59 -17.87 -39.92 31.73
C LYS B 59 -17.29 -38.71 32.49
N GLY B 60 -17.16 -37.58 31.80
CA GLY B 60 -16.64 -36.39 32.41
C GLY B 60 -15.58 -35.78 31.52
N ILE B 61 -14.94 -34.75 32.03
CA ILE B 61 -13.90 -34.03 31.29
C ILE B 61 -12.54 -34.69 31.49
N ILE B 62 -11.77 -34.78 30.41
CA ILE B 62 -10.39 -35.18 30.49
C ILE B 62 -9.56 -33.97 30.00
N ALA B 63 -8.50 -33.63 30.72
CA ALA B 63 -7.73 -32.45 30.39
C ALA B 63 -6.24 -32.75 30.47
N SER B 64 -5.43 -32.03 29.70
CA SER B 64 -3.97 -32.12 29.94
C SER B 64 -3.52 -30.86 30.67
N TYR B 65 -2.48 -31.00 31.49
CA TYR B 65 -1.87 -29.88 32.19
C TYR B 65 -0.38 -29.97 32.10
N SER B 66 0.26 -28.81 32.10
CA SER B 66 1.66 -28.71 32.47
C SER B 66 1.68 -28.41 33.95
N GLU B 67 2.52 -29.14 34.68
CA GLU B 67 2.68 -28.90 36.10
C GLU B 67 4.05 -29.39 36.56
N LYS B 68 4.77 -28.57 37.33
CA LYS B 68 6.05 -29.01 37.87
C LYS B 68 6.98 -29.22 36.65
N ASP B 69 7.66 -30.36 36.57
CA ASP B 69 8.58 -30.71 35.48
C ASP B 69 7.92 -31.64 34.45
N ARG B 70 6.61 -31.84 34.52
CA ARG B 70 5.92 -32.81 33.66
C ARG B 70 4.68 -32.29 32.93
N VAL B 71 4.15 -33.09 32.01
CA VAL B 71 2.82 -32.84 31.45
C VAL B 71 1.93 -34.02 31.86
N VAL B 72 0.65 -33.77 32.19
CA VAL B 72 -0.24 -34.88 32.55
C VAL B 72 -1.55 -34.81 31.83
N ILE B 73 -2.15 -35.98 31.59
CA ILE B 73 -3.52 -36.08 31.06
C ILE B 73 -4.31 -36.76 32.14
N LYS B 74 -5.38 -36.13 32.57
CA LYS B 74 -6.07 -36.61 33.74
C LYS B 74 -7.55 -36.41 33.63
N TRP B 75 -8.27 -37.22 34.38
CA TRP B 75 -9.65 -36.93 34.68
C TRP B 75 -9.71 -35.60 35.46
N PHE B 76 -10.61 -34.75 35.01
CA PHE B 76 -10.87 -33.46 35.63
C PHE B 76 -11.16 -33.61 37.11
N ASN B 77 -10.35 -32.99 37.97
CA ASN B 77 -10.39 -33.20 39.41
C ASN B 77 -10.33 -34.69 39.80
N GLY B 78 -9.62 -35.51 38.99
CA GLY B 78 -9.58 -36.93 39.24
C GLY B 78 -8.22 -37.49 38.86
N ASP B 79 -8.20 -38.80 38.60
CA ASP B 79 -6.97 -39.56 38.46
C ASP B 79 -6.20 -39.18 37.21
N VAL B 80 -4.89 -39.20 37.37
CA VAL B 80 -3.97 -39.04 36.27
C VAL B 80 -4.05 -40.28 35.39
N ILE B 81 -4.09 -40.06 34.09
CA ILE B 81 -4.14 -41.12 33.09
C ILE B 81 -2.76 -41.33 32.45
N VAL B 82 -2.16 -40.23 32.00
CA VAL B 82 -0.84 -40.30 31.37
C VAL B 82 0.03 -39.25 32.01
N ASP B 83 1.28 -39.61 32.33
CA ASP B 83 2.28 -38.74 32.98
C ASP B 83 3.60 -38.83 32.20
N SER B 84 4.09 -37.71 31.68
CA SER B 84 5.25 -37.68 30.78
C SER B 84 6.55 -38.22 31.45
N LYS B 85 6.72 -37.96 32.76
CA LYS B 85 7.85 -38.53 33.49
C LYS B 85 7.74 -40.05 33.54
N GLU B 86 6.53 -40.55 33.74
CA GLU B 86 6.32 -41.99 33.67
C GLU B 86 6.67 -42.53 32.28
N LEU B 87 6.31 -41.78 31.25
CA LEU B 87 6.61 -42.18 29.90
C LEU B 87 8.10 -42.18 29.71
N GLU B 88 8.72 -41.13 30.23
CA GLU B 88 10.16 -40.96 30.18
C GLU B 88 10.87 -42.15 30.84
N ARG B 89 10.42 -42.56 32.01
CA ARG B 89 11.03 -43.71 32.66
C ARG B 89 10.73 -44.98 31.89
N GLU B 90 9.53 -45.07 31.29
CA GLU B 90 9.21 -46.26 30.51
C GLU B 90 10.20 -46.44 29.34
N VAL B 91 10.34 -45.40 28.54
CA VAL B 91 11.11 -45.49 27.28
C VAL B 91 12.60 -45.14 27.44
N GLY B 92 12.98 -44.70 28.64
CA GLY B 92 14.37 -44.37 28.98
C GLY B 92 15.00 -43.22 28.24
N ASP B 93 14.22 -42.20 27.93
CA ASP B 93 14.71 -41.02 27.25
C ASP B 93 13.67 -39.94 27.44
N GLU B 94 14.07 -38.72 27.17
CA GLU B 94 13.21 -37.57 27.29
C GLU B 94 12.03 -37.67 26.34
N VAL B 95 10.89 -37.18 26.83
CA VAL B 95 9.67 -37.25 26.07
C VAL B 95 8.93 -35.94 26.01
N LEU B 96 8.42 -35.66 24.80
CA LEU B 96 7.49 -34.55 24.60
C LEU B 96 6.11 -35.11 24.37
N LEU B 97 5.20 -34.79 25.28
CA LEU B 97 3.84 -35.31 25.22
C LEU B 97 3.05 -34.27 24.47
N GLN B 98 2.52 -34.69 23.33
CA GLN B 98 2.12 -33.75 22.29
C GLN B 98 0.66 -33.35 22.28
N GLY B 99 -0.24 -34.31 22.16
CA GLY B 99 -1.66 -34.01 22.10
C GLY B 99 -2.45 -35.27 22.36
N PHE B 100 -3.75 -35.13 22.55
CA PHE B 100 -4.59 -36.29 22.81
C PHE B 100 -6.00 -36.05 22.35
N THR B 101 -6.74 -37.13 22.20
CA THR B 101 -8.20 -37.02 22.07
C THR B 101 -8.83 -38.28 22.67
N THR B 102 -10.15 -38.33 22.72
CA THR B 102 -10.83 -39.50 23.25
C THR B 102 -12.01 -39.83 22.35
N ASP B 103 -12.60 -41.01 22.54
CA ASP B 103 -13.89 -41.26 21.96
C ASP B 103 -14.93 -40.55 22.84
N GLU B 104 -16.11 -40.33 22.28
CA GLU B 104 -17.19 -39.61 22.95
C GLU B 104 -17.59 -40.27 24.27
N GLU B 105 -17.52 -41.58 24.29
CA GLU B 105 -17.92 -42.39 25.42
C GLU B 105 -16.95 -42.27 26.59
N GLY B 106 -15.71 -41.85 26.34
CA GLY B 106 -14.73 -41.84 27.43
C GLY B 106 -14.22 -43.24 27.78
N GLU B 107 -14.12 -44.12 26.78
CA GLU B 107 -13.64 -45.46 27.04
C GLU B 107 -12.29 -45.69 26.38
N LYS B 108 -11.98 -44.82 25.42
CA LYS B 108 -10.73 -44.88 24.66
C LYS B 108 -10.00 -43.52 24.68
N LEU B 109 -8.70 -43.54 24.84
CA LEU B 109 -7.91 -42.32 24.74
C LEU B 109 -6.73 -42.56 23.80
N ALA B 110 -6.46 -41.59 22.95
CA ALA B 110 -5.32 -41.65 22.05
C ALA B 110 -4.38 -40.56 22.46
N TYR B 111 -3.09 -40.84 22.64
CA TYR B 111 -2.14 -39.75 22.86
C TYR B 111 -0.89 -39.93 22.00
N SER B 112 -0.28 -38.80 21.67
CA SER B 112 0.93 -38.82 20.85
C SER B 112 2.10 -38.20 21.59
N PHE B 113 3.28 -38.74 21.31
CA PHE B 113 4.49 -38.24 21.91
C PHE B 113 5.68 -38.53 21.01
N SER B 114 6.77 -37.81 21.26
CA SER B 114 8.02 -38.00 20.55
C SER B 114 9.16 -38.25 21.54
N ILE B 115 9.97 -39.24 21.23
CA ILE B 115 11.12 -39.67 22.04
C ILE B 115 12.45 -39.06 21.57
N GLY B 116 13.24 -38.49 22.47
CA GLY B 116 14.61 -38.08 22.16
C GLY B 116 14.73 -37.14 20.98
N GLY B 117 13.75 -36.27 20.84
CA GLY B 117 13.72 -35.29 19.77
C GLY B 117 13.58 -35.88 18.39
N ALA B 118 12.96 -37.05 18.29
CA ALA B 118 12.73 -37.65 16.99
C ALA B 118 11.83 -36.78 16.15
N ASP B 119 12.08 -36.78 14.86
CA ASP B 119 11.22 -36.06 13.94
C ASP B 119 9.94 -36.87 13.72
N GLU B 120 9.99 -38.16 14.04
CA GLU B 120 8.79 -38.98 14.06
C GLU B 120 8.34 -39.13 15.50
N GLY B 121 7.04 -39.39 15.68
CA GLY B 121 6.51 -39.63 17.00
C GLY B 121 5.75 -40.92 17.01
N ILE B 122 5.13 -41.20 18.16
CA ILE B 122 4.34 -42.41 18.35
C ILE B 122 2.96 -42.01 18.84
N THR B 123 1.95 -42.72 18.35
CA THR B 123 0.57 -42.56 18.83
C THR B 123 0.15 -43.84 19.54
N ARG B 124 -0.40 -43.68 20.73
CA ARG B 124 -0.98 -44.79 21.47
C ARG B 124 -2.45 -44.58 21.71
N ILE B 125 -3.21 -45.65 21.54
CA ILE B 125 -4.63 -45.68 21.84
C ILE B 125 -4.82 -46.66 22.95
N ILE B 126 -5.42 -46.20 24.03
CA ILE B 126 -5.53 -47.02 25.23
C ILE B 126 -6.94 -47.15 25.72
N ASP B 127 -7.17 -48.23 26.45
CA ASP B 127 -8.43 -48.50 27.15
C ASP B 127 -8.38 -47.77 28.48
N LEU B 128 -9.35 -46.91 28.72
CA LEU B 128 -9.32 -46.04 29.89
C LEU B 128 -9.60 -46.80 31.19
N LYS B 129 -10.16 -48.01 31.06
CA LYS B 129 -10.38 -48.89 32.22
C LYS B 129 -9.16 -49.84 32.59
N THR B 130 -8.60 -50.52 31.60
CA THR B 130 -7.57 -51.52 31.84
C THR B 130 -6.12 -51.03 31.69
N GLY B 131 -5.91 -49.93 30.98
CA GLY B 131 -4.56 -49.46 30.68
C GLY B 131 -3.95 -50.20 29.51
N GLU B 132 -4.73 -51.06 28.87
CA GLU B 132 -4.20 -51.84 27.80
C GLU B 132 -3.87 -50.88 26.70
N VAL B 133 -2.66 -50.97 26.17
CA VAL B 133 -2.34 -50.31 24.91
C VAL B 133 -3.05 -51.11 23.82
N ILE B 134 -4.12 -50.53 23.28
CA ILE B 134 -4.94 -51.15 22.24
C ILE B 134 -4.26 -51.16 20.89
N GLU B 135 -3.46 -50.13 20.66
CA GLU B 135 -2.73 -49.95 19.42
C GLU B 135 -1.62 -48.93 19.67
N GLU B 136 -0.50 -49.11 19.00
CA GLU B 136 0.61 -48.17 18.99
C GLU B 136 0.97 -47.93 17.53
N ILE B 137 0.91 -46.69 17.12
CA ILE B 137 1.08 -46.34 15.71
C ILE B 137 2.32 -45.50 15.58
N LYS B 138 3.14 -45.87 14.61
CA LYS B 138 4.41 -45.24 14.30
C LYS B 138 4.68 -45.25 12.80
N PRO B 139 4.83 -44.07 12.17
CA PRO B 139 4.81 -42.76 12.83
C PRO B 139 3.44 -42.35 13.34
N SER B 140 3.43 -41.28 14.12
CA SER B 140 2.23 -40.83 14.82
C SER B 140 1.23 -40.26 13.84
N ILE B 141 -0.03 -40.41 14.18
CA ILE B 141 -1.12 -39.94 13.36
C ILE B 141 -1.85 -38.83 14.09
N TRP B 142 -2.79 -38.24 13.38
CA TRP B 142 -3.42 -37.00 13.78
C TRP B 142 -4.88 -37.01 13.53
N ASN B 143 -5.58 -36.15 14.26
CA ASN B 143 -6.98 -35.87 13.95
C ASN B 143 -7.80 -37.14 14.06
N ILE B 144 -7.48 -37.93 15.07
CA ILE B 144 -8.22 -39.16 15.30
C ILE B 144 -9.67 -38.82 15.61
N THR B 145 -10.59 -39.45 14.87
CA THR B 145 -12.03 -39.22 14.98
C THR B 145 -12.70 -40.59 15.07
N PHE B 146 -13.09 -40.95 16.28
CA PHE B 146 -13.59 -42.30 16.53
C PHE B 146 -15.01 -42.49 16.08
N LEU B 147 -15.21 -43.68 15.54
CA LEU B 147 -16.51 -44.19 15.24
C LEU B 147 -16.53 -45.46 16.05
N LYS B 148 -17.70 -46.05 16.21
CA LYS B 148 -17.85 -47.25 17.01
C LYS B 148 -16.82 -48.34 16.71
N ASP B 149 -16.67 -48.74 15.43
CA ASP B 149 -15.81 -49.89 15.09
C ASP B 149 -14.44 -49.54 14.48
N GLY B 150 -14.09 -48.26 14.45
CA GLY B 150 -12.79 -47.85 13.96
C GLY B 150 -12.56 -46.37 14.22
N TYR B 151 -11.64 -45.77 13.45
CA TYR B 151 -11.46 -44.34 13.52
C TYR B 151 -10.87 -43.79 12.22
N TYR B 152 -11.24 -42.53 11.91
CA TYR B 152 -10.55 -41.76 10.87
C TYR B 152 -9.32 -41.13 11.47
N PHE B 153 -8.33 -40.84 10.62
CA PHE B 153 -7.16 -40.07 11.04
C PHE B 153 -6.48 -39.53 9.80
N THR B 154 -5.59 -38.57 10.00
CA THR B 154 -4.77 -38.00 8.94
C THR B 154 -3.28 -38.34 9.17
N ARG B 155 -2.54 -38.43 8.07
CA ARG B 155 -1.07 -38.47 8.12
C ARG B 155 -0.55 -37.28 7.40
N PHE B 156 0.52 -36.71 7.95
CA PHE B 156 1.20 -35.58 7.38
C PHE B 156 2.56 -36.11 6.95
N TYR B 157 2.82 -36.00 5.66
CA TYR B 157 3.99 -36.57 5.05
C TYR B 157 5.03 -35.49 4.92
N ARG B 158 6.18 -35.69 5.55
CA ARG B 158 7.23 -34.65 5.54
C ARG B 158 8.51 -35.13 4.86
N LYS B 159 8.80 -36.42 4.98
CA LYS B 159 10.06 -36.97 4.48
C LYS B 159 9.84 -37.86 3.28
N GLU B 160 8.76 -38.64 3.35
CA GLU B 160 8.38 -39.59 2.33
C GLU B 160 7.30 -39.08 1.39
N LYS B 161 7.23 -39.66 0.20
CA LYS B 161 6.06 -39.42 -0.61
C LYS B 161 4.83 -40.08 0.01
N THR B 162 3.69 -39.51 -0.29
CA THR B 162 2.40 -40.09 0.09
C THR B 162 2.24 -41.44 -0.65
N PRO B 163 1.29 -42.31 -0.18
CA PRO B 163 1.06 -43.61 -0.82
C PRO B 163 0.68 -43.52 -2.30
N ASP B 164 -0.04 -42.47 -2.67
CA ASP B 164 -0.47 -42.33 -4.04
C ASP B 164 0.63 -41.72 -4.88
N GLY B 165 1.75 -41.31 -4.26
CA GLY B 165 2.93 -40.90 -5.04
C GLY B 165 3.18 -39.39 -5.18
N VAL B 166 2.71 -38.59 -4.22
CA VAL B 166 2.94 -37.14 -4.24
C VAL B 166 4.04 -36.75 -3.26
N ASN B 167 4.91 -35.81 -3.61
CA ASN B 167 5.93 -35.37 -2.67
C ASN B 167 5.38 -34.63 -1.47
N PRO B 168 6.13 -34.67 -0.35
CA PRO B 168 5.83 -33.84 0.83
C PRO B 168 6.10 -32.36 0.52
N PRO B 169 5.52 -31.43 1.29
CA PRO B 169 4.64 -31.74 2.42
C PRO B 169 3.26 -31.99 1.93
N ALA B 170 2.58 -32.95 2.52
CA ALA B 170 1.26 -33.29 2.12
C ALA B 170 0.50 -33.91 3.29
N ALA B 171 -0.80 -34.03 3.12
CA ALA B 171 -1.64 -34.68 4.14
C ALA B 171 -2.53 -35.65 3.42
N ARG B 172 -2.85 -36.78 4.07
CA ARG B 172 -3.79 -37.77 3.56
C ARG B 172 -4.69 -38.26 4.70
N MET B 173 -5.89 -38.68 4.36
CA MET B 173 -6.85 -39.12 5.37
C MET B 173 -7.19 -40.57 5.22
N PHE B 174 -7.21 -41.26 6.34
CA PHE B 174 -7.37 -42.70 6.37
C PHE B 174 -8.48 -43.16 7.29
N TRP B 175 -8.92 -44.39 7.05
CA TRP B 175 -9.84 -45.09 7.94
C TRP B 175 -9.14 -46.36 8.41
N LYS B 176 -9.29 -46.66 9.69
CA LYS B 176 -8.72 -47.85 10.30
C LYS B 176 -9.79 -48.60 11.11
N ASP B 177 -9.89 -49.91 10.88
CA ASP B 177 -10.75 -50.76 11.73
C ASP B 177 -10.06 -52.12 11.89
N ARG B 178 -10.75 -53.08 12.49
CA ARG B 178 -10.11 -54.40 12.77
C ARG B 178 -9.62 -55.07 11.50
N GLU B 179 -10.35 -54.83 10.42
CA GLU B 179 -10.09 -55.41 9.11
C GLU B 179 -8.88 -54.80 8.43
N GLY B 180 -8.49 -53.60 8.86
CA GLY B 180 -7.30 -52.95 8.30
C GLY B 180 -7.52 -51.47 8.02
N GLU B 181 -6.61 -50.87 7.24
CA GLU B 181 -6.64 -49.42 6.99
C GLU B 181 -6.72 -49.07 5.52
N ARG B 182 -7.44 -48.00 5.18
CA ARG B 182 -7.63 -47.60 3.80
C ARG B 182 -7.58 -46.08 3.67
N MET B 183 -7.08 -45.58 2.54
CA MET B 183 -7.09 -44.15 2.32
C MET B 183 -8.46 -43.69 1.85
N VAL B 184 -8.99 -42.65 2.49
CA VAL B 184 -10.36 -42.25 2.21
C VAL B 184 -10.46 -40.88 1.65
N PHE B 185 -9.38 -40.09 1.72
CA PHE B 185 -9.44 -38.75 1.19
C PHE B 185 -8.04 -38.20 0.92
N GLY B 186 -7.91 -37.55 -0.23
CA GLY B 186 -6.69 -36.85 -0.57
C GLY B 186 -5.94 -37.43 -1.78
N GLU B 187 -6.46 -38.51 -2.34
CA GLU B 187 -5.74 -39.18 -3.43
C GLU B 187 -5.47 -38.19 -4.57
N GLY B 188 -4.23 -38.16 -5.05
CA GLY B 188 -3.92 -37.28 -6.17
C GLY B 188 -3.65 -35.82 -5.82
N LEU B 189 -3.87 -35.40 -4.57
CA LEU B 189 -3.68 -33.98 -4.23
C LEU B 189 -2.20 -33.60 -4.17
N THR B 190 -1.81 -32.56 -4.89
CA THR B 190 -0.41 -32.22 -4.94
C THR B 190 0.08 -31.70 -3.59
N SER B 191 1.41 -31.56 -3.49
CA SER B 191 2.07 -31.11 -2.28
C SER B 191 1.51 -29.77 -1.85
N GLY B 192 1.31 -29.62 -0.54
CA GLY B 192 0.82 -28.36 0.00
C GLY B 192 -0.65 -28.35 0.45
N TYR B 193 -1.48 -29.29 -0.03
CA TYR B 193 -2.81 -29.43 0.54
C TYR B 193 -2.78 -30.07 1.91
N PHE B 194 -3.55 -29.50 2.82
CA PHE B 194 -3.69 -30.06 4.15
C PHE B 194 -5.15 -30.21 4.42
N MET B 195 -5.52 -31.20 5.20
CA MET B 195 -6.93 -31.52 5.42
C MET B 195 -7.18 -31.88 6.87
N SER B 196 -8.42 -31.73 7.29
CA SER B 196 -8.85 -32.16 8.63
C SER B 196 -10.33 -32.58 8.61
N ILE B 197 -10.73 -33.28 9.65
CA ILE B 197 -12.09 -33.76 9.74
C ILE B 197 -12.61 -33.52 11.14
N ARG B 198 -13.87 -33.16 11.19
CA ARG B 198 -14.61 -33.12 12.44
C ARG B 198 -16.01 -33.68 12.20
N LYS B 199 -16.63 -34.16 13.28
CA LYS B 199 -18.02 -34.53 13.26
C LYS B 199 -18.98 -33.34 13.38
N SER B 200 -20.17 -33.45 12.80
CA SER B 200 -21.24 -32.51 13.12
C SER B 200 -21.60 -32.75 14.57
N SER B 201 -22.26 -31.77 15.21
CA SER B 201 -22.58 -31.89 16.64
C SER B 201 -23.50 -33.09 16.91
N ASP B 202 -24.32 -33.46 15.95
CA ASP B 202 -25.21 -34.61 16.16
C ASP B 202 -24.52 -35.95 15.84
N GLY B 203 -23.29 -35.89 15.37
CA GLY B 203 -22.52 -37.06 15.06
C GLY B 203 -22.81 -37.70 13.72
N LYS B 204 -23.75 -37.15 12.95
CA LYS B 204 -24.19 -37.83 11.74
C LYS B 204 -23.36 -37.50 10.51
N PHE B 205 -22.60 -36.41 10.56
CA PHE B 205 -21.87 -35.99 9.37
C PHE B 205 -20.39 -35.81 9.59
N ALA B 206 -19.63 -36.14 8.56
CA ALA B 206 -18.26 -35.71 8.46
C ALA B 206 -18.21 -34.33 7.82
N ILE B 207 -17.40 -33.47 8.40
CA ILE B 207 -17.12 -32.13 7.88
C ILE B 207 -15.65 -32.15 7.62
N VAL B 208 -15.29 -32.11 6.34
CA VAL B 208 -13.92 -32.23 5.91
C VAL B 208 -13.47 -30.93 5.28
N THR B 209 -12.42 -30.36 5.87
CA THR B 209 -11.92 -29.08 5.43
C THR B 209 -10.56 -29.27 4.73
N LEU B 210 -10.40 -28.61 3.58
CA LEU B 210 -9.21 -28.69 2.74
C LEU B 210 -8.68 -27.26 2.54
N THR B 211 -7.37 -27.11 2.63
CA THR B 211 -6.73 -25.80 2.64
C THR B 211 -5.44 -25.91 1.86
N TYR B 212 -5.13 -24.87 1.10
CA TYR B 212 -3.84 -24.74 0.45
C TYR B 212 -3.26 -23.41 0.81
N GLY B 213 -2.29 -23.41 1.73
CA GLY B 213 -1.66 -22.17 2.16
C GLY B 213 -2.65 -21.11 2.58
N TRP B 214 -2.42 -19.89 2.11
CA TRP B 214 -3.30 -18.77 2.38
C TRP B 214 -4.38 -18.71 1.30
N ASN B 215 -4.32 -19.60 0.33
CA ASN B 215 -4.91 -19.28 -0.97
C ASN B 215 -6.08 -20.13 -1.48
N GLN B 216 -6.51 -21.11 -0.72
CA GLN B 216 -7.64 -21.92 -1.17
C GLN B 216 -8.26 -22.61 0.03
N GLY B 217 -9.59 -22.74 -0.02
CA GLY B 217 -10.33 -23.44 1.01
C GLY B 217 -11.44 -24.22 0.32
N GLU B 218 -11.71 -25.42 0.83
CA GLU B 218 -12.78 -26.25 0.35
C GLU B 218 -13.40 -26.98 1.51
N VAL B 219 -14.73 -27.14 1.47
CA VAL B 219 -15.43 -27.92 2.50
C VAL B 219 -16.24 -29.04 1.84
N TYR B 220 -16.13 -30.23 2.42
CA TYR B 220 -16.84 -31.42 2.00
C TYR B 220 -17.67 -31.93 3.18
N ILE B 221 -18.89 -32.39 2.91
CA ILE B 221 -19.70 -33.04 3.94
C ILE B 221 -20.30 -34.29 3.41
N GLY B 222 -20.71 -35.17 4.32
CA GLY B 222 -21.35 -36.41 3.94
C GLY B 222 -21.59 -37.28 5.14
N PRO B 223 -22.23 -38.45 4.94
CA PRO B 223 -22.47 -39.40 6.05
C PRO B 223 -21.14 -39.68 6.75
N ILE B 224 -21.13 -39.60 8.08
CA ILE B 224 -19.88 -39.77 8.79
C ILE B 224 -19.24 -41.13 8.47
N ASP B 225 -20.05 -42.14 8.15
CA ASP B 225 -19.47 -43.49 7.92
C ASP B 225 -19.34 -43.90 6.46
N ASN B 226 -19.39 -42.94 5.55
CA ASN B 226 -19.44 -43.28 4.13
C ASN B 226 -18.75 -42.22 3.27
N PRO B 227 -17.42 -42.29 3.22
CA PRO B 227 -16.62 -41.34 2.45
C PRO B 227 -16.89 -41.37 0.95
N GLN B 228 -17.48 -42.45 0.47
CA GLN B 228 -17.85 -42.56 -0.92
C GLN B 228 -18.91 -41.54 -1.27
N GLU B 229 -19.68 -41.10 -0.28
CA GLU B 229 -20.72 -40.08 -0.53
C GLU B 229 -20.44 -38.72 0.11
N TRP B 230 -19.17 -38.42 0.37
CA TRP B 230 -18.80 -37.11 0.85
C TRP B 230 -18.80 -36.14 -0.32
N LYS B 231 -19.35 -34.96 -0.11
CA LYS B 231 -19.63 -34.03 -1.20
C LYS B 231 -18.97 -32.70 -1.02
N LYS B 232 -18.39 -32.12 -2.07
CA LYS B 232 -17.93 -30.74 -1.95
C LYS B 232 -19.13 -29.82 -1.95
N VAL B 233 -19.19 -28.92 -0.96
CA VAL B 233 -20.33 -28.01 -0.84
C VAL B 233 -19.91 -26.56 -0.74
N TYR B 234 -18.60 -26.30 -0.63
CA TYR B 234 -18.12 -24.93 -0.57
C TYR B 234 -16.69 -24.83 -1.02
N SER B 235 -16.43 -23.77 -1.79
CA SER B 235 -15.10 -23.42 -2.28
C SER B 235 -14.86 -21.94 -2.00
N ALA B 236 -13.64 -21.60 -1.61
CA ALA B 236 -13.28 -20.20 -1.43
C ALA B 236 -11.85 -19.99 -1.83
N SER B 237 -11.50 -18.73 -2.13
CA SER B 237 -10.13 -18.38 -2.48
C SER B 237 -9.33 -18.03 -1.23
N VAL B 238 -9.89 -18.29 -0.06
CA VAL B 238 -9.14 -18.20 1.17
C VAL B 238 -9.53 -19.37 2.09
N PRO B 239 -8.67 -19.72 3.06
CA PRO B 239 -9.11 -20.70 4.04
C PRO B 239 -10.35 -20.23 4.75
N VAL B 240 -11.28 -21.15 4.94
CA VAL B 240 -12.49 -20.92 5.69
C VAL B 240 -12.64 -22.05 6.70
N GLU B 241 -13.51 -21.83 7.68
CA GLU B 241 -13.74 -22.76 8.78
C GLU B 241 -15.17 -23.20 8.88
N ALA B 242 -15.37 -24.51 8.74
CA ALA B 242 -16.70 -25.06 8.89
C ALA B 242 -16.97 -25.20 10.38
N ILE B 243 -18.14 -24.77 10.76
CA ILE B 243 -18.56 -24.74 12.15
C ILE B 243 -19.31 -26.02 12.44
N ASP B 244 -20.31 -26.34 11.60
CA ASP B 244 -21.25 -27.42 11.93
C ASP B 244 -22.25 -27.67 10.79
N VAL B 245 -22.94 -28.78 10.89
CA VAL B 245 -24.14 -29.04 10.08
C VAL B 245 -25.32 -29.17 11.05
N VAL B 246 -26.26 -28.24 10.95
CA VAL B 246 -27.39 -28.14 11.88
C VAL B 246 -28.66 -27.86 11.11
N ASN B 247 -29.67 -28.70 11.31
CA ASN B 247 -30.96 -28.49 10.65
C ASN B 247 -30.79 -28.42 9.14
N GLY B 248 -29.91 -29.24 8.57
CA GLY B 248 -29.83 -29.32 7.12
C GLY B 248 -28.94 -28.28 6.48
N LYS B 249 -28.35 -27.42 7.30
CA LYS B 249 -27.54 -26.30 6.83
C LYS B 249 -26.09 -26.39 7.28
N LEU B 250 -25.17 -26.19 6.35
CA LEU B 250 -23.75 -26.12 6.69
C LEU B 250 -23.41 -24.67 7.08
N TYR B 251 -22.79 -24.51 8.27
CA TYR B 251 -22.41 -23.19 8.81
C TYR B 251 -20.91 -23.01 8.70
N ILE B 252 -20.52 -21.85 8.16
CA ILE B 252 -19.15 -21.54 7.85
C ILE B 252 -18.77 -20.16 8.34
N LEU B 253 -17.60 -20.08 8.95
CA LEU B 253 -16.98 -18.82 9.26
C LEU B 253 -16.03 -18.47 8.13
N THR B 254 -16.32 -17.36 7.43
CA THR B 254 -15.50 -16.97 6.28
C THR B 254 -15.02 -15.53 6.38
N LYS B 255 -13.74 -15.37 6.04
CA LYS B 255 -13.06 -14.08 5.95
C LYS B 255 -12.78 -13.73 4.49
N GLU B 256 -13.56 -14.29 3.60
CA GLU B 256 -13.42 -14.02 2.18
C GLU B 256 -13.66 -12.58 1.82
N GLY B 257 -12.95 -12.14 0.78
CA GLY B 257 -13.14 -10.79 0.30
C GLY B 257 -12.44 -9.83 1.23
N LYS B 258 -11.40 -10.30 1.92
CA LYS B 258 -10.66 -9.47 2.86
C LYS B 258 -11.54 -9.05 4.06
N GLY B 259 -12.68 -9.70 4.18
CA GLY B 259 -13.56 -9.47 5.30
C GLY B 259 -12.96 -9.77 6.66
N LEU B 260 -13.63 -9.22 7.66
CA LEU B 260 -13.25 -9.31 9.06
C LEU B 260 -13.83 -10.58 9.69
N GLY B 261 -14.67 -11.29 8.94
CA GLY B 261 -15.24 -12.53 9.43
C GLY B 261 -16.74 -12.46 9.61
N LYS B 262 -17.42 -13.40 8.95
CA LYS B 262 -18.88 -13.52 9.05
C LYS B 262 -19.25 -14.99 9.06
N ILE B 263 -20.49 -15.26 9.48
CA ILE B 263 -21.03 -16.60 9.45
C ILE B 263 -22.10 -16.71 8.36
N ILE B 264 -21.93 -17.69 7.48
CA ILE B 264 -22.89 -17.97 6.44
C ILE B 264 -23.50 -19.32 6.69
N ALA B 265 -24.60 -19.60 5.99
CA ALA B 265 -25.21 -20.90 6.06
C ALA B 265 -25.49 -21.26 4.63
N ILE B 266 -25.28 -22.53 4.34
CA ILE B 266 -25.37 -23.07 3.01
C ILE B 266 -26.38 -24.20 3.00
N LYS B 267 -27.33 -24.12 2.10
CA LYS B 267 -28.26 -25.23 1.91
C LYS B 267 -28.47 -25.43 0.43
N ASN B 268 -28.05 -26.60 -0.06
CA ASN B 268 -28.19 -27.00 -1.46
C ASN B 268 -27.62 -25.94 -2.39
N GLY B 269 -26.45 -25.41 -2.07
CA GLY B 269 -25.82 -24.42 -2.94
C GLY B 269 -26.29 -23.01 -2.65
N LYS B 270 -27.35 -22.86 -1.86
CA LYS B 270 -27.88 -21.53 -1.50
C LYS B 270 -27.23 -20.98 -0.27
N ILE B 271 -27.00 -19.67 -0.24
CA ILE B 271 -26.27 -19.04 0.84
C ILE B 271 -26.99 -17.86 1.47
N ASP B 272 -27.16 -17.91 2.79
CA ASP B 272 -27.63 -16.79 3.60
C ASP B 272 -26.54 -16.34 4.61
N GLU B 273 -26.45 -15.03 4.82
CA GLU B 273 -25.71 -14.47 5.93
C GLU B 273 -26.44 -14.66 7.25
N VAL B 274 -25.77 -15.25 8.23
CA VAL B 274 -26.36 -15.43 9.54
C VAL B 274 -25.89 -14.36 10.49
N ILE B 275 -24.57 -14.18 10.55
CA ILE B 275 -23.98 -13.05 11.27
C ILE B 275 -23.10 -12.29 10.28
N PRO B 276 -23.56 -11.12 9.83
CA PRO B 276 -22.78 -10.39 8.83
C PRO B 276 -21.48 -9.81 9.38
N GLU B 277 -20.60 -9.38 8.48
CA GLU B 277 -19.35 -8.75 8.89
C GLU B 277 -19.64 -7.54 9.80
N GLY B 278 -18.87 -7.46 10.86
CA GLY B 278 -19.05 -6.40 11.83
C GLY B 278 -17.85 -5.48 11.88
N GLU B 279 -17.80 -4.76 12.99
CA GLU B 279 -16.81 -3.78 13.35
C GLU B 279 -15.39 -4.36 13.51
N PHE B 280 -15.34 -5.48 14.18
CA PHE B 280 -14.11 -6.12 14.55
C PHE B 280 -14.10 -7.57 14.09
N PRO B 281 -12.90 -8.15 14.03
CA PRO B 281 -12.82 -9.53 13.52
C PRO B 281 -13.64 -10.52 14.32
N LEU B 282 -14.21 -11.46 13.57
CA LEU B 282 -14.89 -12.60 14.13
C LEU B 282 -13.94 -13.78 14.00
N GLU B 283 -13.36 -14.20 15.12
CA GLU B 283 -12.24 -15.15 15.12
C GLU B 283 -12.62 -16.63 15.17
N TRP B 284 -13.71 -16.97 15.85
CA TRP B 284 -14.19 -18.36 15.89
C TRP B 284 -15.65 -18.42 16.28
N ALA B 285 -16.31 -19.52 15.94
CA ALA B 285 -17.71 -19.66 16.25
C ALA B 285 -18.04 -21.12 16.48
N VAL B 286 -18.94 -21.38 17.42
CA VAL B 286 -19.44 -22.74 17.67
C VAL B 286 -20.95 -22.69 17.91
N ILE B 287 -21.63 -23.78 17.60
CA ILE B 287 -23.06 -23.89 17.81
C ILE B 287 -23.33 -24.87 18.94
N VAL B 288 -24.14 -24.44 19.90
CA VAL B 288 -24.42 -25.28 21.05
C VAL B 288 -25.84 -25.02 21.47
N ARG B 289 -26.58 -26.11 21.60
CA ARG B 289 -27.99 -26.04 21.88
C ARG B 289 -28.64 -25.23 20.73
N ASP B 290 -29.37 -24.15 20.99
CA ASP B 290 -29.98 -23.41 19.87
C ASP B 290 -29.30 -22.05 19.65
N LYS B 291 -28.00 -21.99 19.95
CA LYS B 291 -27.28 -20.73 19.93
C LYS B 291 -25.92 -20.83 19.21
N ILE B 292 -25.46 -19.69 18.72
CA ILE B 292 -24.12 -19.48 18.18
C ILE B 292 -23.30 -18.67 19.17
N LEU B 293 -22.16 -19.22 19.55
CA LEU B 293 -21.24 -18.56 20.42
C LEU B 293 -20.10 -18.04 19.56
N ALA B 294 -19.80 -16.76 19.65
CA ALA B 294 -18.82 -16.11 18.77
C ALA B 294 -17.74 -15.41 19.57
N GLY B 295 -16.50 -15.59 19.15
CA GLY B 295 -15.38 -14.88 19.73
C GLY B 295 -15.08 -13.67 18.88
N ARG B 296 -15.34 -12.50 19.44
CA ARG B 296 -15.19 -11.22 18.75
C ARG B 296 -13.96 -10.52 19.24
N LEU B 297 -13.05 -10.11 18.33
CA LEU B 297 -11.77 -9.55 18.76
C LEU B 297 -11.82 -8.04 18.74
N VAL B 298 -12.01 -7.45 19.91
CA VAL B 298 -12.17 -6.01 20.01
C VAL B 298 -10.92 -5.36 20.55
N HIS B 299 -10.20 -4.67 19.69
CA HIS B 299 -8.91 -4.08 20.09
C HIS B 299 -8.03 -5.13 20.80
N ALA B 300 -7.96 -6.29 20.15
CA ALA B 300 -6.99 -7.34 20.48
C ALA B 300 -7.31 -8.08 21.79
N SER B 301 -8.52 -7.97 22.31
CA SER B 301 -8.98 -8.92 23.37
C SER B 301 -10.39 -9.39 23.05
N TYR B 302 -10.84 -10.48 23.70
CA TYR B 302 -12.06 -11.18 23.27
C TYR B 302 -13.28 -10.76 24.02
N LYS B 303 -14.33 -10.64 23.23
CA LYS B 303 -15.70 -10.55 23.70
C LYS B 303 -16.40 -11.79 23.27
N LEU B 304 -17.34 -12.26 24.11
CA LEU B 304 -18.18 -13.39 23.74
C LEU B 304 -19.58 -12.88 23.33
N GLU B 305 -20.00 -13.24 22.13
CA GLU B 305 -21.30 -12.86 21.59
C GLU B 305 -22.12 -14.13 21.45
N VAL B 306 -23.37 -14.09 21.91
CA VAL B 306 -24.27 -15.22 21.85
C VAL B 306 -25.43 -14.83 20.93
N TYR B 307 -25.66 -15.64 19.91
CA TYR B 307 -26.73 -15.41 18.94
C TYR B 307 -27.67 -16.61 18.88
N THR B 308 -28.92 -16.36 18.51
CA THR B 308 -29.78 -17.44 18.10
C THR B 308 -29.25 -17.97 16.79
N LEU B 309 -29.64 -19.20 16.43
CA LEU B 309 -29.24 -19.83 15.16
C LEU B 309 -29.65 -19.03 13.95
N ASN B 310 -30.60 -18.13 14.14
CA ASN B 310 -30.94 -17.21 13.09
C ASN B 310 -30.15 -15.93 13.16
N GLY B 311 -29.23 -15.80 14.12
CA GLY B 311 -28.33 -14.67 14.11
C GLY B 311 -28.84 -13.41 14.82
N GLU B 312 -29.90 -13.56 15.61
CA GLU B 312 -30.35 -12.50 16.51
C GLU B 312 -29.50 -12.47 17.75
N LYS B 313 -28.98 -11.30 18.05
CA LYS B 313 -28.03 -11.18 19.12
C LYS B 313 -28.76 -11.27 20.45
N ILE B 314 -28.32 -12.20 21.29
CA ILE B 314 -28.98 -12.49 22.55
C ILE B 314 -28.28 -11.74 23.70
N LYS B 315 -26.95 -11.85 23.76
CA LYS B 315 -26.23 -11.14 24.77
C LYS B 315 -24.79 -11.06 24.32
N GLU B 316 -24.07 -10.13 24.94
CA GLU B 316 -22.65 -9.95 24.72
C GLU B 316 -22.04 -10.11 26.10
N ILE B 317 -20.89 -10.78 26.18
CA ILE B 317 -20.26 -11.03 27.47
C ILE B 317 -18.89 -10.45 27.44
N THR B 318 -18.59 -9.57 28.39
CA THR B 318 -17.26 -9.00 28.49
C THR B 318 -16.62 -9.57 29.72
N PHE B 319 -15.29 -9.50 29.77
CA PHE B 319 -14.56 -10.08 30.87
C PHE B 319 -13.97 -8.98 31.72
N ASP B 320 -13.73 -9.32 32.98
CA ASP B 320 -13.16 -8.41 33.97
C ASP B 320 -11.77 -7.94 33.55
N VAL B 321 -11.02 -8.84 32.97
CA VAL B 321 -9.66 -8.54 32.54
C VAL B 321 -9.52 -8.86 31.06
N PRO B 322 -8.94 -7.96 30.24
CA PRO B 322 -8.77 -8.29 28.84
C PRO B 322 -8.12 -9.63 28.66
N GLY B 323 -8.73 -10.51 27.88
CA GLY B 323 -8.23 -11.87 27.75
C GLY B 323 -8.27 -12.42 26.35
N SER B 324 -7.60 -13.55 26.16
CA SER B 324 -7.74 -14.36 24.96
C SER B 324 -8.69 -15.48 25.33
N LEU B 325 -9.50 -15.92 24.38
CA LEU B 325 -10.51 -16.92 24.63
C LEU B 325 -10.64 -17.82 23.41
N TYR B 326 -10.56 -19.15 23.59
CA TYR B 326 -10.61 -20.09 22.45
C TYR B 326 -11.40 -21.34 22.85
N PRO B 327 -12.17 -21.94 21.90
CA PRO B 327 -12.84 -23.20 22.23
C PRO B 327 -11.89 -24.36 22.30
N LEU B 328 -12.11 -25.23 23.27
CA LEU B 328 -11.31 -26.45 23.43
C LEU B 328 -12.06 -27.67 22.92
N ASP B 329 -13.35 -27.73 23.20
CA ASP B 329 -14.15 -28.87 22.79
C ASP B 329 -15.62 -28.56 22.99
N LYS B 330 -16.44 -29.37 22.36
CA LYS B 330 -17.85 -29.25 22.47
C LYS B 330 -18.56 -30.56 22.20
N ASP B 331 -19.73 -30.68 22.79
CA ASP B 331 -20.66 -31.72 22.45
C ASP B 331 -22.02 -31.05 22.21
N GLU B 332 -23.10 -31.81 22.27
CA GLU B 332 -24.42 -31.22 22.04
C GLU B 332 -24.91 -30.37 23.19
N GLU B 333 -24.34 -30.58 24.38
CA GLU B 333 -24.87 -29.94 25.57
C GLU B 333 -24.07 -28.73 25.97
N ARG B 334 -22.78 -28.73 25.65
CA ARG B 334 -21.89 -27.73 26.22
C ARG B 334 -20.60 -27.57 25.42
N VAL B 335 -19.96 -26.40 25.58
CA VAL B 335 -18.64 -26.13 25.00
C VAL B 335 -17.70 -25.75 26.13
N LEU B 336 -16.45 -26.17 26.00
CA LEU B 336 -15.38 -25.76 26.89
C LEU B 336 -14.57 -24.71 26.25
N LEU B 337 -14.30 -23.64 27.00
CA LEU B 337 -13.51 -22.53 26.50
C LEU B 337 -12.31 -22.29 27.39
N ARG B 338 -11.18 -21.97 26.75
CA ARG B 338 -9.96 -21.63 27.45
C ARG B 338 -9.70 -20.13 27.35
N TYR B 339 -9.57 -19.52 28.51
CA TYR B 339 -9.26 -18.10 28.68
C TYR B 339 -7.82 -17.94 29.25
N THR B 340 -7.09 -16.91 28.82
CA THR B 340 -5.78 -16.59 29.41
C THR B 340 -5.56 -15.07 29.35
N SER B 341 -4.79 -14.55 30.29
CA SER B 341 -4.37 -13.15 30.24
C SER B 341 -3.03 -12.97 30.95
N PHE B 342 -2.58 -11.75 30.98
CA PHE B 342 -1.26 -11.41 31.49
C PHE B 342 -0.99 -11.88 32.91
N THR B 343 -1.97 -11.83 33.81
CA THR B 343 -1.70 -12.35 35.16
C THR B 343 -2.61 -13.53 35.50
N ILE B 344 -3.09 -14.20 34.46
CA ILE B 344 -3.99 -15.32 34.55
C ILE B 344 -3.58 -16.47 33.65
N PRO B 345 -2.81 -17.44 34.18
CA PRO B 345 -2.41 -18.63 33.44
C PRO B 345 -3.54 -19.26 32.63
N TYR B 346 -4.67 -19.51 33.28
CA TYR B 346 -5.85 -19.92 32.54
C TYR B 346 -7.09 -19.79 33.38
N ARG B 347 -8.20 -19.70 32.66
CA ARG B 347 -9.51 -20.05 33.19
C ARG B 347 -10.11 -21.05 32.22
N LEU B 348 -10.79 -22.03 32.78
CA LEU B 348 -11.55 -22.95 31.96
C LEU B 348 -13.00 -22.59 32.17
N TYR B 349 -13.68 -22.27 31.07
CA TYR B 349 -15.10 -21.94 31.09
C TYR B 349 -15.94 -23.02 30.41
N GLU B 350 -17.16 -23.15 30.92
CA GLU B 350 -18.20 -24.04 30.37
C GLU B 350 -19.38 -23.20 29.95
N PHE B 351 -19.78 -23.30 28.69
CA PHE B 351 -21.02 -22.66 28.24
C PHE B 351 -22.05 -23.72 27.89
N LYS B 352 -23.24 -23.59 28.49
CA LYS B 352 -24.37 -24.45 28.19
C LYS B 352 -25.48 -23.59 27.62
N ASP B 353 -26.21 -22.94 28.52
CA ASP B 353 -27.10 -21.84 28.14
C ASP B 353 -26.48 -20.51 28.56
N ASP B 354 -25.53 -20.55 29.49
CA ASP B 354 -24.80 -19.35 29.89
C ASP B 354 -23.35 -19.69 30.20
N LEU B 355 -22.54 -18.67 30.46
CA LEU B 355 -21.11 -18.88 30.72
C LEU B 355 -20.79 -19.07 32.20
N ARG B 356 -20.07 -20.14 32.52
CA ARG B 356 -19.69 -20.49 33.87
C ARG B 356 -18.22 -20.87 33.99
N LEU B 357 -17.58 -20.30 34.98
CA LEU B 357 -16.18 -20.54 35.22
C LEU B 357 -16.04 -21.85 36.00
N ILE B 358 -15.23 -22.80 35.54
CA ILE B 358 -15.10 -24.08 36.25
C ILE B 358 -13.70 -24.43 36.70
N GLU B 359 -12.71 -23.60 36.36
CA GLU B 359 -11.40 -23.77 36.93
C GLU B 359 -10.57 -22.55 36.61
N GLU B 360 -9.74 -22.17 37.55
CA GLU B 360 -8.96 -20.98 37.39
C GLU B 360 -7.65 -21.04 38.12
N ARG B 361 -6.66 -20.41 37.49
CA ARG B 361 -5.35 -20.22 38.04
C ARG B 361 -5.00 -18.75 37.80
N LYS B 362 -4.79 -17.99 38.87
CA LYS B 362 -4.35 -16.63 38.69
C LYS B 362 -3.23 -16.21 39.68
N VAL B 363 -2.43 -15.25 39.26
CA VAL B 363 -1.29 -14.76 40.01
C VAL B 363 -1.73 -13.84 41.13
N GLU B 364 -1.25 -14.12 42.35
CA GLU B 364 -1.59 -13.27 43.50
C GLU B 364 -0.91 -11.91 43.43
N GLY B 365 -1.68 -10.86 43.70
CA GLY B 365 -1.14 -9.51 43.72
C GLY B 365 -2.08 -8.45 43.18
N GLU B 366 -1.67 -7.21 43.37
CA GLU B 366 -2.37 -6.04 42.86
C GLU B 366 -1.88 -5.62 41.46
N PHE B 367 -2.50 -6.20 40.44
CA PHE B 367 -2.15 -5.89 39.05
C PHE B 367 -3.27 -5.16 38.34
N ARG B 368 -2.88 -4.30 37.41
CA ARG B 368 -3.78 -3.56 36.54
C ARG B 368 -3.43 -3.85 35.05
N VAL B 369 -4.44 -4.05 34.22
CA VAL B 369 -4.24 -4.08 32.76
C VAL B 369 -4.96 -2.89 32.18
N GLU B 370 -4.21 -2.06 31.46
CA GLU B 370 -4.74 -0.85 30.82
C GLU B 370 -4.44 -0.91 29.35
N GLU B 371 -4.98 0.06 28.61
CA GLU B 371 -4.77 0.16 27.15
C GLU B 371 -4.60 1.60 26.80
N ASP B 372 -3.75 1.83 25.79
CA ASP B 372 -3.56 3.15 25.21
C ASP B 372 -3.17 2.99 23.75
N PHE B 373 -2.94 4.11 23.07
CA PHE B 373 -2.64 4.13 21.66
C PHE B 373 -1.54 5.10 21.48
N ALA B 374 -0.58 4.69 20.64
CA ALA B 374 0.45 5.56 20.12
C ALA B 374 0.05 5.98 18.72
N THR B 375 0.69 7.04 18.23
CA THR B 375 0.50 7.51 16.88
C THR B 375 1.74 7.23 16.05
N SER B 376 1.56 6.43 14.99
CA SER B 376 2.73 6.07 14.19
C SER B 376 3.12 7.23 13.30
N LYS B 377 4.28 7.12 12.67
CA LYS B 377 4.80 8.17 11.78
C LYS B 377 3.78 8.65 10.77
N ASP B 378 3.08 7.71 10.14
CA ASP B 378 2.13 8.05 9.06
C ASP B 378 0.72 8.35 9.55
N GLY B 379 0.52 8.46 10.85
CA GLY B 379 -0.80 8.77 11.38
C GLY B 379 -1.58 7.59 11.94
N THR B 380 -1.14 6.35 11.68
CA THR B 380 -1.85 5.18 12.22
C THR B 380 -1.82 5.11 13.76
N LYS B 381 -2.97 4.85 14.39
CA LYS B 381 -3.00 4.65 15.82
C LYS B 381 -2.58 3.20 16.11
N VAL B 382 -1.67 3.04 17.07
CA VAL B 382 -1.14 1.72 17.43
C VAL B 382 -1.54 1.38 18.88
N HIS B 383 -2.51 0.48 19.01
CA HIS B 383 -2.96 -0.02 20.31
C HIS B 383 -1.88 -0.77 21.05
N TYR B 384 -1.89 -0.72 22.37
CA TYR B 384 -1.04 -1.59 23.14
C TYR B 384 -1.64 -1.83 24.52
N PHE B 385 -1.35 -3.01 25.04
CA PHE B 385 -1.68 -3.32 26.43
C PHE B 385 -0.57 -2.84 27.41
N ILE B 386 -1.01 -2.40 28.58
CA ILE B 386 -0.10 -1.98 29.62
C ILE B 386 -0.41 -2.85 30.83
N VAL B 387 0.62 -3.44 31.42
CA VAL B 387 0.43 -4.27 32.63
C VAL B 387 1.34 -3.73 33.73
N LYS B 388 0.81 -3.49 34.91
CA LYS B 388 1.59 -2.91 35.99
C LYS B 388 1.28 -3.57 37.31
N GLY B 389 2.27 -3.56 38.19
CA GLY B 389 2.12 -3.97 39.58
C GLY B 389 1.85 -2.78 40.50
N GLU B 390 2.14 -2.96 41.79
CA GLU B 390 1.95 -1.93 42.83
C GLU B 390 2.91 -0.76 42.74
N ARG B 391 4.11 -1.05 42.27
CA ARG B 391 5.20 -0.08 42.24
C ARG B 391 5.48 0.29 40.79
N ASP B 392 5.99 1.49 40.57
CA ASP B 392 6.27 1.95 39.23
C ASP B 392 7.66 2.57 39.26
N GLU B 393 8.66 1.74 38.90
CA GLU B 393 10.09 2.14 38.88
C GLU B 393 10.50 2.67 37.51
N LYS B 394 9.49 2.91 36.70
CA LYS B 394 9.66 3.54 35.40
C LYS B 394 10.55 2.73 34.45
N ARG B 395 10.26 1.43 34.36
CA ARG B 395 10.98 0.51 33.47
C ARG B 395 9.96 -0.37 32.73
N ALA B 396 10.06 -0.33 31.41
CA ALA B 396 9.09 -0.97 30.54
C ALA B 396 9.77 -2.05 29.70
N TRP B 397 9.12 -3.20 29.60
CA TRP B 397 9.52 -4.35 28.76
C TRP B 397 8.40 -4.45 27.71
N VAL B 398 8.79 -4.21 26.47
CA VAL B 398 7.86 -3.97 25.39
C VAL B 398 7.99 -5.09 24.39
N PHE B 399 6.87 -5.78 24.15
CA PHE B 399 6.80 -6.96 23.31
C PHE B 399 5.96 -6.67 22.05
N GLY B 400 6.50 -7.03 20.89
CA GLY B 400 5.76 -6.93 19.64
C GLY B 400 6.08 -8.06 18.67
N TYR B 401 5.30 -8.15 17.61
CA TYR B 401 5.50 -9.21 16.60
C TYR B 401 5.28 -8.53 15.25
N GLY B 402 4.03 -8.32 14.87
CA GLY B 402 3.74 -7.55 13.67
C GLY B 402 3.96 -8.30 12.37
N GLY B 403 3.09 -9.27 12.12
CA GLY B 403 3.17 -10.03 10.88
C GLY B 403 2.31 -11.28 10.81
N PHE B 404 2.20 -11.81 9.60
CA PHE B 404 1.70 -13.15 9.35
C PHE B 404 0.25 -13.35 9.79
N ASN B 405 -0.50 -12.27 9.90
CA ASN B 405 -1.96 -12.33 10.21
C ASN B 405 -2.12 -12.91 11.60
N ILE B 406 -1.12 -12.70 12.44
CA ILE B 406 -1.21 -13.15 13.81
C ILE B 406 -1.51 -11.97 14.72
N ALA B 407 -2.66 -12.02 15.39
CA ALA B 407 -2.94 -10.98 16.38
C ALA B 407 -2.26 -11.27 17.70
N LEU B 408 -1.68 -10.24 18.32
CA LEU B 408 -1.14 -10.36 19.67
C LEU B 408 -2.20 -10.03 20.71
N THR B 409 -2.67 -11.08 21.38
CA THR B 409 -3.75 -11.00 22.36
C THR B 409 -3.19 -11.41 23.75
N PRO B 410 -3.90 -11.07 24.84
CA PRO B 410 -3.32 -11.30 26.16
C PRO B 410 -2.96 -12.75 26.37
N MET B 411 -1.81 -12.97 27.01
CA MET B 411 -1.38 -14.30 27.37
C MET B 411 -0.46 -14.17 28.53
N PHE B 412 -0.17 -15.31 29.12
CA PHE B 412 0.64 -15.36 30.34
C PHE B 412 2.14 -15.51 30.05
N PHE B 413 2.93 -14.57 30.55
CA PHE B 413 4.38 -14.63 30.40
C PHE B 413 4.94 -14.87 31.80
N PRO B 414 5.35 -16.10 32.10
CA PRO B 414 5.76 -16.35 33.50
C PRO B 414 6.90 -15.44 34.00
N GLN B 415 7.89 -15.17 33.15
CA GLN B 415 9.04 -14.41 33.63
C GLN B 415 8.73 -12.91 33.78
N VAL B 416 7.56 -12.48 33.30
CA VAL B 416 7.20 -11.08 33.40
C VAL B 416 6.65 -10.74 34.78
N ILE B 417 6.07 -11.74 35.45
CA ILE B 417 5.50 -11.51 36.77
C ILE B 417 6.56 -10.94 37.73
N PRO B 418 7.73 -11.59 37.86
CA PRO B 418 8.71 -11.02 38.80
C PRO B 418 9.20 -9.64 38.41
N PHE B 419 9.08 -9.29 37.14
CA PHE B 419 9.47 -7.97 36.67
C PHE B 419 8.44 -6.95 37.17
N LEU B 420 7.16 -7.28 37.02
CA LEU B 420 6.05 -6.45 37.52
C LEU B 420 6.23 -6.23 39.01
N LYS B 421 6.64 -7.29 39.71
CA LYS B 421 6.86 -7.24 41.16
C LYS B 421 7.94 -6.26 41.55
N ARG B 422 8.88 -5.99 40.66
CA ARG B 422 9.97 -5.07 40.98
C ARG B 422 9.74 -3.68 40.37
N GLY B 423 8.49 -3.36 40.00
CA GLY B 423 8.18 -2.01 39.56
C GLY B 423 8.14 -1.85 38.04
N GLY B 424 8.38 -2.95 37.35
CA GLY B 424 8.34 -2.96 35.89
C GLY B 424 6.91 -2.91 35.37
N THR B 425 6.84 -2.54 34.11
CA THR B 425 5.64 -2.38 33.34
C THR B 425 5.85 -3.26 32.12
N PHE B 426 4.85 -4.08 31.77
CA PHE B 426 4.87 -4.86 30.55
C PHE B 426 3.94 -4.25 29.52
N ILE B 427 4.43 -4.20 28.28
CA ILE B 427 3.72 -3.61 27.19
C ILE B 427 3.62 -4.62 26.03
N MET B 428 2.40 -4.80 25.53
CA MET B 428 2.18 -5.64 24.35
C MET B 428 1.60 -4.81 23.25
N ALA B 429 2.39 -4.64 22.19
CA ALA B 429 2.02 -3.73 21.11
C ALA B 429 1.31 -4.45 19.93
N ASN B 430 0.27 -3.84 19.38
CA ASN B 430 -0.50 -4.40 18.26
C ASN B 430 -0.16 -3.64 16.95
N LEU B 431 0.87 -4.13 16.28
CA LEU B 431 1.38 -3.50 15.07
C LEU B 431 0.66 -4.03 13.88
N ARG B 432 0.69 -3.26 12.79
CA ARG B 432 0.21 -3.72 11.49
C ARG B 432 0.94 -4.99 11.13
N GLY B 433 0.36 -5.79 10.23
CA GLY B 433 0.93 -7.08 9.87
C GLY B 433 0.29 -8.23 10.61
N GLY B 434 -0.28 -7.92 11.77
CA GLY B 434 -1.09 -8.87 12.51
C GLY B 434 -2.50 -8.87 11.97
N SER B 435 -3.40 -9.57 12.66
CA SER B 435 -4.78 -9.66 12.19
C SER B 435 -5.74 -8.90 13.08
N GLU B 436 -5.20 -8.07 13.98
CA GLU B 436 -6.03 -7.36 14.96
C GLU B 436 -7.19 -6.58 14.33
N TYR B 437 -6.99 -5.97 13.18
CA TYR B 437 -8.07 -5.24 12.57
C TYR B 437 -8.36 -5.76 11.18
N GLY B 438 -8.20 -7.07 11.01
CA GLY B 438 -8.61 -7.72 9.78
C GLY B 438 -7.49 -7.78 8.77
N GLU B 439 -7.77 -8.39 7.62
CA GLU B 439 -6.76 -8.63 6.60
C GLU B 439 -6.13 -7.34 6.06
N GLU B 440 -6.83 -6.23 6.09
CA GLU B 440 -6.26 -4.99 5.63
C GLU B 440 -5.13 -4.54 6.56
N TRP B 441 -5.34 -4.80 7.83
CA TRP B 441 -4.33 -4.53 8.86
C TRP B 441 -3.08 -5.34 8.58
N HIS B 442 -3.29 -6.59 8.14
CA HIS B 442 -2.23 -7.53 7.78
C HIS B 442 -1.48 -7.02 6.55
N ARG B 443 -2.24 -6.70 5.50
CA ARG B 443 -1.65 -6.23 4.24
C ARG B 443 -0.81 -4.99 4.44
N ALA B 444 -1.22 -4.14 5.40
CA ALA B 444 -0.52 -2.92 5.70
C ALA B 444 0.82 -3.17 6.41
N GLY B 445 1.17 -4.43 6.67
CA GLY B 445 2.48 -4.75 7.25
C GLY B 445 3.31 -5.75 6.46
N MET B 446 2.85 -6.08 5.23
CA MET B 446 3.51 -7.07 4.33
C MET B 446 4.34 -6.48 3.22
N ARG B 447 5.31 -7.26 2.76
CA ARG B 447 6.07 -6.93 1.57
C ARG B 447 6.63 -5.52 1.68
N GLU B 448 6.27 -4.65 0.74
CA GLU B 448 6.78 -3.27 0.73
C GLU B 448 6.31 -2.39 1.92
N ASN B 449 5.25 -2.84 2.60
CA ASN B 449 4.73 -2.14 3.76
C ASN B 449 5.32 -2.56 5.09
N LYS B 450 6.33 -3.41 5.05
CA LYS B 450 6.89 -3.99 6.27
C LYS B 450 7.43 -2.88 7.14
N GLN B 451 7.90 -1.79 6.51
CA GLN B 451 8.46 -0.65 7.27
C GLN B 451 7.41 -0.02 8.19
N ASN B 452 6.13 -0.09 7.81
CA ASN B 452 5.06 0.44 8.66
C ASN B 452 5.06 -0.27 10.03
N VAL B 453 5.37 -1.58 10.03
CA VAL B 453 5.40 -2.39 11.25
C VAL B 453 6.45 -1.84 12.23
N PHE B 454 7.62 -1.55 11.68
CA PHE B 454 8.71 -1.00 12.46
C PHE B 454 8.35 0.39 12.95
N ASP B 455 7.77 1.20 12.07
CA ASP B 455 7.37 2.52 12.48
C ASP B 455 6.35 2.46 13.65
N ASP B 456 5.43 1.51 13.59
CA ASP B 456 4.44 1.35 14.64
C ASP B 456 5.09 1.07 15.95
N PHE B 457 6.13 0.26 15.90
CA PHE B 457 6.80 -0.20 17.11
C PHE B 457 7.60 0.95 17.69
N ILE B 458 8.35 1.64 16.85
CA ILE B 458 9.08 2.82 17.23
C ILE B 458 8.19 3.83 17.94
N ALA B 459 6.95 3.96 17.46
CA ALA B 459 6.01 4.95 17.99
C ALA B 459 5.61 4.62 19.41
N VAL B 460 5.40 3.34 19.70
CA VAL B 460 5.14 2.92 21.06
C VAL B 460 6.41 3.13 21.95
N LEU B 461 7.58 2.72 21.49
CA LEU B 461 8.83 2.90 22.27
C LEU B 461 9.15 4.37 22.58
N GLU B 462 8.93 5.25 21.59
CA GLU B 462 9.25 6.65 21.77
C GLU B 462 8.21 7.30 22.70
N LYS B 463 6.96 6.85 22.67
CA LYS B 463 5.95 7.38 23.57
C LYS B 463 6.34 7.09 25.00
N LEU B 464 6.81 5.88 25.21
CA LEU B 464 7.22 5.49 26.55
C LEU B 464 8.49 6.26 26.91
N LYS B 465 9.44 6.40 26.00
CA LYS B 465 10.62 7.16 26.42
C LYS B 465 10.20 8.57 26.83
N LYS B 466 9.24 9.16 26.10
CA LYS B 466 8.81 10.51 26.39
C LYS B 466 8.15 10.61 27.76
N GLU B 467 7.51 9.53 28.21
CA GLU B 467 6.90 9.52 29.53
C GLU B 467 7.94 9.25 30.59
N GLY B 468 9.19 9.05 30.19
CA GLY B 468 10.26 8.92 31.17
C GLY B 468 10.65 7.48 31.50
N TYR B 469 10.13 6.51 30.76
CA TYR B 469 10.49 5.10 30.98
C TYR B 469 11.82 4.71 30.39
N LYS B 470 12.58 3.86 31.08
CA LYS B 470 13.64 3.09 30.47
C LYS B 470 12.97 1.93 29.75
N VAL B 471 13.44 1.60 28.56
CA VAL B 471 12.67 0.74 27.65
C VAL B 471 13.54 -0.43 27.17
N ALA B 472 13.05 -1.65 27.34
CA ALA B 472 13.63 -2.84 26.72
C ALA B 472 12.65 -3.34 25.68
N ALA B 473 13.14 -3.47 24.45
CA ALA B 473 12.32 -3.92 23.35
C ALA B 473 12.55 -5.42 23.16
N TRP B 474 11.48 -6.17 22.95
CA TRP B 474 11.59 -7.62 22.92
C TRP B 474 10.71 -8.22 21.86
N GLY B 475 11.25 -9.18 21.14
CA GLY B 475 10.44 -9.91 20.16
C GLY B 475 11.10 -11.19 19.75
N ARG B 476 10.32 -12.14 19.25
CA ARG B 476 10.85 -13.41 18.79
C ARG B 476 10.46 -13.68 17.32
N SER B 477 11.31 -14.40 16.60
CA SER B 477 11.02 -14.81 15.28
C SER B 477 10.71 -13.64 14.40
N ASN B 478 9.57 -13.55 13.73
CA ASN B 478 9.30 -12.35 12.95
C ASN B 478 9.45 -11.17 13.93
N GLY B 479 9.19 -11.45 15.21
CA GLY B 479 9.43 -10.48 16.27
C GLY B 479 10.91 -10.18 16.54
N GLY B 480 11.79 -11.14 16.20
CA GLY B 480 13.23 -10.91 16.26
C GLY B 480 13.64 -9.94 15.13
N LEU B 481 13.01 -10.12 13.99
CA LEU B 481 13.18 -9.16 12.89
C LEU B 481 12.73 -7.78 13.29
N LEU B 482 11.55 -7.71 13.92
CA LEU B 482 10.97 -6.46 14.43
C LEU B 482 12.02 -5.73 15.25
N VAL B 483 12.60 -6.42 16.23
CA VAL B 483 13.54 -5.70 17.15
C VAL B 483 14.86 -5.36 16.50
N SER B 484 15.37 -6.27 15.67
CA SER B 484 16.63 -6.06 14.98
C SER B 484 16.53 -4.85 14.05
N ALA B 485 15.42 -4.78 13.32
CA ALA B 485 15.20 -3.67 12.43
C ALA B 485 15.07 -2.34 13.19
N THR B 486 14.34 -2.34 14.31
CA THR B 486 14.13 -1.15 15.09
C THR B 486 15.49 -0.70 15.65
N LEU B 487 16.29 -1.69 16.06
CA LEU B 487 17.63 -1.43 16.60
C LEU B 487 18.53 -0.73 15.61
N THR B 488 18.52 -1.18 14.35
CA THR B 488 19.39 -0.59 13.37
C THR B 488 18.87 0.77 12.87
N GLN B 489 17.59 1.07 13.12
CA GLN B 489 16.98 2.32 12.66
C GLN B 489 16.93 3.38 13.75
N ARG B 490 16.52 3.01 14.95
CA ARG B 490 16.30 3.96 16.05
C ARG B 490 16.76 3.39 17.40
N PRO B 491 18.06 3.13 17.54
CA PRO B 491 18.59 2.61 18.81
C PRO B 491 18.39 3.63 19.94
N ASP B 492 18.11 4.87 19.57
CA ASP B 492 17.86 5.89 20.58
C ASP B 492 16.52 5.73 21.32
N VAL B 493 15.58 4.94 20.82
CA VAL B 493 14.31 4.76 21.55
C VAL B 493 14.28 3.49 22.43
N MET B 494 15.42 2.83 22.55
CA MET B 494 15.54 1.63 23.38
C MET B 494 16.70 1.75 24.32
N ASP B 495 16.53 1.25 25.53
CA ASP B 495 17.64 1.14 26.46
C ASP B 495 18.16 -0.27 26.56
N SER B 496 17.42 -1.21 25.98
CA SER B 496 17.83 -2.61 25.91
C SER B 496 17.10 -3.28 24.74
N ALA B 497 17.73 -4.24 24.08
CA ALA B 497 17.09 -4.94 22.99
C ALA B 497 17.24 -6.45 23.20
N LEU B 498 16.16 -7.20 23.04
CA LEU B 498 16.14 -8.66 23.14
C LEU B 498 15.56 -9.26 21.87
N ILE B 499 16.39 -10.00 21.17
CA ILE B 499 16.11 -10.45 19.84
C ILE B 499 16.10 -11.94 19.89
N GLY B 500 14.90 -12.54 19.82
CA GLY B 500 14.73 -13.96 20.01
C GLY B 500 14.55 -14.70 18.70
N TYR B 501 15.25 -15.82 18.56
CA TYR B 501 15.16 -16.78 17.43
C TYR B 501 14.78 -16.10 16.14
N PRO B 502 15.64 -15.20 15.67
CA PRO B 502 15.22 -14.21 14.67
C PRO B 502 15.41 -14.56 13.21
N VAL B 503 14.60 -13.89 12.41
CA VAL B 503 14.80 -13.71 10.99
C VAL B 503 15.50 -12.37 10.83
N ILE B 504 16.60 -12.36 10.10
CA ILE B 504 17.45 -11.19 10.03
C ILE B 504 17.97 -10.99 8.63
N ASP B 505 18.50 -12.05 8.01
CA ASP B 505 19.08 -11.93 6.68
C ASP B 505 17.98 -11.98 5.63
N MET B 506 17.52 -10.80 5.22
CA MET B 506 16.36 -10.77 4.34
C MET B 506 16.72 -11.09 2.91
N LEU B 507 18.00 -11.24 2.59
CA LEU B 507 18.36 -11.76 1.28
C LEU B 507 18.58 -13.25 1.19
N ARG B 508 18.59 -13.97 2.30
CA ARG B 508 18.77 -15.41 2.22
C ARG B 508 17.79 -16.23 3.05
N PHE B 509 16.83 -15.57 3.68
CA PHE B 509 15.91 -16.28 4.56
C PHE B 509 15.25 -17.48 3.87
N HIS B 510 14.99 -17.35 2.56
CA HIS B 510 14.30 -18.38 1.78
C HIS B 510 15.22 -19.54 1.42
N LYS B 511 16.52 -19.41 1.72
CA LYS B 511 17.44 -20.49 1.44
C LYS B 511 17.74 -21.35 2.64
N LEU B 512 17.14 -21.04 3.79
CA LEU B 512 17.47 -21.72 5.02
C LEU B 512 16.23 -22.39 5.63
N TYR B 513 16.31 -23.72 5.77
CA TYR B 513 15.24 -24.53 6.38
C TYR B 513 13.94 -24.27 5.63
N ILE B 514 12.88 -23.88 6.34
CA ILE B 514 11.55 -23.67 5.73
C ILE B 514 11.30 -22.23 5.27
N GLY B 515 12.32 -21.38 5.31
CA GLY B 515 12.08 -19.95 5.13
C GLY B 515 11.37 -19.53 3.85
N SER B 516 11.37 -20.37 2.82
CA SER B 516 10.71 -20.01 1.56
C SER B 516 9.20 -19.84 1.72
N VAL B 517 8.67 -20.46 2.77
CA VAL B 517 7.25 -20.36 3.09
C VAL B 517 6.82 -18.96 3.50
N TRP B 518 7.80 -18.14 3.86
CA TRP B 518 7.58 -16.76 4.26
C TRP B 518 7.62 -15.77 3.11
N ILE B 519 7.90 -16.28 1.92
CA ILE B 519 8.05 -15.42 0.76
C ILE B 519 6.80 -14.57 0.51
N PRO B 520 5.58 -15.14 0.64
CA PRO B 520 4.40 -14.29 0.39
C PRO B 520 4.29 -13.15 1.40
N GLU B 521 4.89 -13.33 2.56
CA GLU B 521 4.80 -12.30 3.60
C GLU B 521 5.89 -11.22 3.43
N TYR B 522 7.11 -11.66 3.19
CA TYR B 522 8.25 -10.77 3.20
C TYR B 522 8.56 -10.25 1.83
N GLY B 523 8.22 -11.04 0.81
CA GLY B 523 8.69 -10.78 -0.54
C GLY B 523 9.74 -11.79 -0.99
N ASN B 524 10.15 -11.65 -2.24
CA ASN B 524 11.05 -12.61 -2.90
C ASN B 524 12.45 -12.03 -3.14
N PRO B 525 13.48 -12.47 -2.39
CA PRO B 525 14.84 -11.94 -2.59
C PRO B 525 15.43 -12.18 -3.98
N GLU B 526 14.84 -13.09 -4.75
CA GLU B 526 15.38 -13.36 -6.08
C GLU B 526 14.99 -12.26 -7.04
N ASP B 527 14.01 -11.44 -6.63
CA ASP B 527 13.46 -10.34 -7.47
C ASP B 527 14.06 -8.97 -7.09
N PRO B 528 14.72 -8.28 -8.06
CA PRO B 528 15.34 -6.98 -7.77
C PRO B 528 14.39 -5.94 -7.20
N LYS B 529 13.13 -6.03 -7.62
CA LYS B 529 12.06 -5.12 -7.19
C LYS B 529 11.69 -5.35 -5.73
N ASP B 530 11.68 -6.62 -5.32
CA ASP B 530 11.43 -6.91 -3.91
C ASP B 530 12.68 -6.59 -3.08
N ARG B 531 13.85 -6.74 -3.69
CA ARG B 531 15.08 -6.39 -2.98
C ARG B 531 15.08 -4.91 -2.63
N GLU B 532 14.33 -4.10 -3.41
CA GLU B 532 14.28 -2.68 -3.13
C GLU B 532 13.87 -2.40 -1.69
N PHE B 533 12.84 -3.10 -1.21
CA PHE B 533 12.44 -2.88 0.19
C PHE B 533 13.13 -3.85 1.14
N LEU B 534 13.48 -5.04 0.67
CA LEU B 534 14.19 -5.98 1.57
C LEU B 534 15.52 -5.41 2.01
N LEU B 535 16.29 -4.87 1.07
CA LEU B 535 17.60 -4.31 1.43
C LEU B 535 17.47 -3.02 2.24
N LYS B 536 16.39 -2.27 2.01
CA LYS B 536 16.21 -1.02 2.69
C LYS B 536 16.08 -1.20 4.19
N TYR B 537 15.46 -2.30 4.63
CA TYR B 537 15.31 -2.52 6.07
C TYR B 537 16.10 -3.71 6.63
N SER B 538 16.58 -4.60 5.77
CA SER B 538 17.27 -5.84 6.23
C SER B 538 18.31 -5.51 7.32
N PRO B 539 18.11 -6.01 8.55
CA PRO B 539 19.02 -5.58 9.63
C PRO B 539 20.46 -5.98 9.34
N TYR B 540 20.60 -7.11 8.68
CA TYR B 540 21.91 -7.65 8.31
C TYR B 540 22.69 -6.71 7.40
N HIS B 541 21.97 -5.90 6.63
CA HIS B 541 22.59 -4.92 5.70
C HIS B 541 22.57 -3.48 6.19
N ASN B 542 22.08 -3.25 7.42
CA ASN B 542 21.85 -1.91 7.91
C ASN B 542 22.46 -1.64 9.29
N VAL B 543 23.53 -2.35 9.66
CA VAL B 543 24.23 -2.00 10.90
C VAL B 543 25.01 -0.70 10.65
N ASP B 544 24.78 0.32 11.48
CA ASP B 544 25.40 1.64 11.27
C ASP B 544 26.43 1.92 12.35
N PRO B 545 27.72 1.99 11.94
CA PRO B 545 28.80 2.30 12.89
C PRO B 545 28.71 3.70 13.50
N LYS B 546 27.88 4.57 12.93
CA LYS B 546 27.71 5.96 13.45
C LYS B 546 26.85 6.04 14.75
N LYS B 547 26.12 5.01 14.99
CA LYS B 547 25.10 5.07 16.03
C LYS B 547 25.57 4.46 17.30
N LYS B 548 25.02 4.93 18.42
CA LYS B 548 25.28 4.25 19.67
C LYS B 548 24.18 3.25 19.95
N TYR B 549 24.58 2.01 20.21
CA TYR B 549 23.59 0.97 20.42
C TYR B 549 23.46 0.58 21.87
N PRO B 550 22.25 0.28 22.32
CA PRO B 550 22.11 -0.21 23.71
C PRO B 550 22.59 -1.66 23.84
N PRO B 551 22.75 -2.14 25.10
CA PRO B 551 23.01 -3.56 25.34
C PRO B 551 21.94 -4.36 24.62
N THR B 552 22.39 -5.34 23.85
CA THR B 552 21.54 -6.12 22.98
C THR B 552 21.81 -7.61 23.20
N LEU B 553 20.74 -8.39 23.36
CA LEU B 553 20.84 -9.83 23.50
C LEU B 553 20.18 -10.48 22.29
N ILE B 554 20.98 -11.25 21.55
CA ILE B 554 20.45 -12.15 20.52
C ILE B 554 20.39 -13.56 21.10
N TYR B 555 19.22 -14.20 21.11
CA TYR B 555 19.16 -15.54 21.67
C TYR B 555 18.45 -16.47 20.70
N THR B 556 18.93 -17.71 20.65
CA THR B 556 18.40 -18.70 19.71
C THR B 556 18.71 -20.10 20.23
N GLY B 557 18.44 -21.14 19.41
CA GLY B 557 18.71 -22.52 19.77
C GLY B 557 19.38 -23.27 18.63
N LEU B 558 20.48 -23.95 18.96
CA LEU B 558 21.29 -24.63 17.95
C LEU B 558 20.48 -25.61 17.13
N HIS B 559 19.44 -26.21 17.74
CA HIS B 559 18.69 -27.24 17.03
C HIS B 559 17.28 -26.83 16.63
N ASP B 560 17.03 -25.53 16.53
CA ASP B 560 15.76 -25.08 15.94
C ASP B 560 15.69 -25.52 14.46
N ASP B 561 14.55 -26.05 14.02
CA ASP B 561 14.45 -26.54 12.64
C ASP B 561 13.45 -25.71 11.82
N ARG B 562 12.98 -24.59 12.39
CA ARG B 562 12.11 -23.64 11.68
C ARG B 562 12.89 -22.38 11.34
N VAL B 563 13.47 -21.74 12.35
CA VAL B 563 14.20 -20.50 12.14
C VAL B 563 15.67 -20.81 12.28
N HIS B 564 16.38 -20.80 11.16
CA HIS B 564 17.77 -21.18 11.14
C HIS B 564 18.59 -20.26 12.01
N PRO B 565 19.32 -20.82 12.99
CA PRO B 565 20.10 -19.98 13.91
C PRO B 565 21.11 -19.09 13.23
N ALA B 566 21.44 -19.41 11.98
CA ALA B 566 22.41 -18.60 11.28
C ALA B 566 22.04 -17.12 11.19
N HIS B 567 20.74 -16.78 11.11
CA HIS B 567 20.28 -15.38 11.11
C HIS B 567 20.88 -14.71 12.37
N ALA B 568 20.70 -15.35 13.54
CA ALA B 568 21.17 -14.76 14.80
C ALA B 568 22.69 -14.63 14.81
N LEU B 569 23.39 -15.64 14.31
CA LEU B 569 24.84 -15.63 14.35
C LEU B 569 25.41 -14.53 13.49
N LYS B 570 24.87 -14.40 12.30
CA LYS B 570 25.39 -13.42 11.38
C LYS B 570 25.15 -11.98 11.84
N PHE B 571 24.01 -11.71 12.44
CA PHE B 571 23.71 -10.38 12.94
C PHE B 571 24.60 -10.05 14.12
N PHE B 572 24.76 -11.03 15.00
CA PHE B 572 25.71 -10.92 16.11
C PHE B 572 27.14 -10.53 15.64
N MET B 573 27.63 -11.21 14.60
CA MET B 573 28.94 -10.92 14.07
C MET B 573 28.95 -9.52 13.49
N LYS B 574 27.87 -9.12 12.81
CA LYS B 574 27.81 -7.74 12.28
C LYS B 574 27.83 -6.66 13.37
N LEU B 575 27.12 -6.89 14.47
CA LEU B 575 27.20 -5.96 15.57
C LEU B 575 28.53 -6.01 16.33
N LYS B 576 29.14 -7.18 16.44
CA LYS B 576 30.44 -7.25 17.11
C LYS B 576 31.49 -6.44 16.28
N GLU B 577 31.32 -6.40 14.95
CA GLU B 577 32.26 -5.64 14.08
C GLU B 577 32.33 -4.17 14.40
N ILE B 578 31.24 -3.61 14.91
CA ILE B 578 31.26 -2.19 15.24
C ILE B 578 31.35 -2.00 16.74
N GLY B 579 31.65 -3.07 17.45
CA GLY B 579 31.85 -2.96 18.89
C GLY B 579 30.59 -2.60 19.67
N ALA B 580 29.43 -2.97 19.13
CA ALA B 580 28.19 -2.81 19.90
C ALA B 580 28.22 -3.72 21.16
N PRO B 581 27.54 -3.32 22.26
CA PRO B 581 27.45 -4.17 23.45
C PRO B 581 26.44 -5.27 23.25
N VAL B 582 26.82 -6.22 22.40
CA VAL B 582 25.93 -7.28 21.97
C VAL B 582 26.33 -8.59 22.63
N TYR B 583 25.32 -9.36 22.99
CA TYR B 583 25.50 -10.70 23.56
C TYR B 583 24.77 -11.77 22.71
N LEU B 584 25.22 -13.01 22.83
CA LEU B 584 24.65 -14.13 22.08
C LEU B 584 24.42 -15.27 23.02
N ARG B 585 23.16 -15.72 23.12
CA ARG B 585 22.80 -16.89 23.92
C ARG B 585 22.29 -17.96 22.99
N VAL B 586 22.97 -19.08 22.91
CA VAL B 586 22.49 -20.17 22.03
C VAL B 586 22.16 -21.35 22.90
N GLU B 587 20.90 -21.72 22.92
CA GLU B 587 20.47 -22.90 23.62
C GLU B 587 21.06 -24.12 22.92
N THR B 588 21.80 -24.97 23.64
CA THR B 588 22.48 -26.10 22.98
C THR B 588 21.67 -27.38 23.15
N LYS B 589 20.57 -27.33 23.89
CA LYS B 589 19.84 -28.55 24.16
C LYS B 589 19.43 -29.30 22.89
N SER B 590 19.56 -30.62 22.91
CA SER B 590 19.25 -31.46 21.76
C SER B 590 17.82 -31.90 22.00
N GLY B 591 17.06 -32.19 20.96
CA GLY B 591 15.71 -32.64 21.22
C GLY B 591 14.77 -31.46 21.21
N HIS B 592 13.57 -31.63 21.74
CA HIS B 592 12.59 -30.57 21.62
C HIS B 592 12.60 -29.74 22.87
N MET B 593 12.18 -28.49 22.80
CA MET B 593 12.29 -27.63 23.99
C MET B 593 11.09 -27.84 24.90
N GLY B 594 10.05 -28.39 24.29
CA GLY B 594 8.77 -28.70 24.91
C GLY B 594 8.85 -29.69 26.03
N ALA B 595 9.93 -30.48 26.05
CA ALA B 595 10.05 -31.57 27.02
C ALA B 595 11.19 -31.40 27.98
N SER B 596 11.67 -30.16 28.06
CA SER B 596 12.60 -29.78 29.11
C SER B 596 12.10 -28.43 29.66
N PRO B 597 11.07 -28.46 30.49
CA PRO B 597 10.50 -27.23 31.02
C PRO B 597 11.54 -26.43 31.81
N GLU B 598 12.47 -27.12 32.50
CA GLU B 598 13.50 -26.43 33.32
C GLU B 598 14.41 -25.62 32.39
N THR B 599 14.71 -26.19 31.23
CA THR B 599 15.61 -25.54 30.28
C THR B 599 14.93 -24.28 29.72
N ARG B 600 13.63 -24.34 29.40
CA ARG B 600 12.89 -23.21 28.88
C ARG B 600 12.72 -22.14 29.97
N ALA B 601 12.43 -22.60 31.18
CA ALA B 601 12.32 -21.70 32.30
C ALA B 601 13.67 -21.00 32.55
N ARG B 602 14.79 -21.71 32.39
CA ARG B 602 16.10 -21.07 32.54
C ARG B 602 16.32 -20.00 31.47
N GLU B 603 15.94 -20.32 30.23
CA GLU B 603 16.06 -19.36 29.11
C GLU B 603 15.35 -18.04 29.40
N LEU B 604 14.09 -18.16 29.83
CA LEU B 604 13.22 -17.04 30.14
C LEU B 604 13.70 -16.27 31.37
N THR B 605 14.28 -16.97 32.33
CA THR B 605 14.90 -16.30 33.49
C THR B 605 16.12 -15.44 33.06
N ASP B 606 16.90 -15.97 32.13
CA ASP B 606 18.01 -15.18 31.61
C ASP B 606 17.53 -13.91 30.91
N LEU B 607 16.39 -13.96 30.20
CA LEU B 607 15.86 -12.74 29.55
C LEU B 607 15.45 -11.69 30.59
N LEU B 608 14.74 -12.12 31.62
CA LEU B 608 14.39 -11.27 32.74
C LEU B 608 15.64 -10.67 33.39
N ALA B 609 16.66 -11.50 33.63
CA ALA B 609 17.86 -11.02 34.28
C ALA B 609 18.53 -9.96 33.39
N PHE B 610 18.56 -10.21 32.09
CA PHE B 610 19.12 -9.25 31.16
C PHE B 610 18.35 -7.92 31.18
N VAL B 611 17.02 -7.98 31.27
CA VAL B 611 16.22 -6.75 31.31
C VAL B 611 16.50 -5.98 32.60
N LEU B 612 16.49 -6.68 33.74
CA LEU B 612 16.68 -5.98 35.01
C LEU B 612 18.06 -5.35 35.09
N LYS B 613 19.07 -6.06 34.60
CA LYS B 613 20.43 -5.53 34.68
C LYS B 613 20.69 -4.40 33.68
N THR B 614 20.24 -4.57 32.44
CA THR B 614 20.61 -3.57 31.42
C THR B 614 19.76 -2.29 31.55
N LEU B 615 18.57 -2.36 32.18
CA LEU B 615 17.75 -1.17 32.42
C LEU B 615 18.08 -0.46 33.73
N SER B 616 19.08 -0.96 34.45
CA SER B 616 19.46 -0.34 35.72
C SER B 616 20.97 -0.02 35.76
CL CL C . 2.56 28.35 -10.57
CL CL D . -1.87 31.18 -12.52
C TRS E . 0.93 13.17 10.50
C1 TRS E . 0.64 13.78 9.14
C2 TRS E . 2.43 13.08 10.75
C3 TRS E . 0.27 11.80 10.61
N TRS E . 0.32 14.07 11.50
O1 TRS E . 1.09 15.14 9.15
O2 TRS E . 2.67 12.34 11.94
O3 TRS E . -1.12 11.94 10.45
H11 TRS E . -0.43 13.74 8.94
H12 TRS E . 1.16 13.22 8.36
H21 TRS E . 2.85 14.08 10.86
H22 TRS E . 2.92 12.60 9.91
H31 TRS E . 0.47 11.38 11.60
H32 TRS E . 0.67 11.13 9.86
HN1 TRS E . -0.69 14.20 11.39
HN2 TRS E . 0.83 14.94 11.64
HN3 TRS E . 0.41 13.58 12.38
HO1 TRS E . 0.92 15.55 8.28
HO2 TRS E . 3.64 12.28 12.10
HO3 TRS E . -1.55 11.06 10.52
C TRS F . -8.62 1.03 13.11
C1 TRS F . -7.35 1.07 13.99
C2 TRS F . -9.12 2.44 12.80
C3 TRS F . -9.72 0.22 13.79
N TRS F . -8.20 0.38 11.87
O1 TRS F . -6.22 1.36 13.18
O2 TRS F . -8.83 2.80 11.47
O3 TRS F . -10.93 0.17 13.03
H11 TRS F . -7.21 0.10 14.46
H12 TRS F . -7.46 1.82 14.76
H21 TRS F . -8.65 3.16 13.48
H22 TRS F . -10.19 2.49 12.97
H31 TRS F . -9.94 0.67 14.77
H32 TRS F . -9.37 -0.80 13.97
HN1 TRS F . -8.94 0.27 11.19
HN2 TRS F . -7.65 -0.47 12.01
HN3 TRS F . -7.55 1.02 11.44
HO1 TRS F . -5.43 1.39 13.74
HO2 TRS F . -9.16 3.70 11.29
HO3 TRS F . -11.60 -0.36 13.51
C TRS G . -18.19 15.08 5.64
C1 TRS G . -18.66 14.93 4.22
C2 TRS G . -16.78 15.62 5.60
C3 TRS G . -18.38 13.72 6.30
N TRS G . -19.03 16.06 6.34
O1 TRS G . -20.05 14.89 4.28
O2 TRS G . -16.89 16.85 4.90
O3 TRS G . -19.74 13.33 6.21
H11 TRS G . -18.26 14.01 3.77
H12 TRS G . -18.34 15.78 3.61
H21 TRS G . -16.13 14.94 5.06
H22 TRS G . -16.40 15.78 6.60
H31 TRS G . -18.08 13.78 7.35
H32 TRS G . -17.74 12.98 5.82
HN1 TRS G . -20.01 15.84 6.34
HN2 TRS G . -18.81 17.03 6.11
HN3 TRS G . -18.75 15.97 7.32
HO1 TRS G . -20.41 14.79 3.37
HO2 TRS G . -16.01 17.26 4.84
HO3 TRS G . -20.25 14.01 5.74
C TRS H . -10.43 24.06 -31.86
C1 TRS H . -10.34 22.67 -32.44
C2 TRS H . -10.65 25.12 -32.96
C3 TRS H . -9.12 24.32 -31.10
N TRS H . -11.53 24.08 -30.90
O1 TRS H . -11.18 22.54 -33.55
O2 TRS H . -11.99 25.20 -33.41
O3 TRS H . -8.88 23.26 -30.20
H11 TRS H . -10.62 21.93 -31.67
H12 TRS H . -9.31 22.46 -32.72
H21 TRS H . -10.00 24.88 -33.80
H22 TRS H . -10.34 26.10 -32.57
H31 TRS H . -9.19 25.26 -30.56
H32 TRS H . -8.30 24.39 -31.81
HN1 TRS H . -11.45 23.39 -30.16
HN2 TRS H . -12.45 24.14 -31.32
HN3 TRS H . -11.42 24.96 -30.41
HO1 TRS H . -11.10 21.62 -33.90
HO2 TRS H . -12.54 24.55 -32.94
HO3 TRS H . -8.04 23.43 -29.71
C TRS I . -0.02 30.18 -26.98
C1 TRS I . -1.29 29.36 -26.74
C2 TRS I . -0.06 31.40 -26.06
C3 TRS I . 0.07 30.60 -28.45
N TRS I . 1.21 29.42 -26.72
O1 TRS I . -2.41 30.18 -26.99
O2 TRS I . -0.74 31.16 -24.83
O3 TRS I . 0.19 29.46 -29.27
H11 TRS I . -1.31 29.01 -25.71
H12 TRS I . -1.30 28.49 -27.40
H21 TRS I . -0.57 32.22 -26.57
H22 TRS I . 0.95 31.72 -25.83
H31 TRS I . 0.94 31.24 -28.60
H32 TRS I . -0.82 31.15 -28.73
HN1 TRS I . 1.32 28.59 -27.30
HN2 TRS I . 1.39 29.25 -25.73
HN3 TRS I . 1.96 30.04 -27.02
HO1 TRS I . -3.24 29.67 -26.85
HO2 TRS I . -0.74 31.97 -24.29
HO3 TRS I . 0.18 28.65 -28.71
N PRO J . -3.44 19.71 -14.22
CA PRO J . -4.84 19.29 -14.39
C PRO J . -5.39 18.52 -13.26
O PRO J . -5.84 17.39 -13.47
CB PRO J . -4.87 18.50 -15.70
CG PRO J . -3.52 18.59 -16.32
CD PRO J . -2.65 19.29 -15.36
HA PRO J . -5.45 20.05 -14.40
HB2 PRO J . -5.54 18.88 -16.32
HB3 PRO J . -5.09 17.56 -15.53
HG2 PRO J . -3.16 17.68 -16.49
HG3 PRO J . -3.57 19.09 -17.16
HD2 PRO J . -1.92 18.70 -15.06
HD3 PRO J . -2.25 20.08 -15.81
N PRO K . -5.49 18.97 -11.84
CA PRO K . -5.10 20.21 -11.15
C PRO K . -4.13 21.10 -11.88
O PRO K . -4.57 21.91 -12.73
CB PRO K . -4.58 19.62 -9.87
CG PRO K . -5.50 18.47 -9.52
CD PRO K . -6.09 18.10 -10.87
OXT PRO K . -2.89 21.07 -11.65
HA PRO K . -5.85 20.83 -11.02
HB2 PRO K . -4.61 20.30 -9.16
HB3 PRO K . -3.65 19.30 -9.98
HG2 PRO K . -4.97 17.71 -9.17
HG3 PRO K . -6.18 18.74 -8.88
HD2 PRO K . -7.04 18.27 -10.85
HD3 PRO K . -5.90 17.16 -11.08
CL CL L . 11.04 -16.51 24.15
CL CL M . 12.56 -21.66 23.20
C TRS N . 10.53 1.12 -9.95
C1 TRS N . 11.79 1.65 -9.28
C2 TRS N . 10.67 -0.34 -10.28
C3 TRS N . 10.28 1.93 -11.23
N TRS N . 9.40 1.22 -9.06
O1 TRS N . 11.70 1.69 -7.86
O2 TRS N . 9.37 -0.91 -10.23
O3 TRS N . 11.43 1.88 -12.06
H11 TRS N . 12.00 2.66 -9.65
H12 TRS N . 12.63 1.01 -9.56
H21 TRS N . 11.32 -0.84 -9.55
H22 TRS N . 11.10 -0.47 -11.28
H31 TRS N . 10.06 2.97 -10.97
H32 TRS N . 9.43 1.52 -11.76
HN1 TRS N . 9.19 2.18 -8.76
HN2 TRS N . 9.42 0.56 -8.29
HN3 TRS N . 8.61 0.95 -9.61
HO1 TRS N . 12.54 2.04 -7.49
HO2 TRS N . 9.43 -1.87 -10.45
HO3 TRS N . 11.27 2.40 -12.87
C TRS O . 20.25 -14.38 -2.96
C1 TRS O . 18.77 -14.69 -2.97
C2 TRS O . 21.00 -14.97 -1.77
C3 TRS O . 20.43 -12.88 -3.06
N TRS O . 20.83 -14.97 -4.17
O1 TRS O . 18.20 -14.23 -4.18
O2 TRS O . 22.37 -15.07 -2.10
O3 TRS O . 20.40 -12.59 -4.44
H11 TRS O . 18.29 -14.19 -2.12
H12 TRS O . 18.61 -15.77 -2.86
H21 TRS O . 20.60 -15.95 -1.54
H22 TRS O . 20.87 -14.33 -0.90
H31 TRS O . 21.38 -12.58 -2.62
H32 TRS O . 19.62 -12.36 -2.55
HN1 TRS O . 20.40 -14.64 -5.03
HN2 TRS O . 20.96 -15.97 -4.12
HN3 TRS O . 21.77 -14.59 -4.20
HO1 TRS O . 18.90 -13.82 -4.73
HO2 TRS O . 22.87 -15.45 -1.35
HO3 TRS O . 20.52 -11.62 -4.58
C TRS P . -3.33 -37.64 18.27
C1 TRS P . -2.64 -36.33 17.92
C2 TRS P . -4.82 -37.64 17.92
C3 TRS P . -3.19 -38.00 19.74
N TRS P . -2.65 -38.77 17.65
O1 TRS P . -2.97 -35.37 18.90
O2 TRS P . -5.22 -36.58 17.09
O3 TRS P . -3.39 -39.39 19.77
H11 TRS P . -2.96 -35.99 16.94
H12 TRS P . -1.56 -36.47 17.89
H21 TRS P . -5.40 -37.61 18.84
H22 TRS P . -5.06 -38.58 17.42
H31 TRS P . -3.94 -37.48 20.33
H32 TRS P . -2.20 -37.73 20.11
HN1 TRS P . -1.67 -38.88 17.92
HN2 TRS P . -2.80 -38.84 16.65
HN3 TRS P . -3.10 -39.59 18.04
HO1 TRS P . -2.54 -34.52 18.68
HO2 TRS P . -6.17 -36.64 16.90
HO3 TRS P . -3.31 -39.72 20.69
C TRS Q . 5.57 11.49 33.62
C1 TRS Q . 5.16 10.02 33.57
C2 TRS Q . 6.95 11.83 33.07
C3 TRS Q . 5.55 12.03 35.05
N TRS Q . 4.58 12.19 32.78
O1 TRS Q . 5.42 9.36 34.79
O2 TRS Q . 7.94 11.58 34.06
O3 TRS Q . 5.89 13.40 35.05
H11 TRS Q . 5.69 9.52 32.76
H12 TRS Q . 4.09 9.94 33.34
H21 TRS Q . 6.98 12.89 32.79
H22 TRS Q . 7.15 11.23 32.18
H31 TRS Q . 6.25 11.47 35.66
H32 TRS Q . 4.55 11.89 35.48
HN1 TRS Q . 3.63 12.10 33.11
HN2 TRS Q . 4.70 12.02 31.79
HN3 TRS Q . 4.80 13.17 32.90
HO1 TRS Q . 5.15 8.41 34.72
HO2 TRS Q . 8.82 11.81 33.70
HO3 TRS Q . 5.87 13.74 35.97
C TRS R . -32.56 -6.80 19.22
C1 TRS R . -32.55 -6.28 20.64
C2 TRS R . -33.93 -7.34 18.89
C3 TRS R . -31.54 -7.89 18.99
N TRS R . -32.24 -5.73 18.27
O1 TRS R . -32.85 -7.34 21.51
O2 TRS R . -33.76 -8.05 17.68
O3 TRS R . -30.96 -7.57 17.75
H11 TRS R . -33.28 -5.48 20.76
H12 TRS R . -31.56 -5.88 20.88
H21 TRS R . -34.64 -6.51 18.75
H22 TRS R . -34.28 -8.00 19.67
H31 TRS R . -32.02 -8.88 18.96
H32 TRS R . -30.78 -7.89 19.77
HN1 TRS R . -31.31 -5.34 18.39
HN2 TRS R . -32.97 -5.03 18.18
HN3 TRS R . -32.22 -6.20 17.38
HO1 TRS R . -32.84 -7.02 22.44
HO2 TRS R . -34.61 -8.43 17.40
HO3 TRS R . -30.28 -8.24 17.51
C TRS S . 3.96 9.38 20.05
C1 TRS S . 5.19 8.53 19.84
C2 TRS S . 3.94 10.55 19.09
C3 TRS S . 4.02 9.85 21.51
N TRS S . 2.77 8.57 19.79
O1 TRS S . 5.21 8.10 18.51
O2 TRS S . 4.91 11.53 19.44
O3 TRS S . 3.74 11.24 21.63
H11 TRS S . 5.15 7.66 20.51
H12 TRS S . 6.08 9.10 20.06
H21 TRS S . 2.95 11.00 19.10
H22 TRS S . 4.13 10.19 18.09
H31 TRS S . 5.01 9.64 21.90
H32 TRS S . 3.30 9.29 22.10
HN1 TRS S . 2.71 7.73 20.35
HN2 TRS S . 2.59 8.42 18.81
HN3 TRS S . 1.99 9.14 20.10
HO1 TRS S . 6.01 7.54 18.36
HO2 TRS S . 5.39 11.24 20.24
HO3 TRS S . 3.79 11.50 22.57
N PRO T . 4.51 -18.58 13.20
CA PRO T . 4.98 -19.05 11.91
C PRO T . 5.98 -18.28 11.14
O PRO T . 5.72 -18.18 9.95
CB PRO T . 3.66 -19.00 11.14
CG PRO T . 2.70 -19.59 12.11
CD PRO T . 3.43 -19.53 13.40
HA PRO T . 5.40 -19.93 11.94
HB2 PRO T . 3.70 -19.55 10.32
HB3 PRO T . 3.41 -18.08 10.93
HG2 PRO T . 1.88 -19.06 12.16
HG3 PRO T . 2.50 -20.52 11.87
HD2 PRO T . 2.83 -19.23 14.13
HD3 PRO T . 3.79 -20.42 13.62
N PRO U . 7.24 -17.65 11.57
CA PRO U . 7.93 -17.50 12.85
C PRO U . 7.26 -17.98 14.08
O PRO U . 6.97 -19.19 14.19
CB PRO U . 8.08 -16.01 12.79
CG PRO U . 8.12 -15.58 11.33
CD PRO U . 8.09 -16.94 10.66
OXT PRO U . 7.00 -17.18 15.03
HA PRO U . 8.79 -17.97 12.89
HB2 PRO U . 8.91 -15.74 13.23
HB3 PRO U . 7.31 -15.58 13.24
HG2 PRO U . 7.32 -15.06 11.09
HG3 PRO U . 8.95 -15.11 11.13
HD2 PRO U . 8.97 -17.34 10.62
HD3 PRO U . 7.68 -16.88 9.77
#